data_6OXL
#
_entry.id   6OXL
#
_cell.length_a   1.00
_cell.length_b   1.00
_cell.length_c   1.00
_cell.angle_alpha   90.00
_cell.angle_beta   90.00
_cell.angle_gamma   90.00
#
_symmetry.space_group_name_H-M   'P 1'
#
loop_
_entity.id
_entity.type
_entity.pdbx_description
1 polymer 'AP-2 complex subunit alpha-2'
2 polymer 'AP-2 complex subunit beta'
3 polymer 'AP-2 complex subunit mu'
4 polymer 'AP-2 complex subunit sigma'
5 polymer 'Adaptin ear-binding coat-associated protein 2'
6 polymer 'Unknown region of Adaptin ear-binding coat-associated protein 2 Ex-domain'
#
loop_
_entity_poly.entity_id
_entity_poly.type
_entity_poly.pdbx_seq_one_letter_code
_entity_poly.pdbx_strand_id
1 'polypeptide(L)'
;MPAVSKGEGMRGLAVFISDIRNCKSKEAEIKRINKELANIRSKFKGDKALDGYSKKKYVCKLLFIFLLGHDIDFGHMEAV
NLLSSNRYTEKQIGYLFISVLVNSNSELIRLINNAIKNDLASRNPTFMGLALHCIANVGSREMAEAFAGEIPKILVAGDT
MDSVKQSAALCLLRLYRTSPDLVPMGDWTSRVVHLLNDQHLGVVTAATSLITTLAQKNPEEFKTSVSLAVSRLSRIVTSA
STDLQDYTYYFVPAPWLSVKLLRLLQCYPPPEDPAVRGRLTECLETILNKAQEPPKSKKVQHSNAKNAVLFEAISLIIHH
DSEPNLLVRACNQLGQFLQHRETNLRYLALESMCTLASSEFSHEAVKTHIETVINALKTERDVSVRQRAVDLLYAMCDRS
NAQQIVAEMLSYLETADYSIREEIVLKVAILAEKYAVDYTWYVDTILNLIRIAGDYVSEEVWYRVIQIVINRDDVQGYAA
KTVFEALQAPACHENLVKVGGYILGEFGNLIAGDPRSSPLIQFNLLHSKFHLCSVPTRALLLSTYIKFVNLFPEVKATIQ
DVLRSDSQLKNADVELQQRAVEYLRLSTVASTDILATVLEEMPPFPERESSILAKLKKKKG
;
A
2 'polypeptide(L)'
;MTDSKYFTTNKKGEIFELKAELNNEKKEKRKEAVKKVIAAMTVGKDVSSLFPDVVNCMQTDNLELKKLVYLYLMNYAKSQ
PDMAIMAVNSFVKDCEDPNPLIRALAVRTMGCIRVDKITEYLCEPLRKCLKDEDPYVRKTAAVCVAKLHDINAQMVEDQG
FLDSLRDLIADSNPMVVANAVAALSEISESHPNSNLLDLNPQNINKLLTALNECTEWGQIFILDCLSNYNPKDDREAQSI
CERVTPRLSHANSAVVLSAVKVLMKFLELLPKDSDYYNMLLKKLAPPLVTLLSGEPEVQYVALRNINLIVQKRPEILKQE
IKVFFVKYNDPIYVKLEKLDIMIRLASQANIAQVLAELKEYATEVDVDFVRKAVRAIGRCAIKVEQSAERCVSTLLDLIQ
TKVNYVVQEAIVVIRDIFRKYPNKYESIIATLCENLDSLDEPDARAAMIWIVGEYAERIDNADELLESFLEGFHDESTQV
QLTLLTAIVKLFLKKPSETQELVQQVLSLATQDSDNPDLRDRGYIYWRLLSTDPVTAKEVVLSEKPLISEETDLIEPTLL
DELICHIGSLASVYHKPPNAFVEGSHGIHRK
;
B
3 'polypeptide(L)'
;MIGGLFIYNHKGEVLISRVYRDDIGRNAVDAFRVNVIHARQQVRSPVTNIARTSFFHVKRSNIWLAAVTKQNVNAAMVFE
FLYKMCDVMAAYFGKISEENIKNNFVLIYELLDEILDFGYPQNSETGALKTFITQQGIKSQHQTKEEQSQITSQV(TPO)
GQIGWRREGIKYRRNELFLDVLESVNLLMSPQGQVLSAHVSGRVVMKSYLSGMPECKFGMNDKIVIEKQGKGTADETSKS
GKQSIAIDDCTFHQCVRLSKFDSERSISFIPPDGEFELMRYRTTKDIILPFRVIPLVREVGRTKLKVKVVIKSNFKPSLL
AQKIEVRIPTPLNTSGVQVICMKGKAKYKASENAIVWKIKRMAGMKESQISAEIELLPTNDKKKWARPPISMNFEVPFAP
SGLKVRYLKVFEPKLNYSDHDVIKWVRYIGRSGIYETRC
;
M
4 'polypeptide(L)'
;MIRFILIQNRAGKTRLAKWYMQFDDDEKQKLIEEVHAVVTVRDAKHTNFVEFRNFKIIYRRYAGLYFCICVDVNDNNLAY
LEAIHNFVEVLNEYFHNVCELDLVFNFYKVYTVVDEMFLAGEIRETSQTKVLKQLLMLQSLE
;
S
5 'polypeptide(L)'
;MEESEYESVLCVKPEVHVYRIPPRATNRGYRASEWQLDQPSWSGRLRITAKGKVAYIKLEDRTSGELFAQAPVDQFPGTA
VESVTDSSRYFVIRIEDGNGRRAFIGLGFGDRGDAFDFNVALQDHFKWVKQQCEFAKQAQNPDEGPKLDLGFKDGQTIKI
NIANMRKKEGAAGTPRARPTSAGGLSLLPPPPGGKSSTVIPPSGEQLSVGGSLVQPAVVSGSGGATELWPQSKPAAAATA
DIWGDFTKSTGSPSSQSQPGTGWVQF
;
N
6 'polypeptide(L)' (UNK)(UNK)(UNK)(UNK)(UNK)(UNK)(UNK) n
#
# COMPACT_ATOMS: atom_id res chain seq x y z
N MET A 10 -9.09 43.44 20.00
CA MET A 10 -9.62 43.42 18.65
C MET A 10 -10.73 42.38 18.47
N ARG A 11 -11.97 42.86 18.56
CA ARG A 11 -13.15 42.00 18.44
C ARG A 11 -13.63 41.85 17.01
N GLY A 12 -13.01 42.55 16.05
CA GLY A 12 -13.35 42.35 14.66
C GLY A 12 -12.85 41.03 14.11
N LEU A 13 -11.89 40.42 14.79
CA LEU A 13 -11.36 39.14 14.33
C LEU A 13 -12.29 37.99 14.72
N ALA A 14 -12.88 38.06 15.91
CA ALA A 14 -13.68 36.96 16.40
C ALA A 14 -15.00 36.86 15.65
N VAL A 15 -15.46 37.97 15.07
CA VAL A 15 -16.64 37.92 14.21
C VAL A 15 -16.30 37.24 12.89
N PHE A 16 -15.06 37.44 12.42
CA PHE A 16 -14.63 36.84 11.16
C PHE A 16 -14.45 35.33 11.29
N ILE A 17 -13.76 34.89 12.34
CA ILE A 17 -13.41 33.47 12.45
C ILE A 17 -14.65 32.64 12.77
N SER A 18 -15.59 33.23 13.51
CA SER A 18 -16.86 32.56 13.75
C SER A 18 -17.66 32.40 12.47
N ASP A 19 -17.49 33.33 11.52
CA ASP A 19 -18.16 33.20 10.24
C ASP A 19 -17.49 32.16 9.36
N ILE A 20 -16.18 31.99 9.50
CA ILE A 20 -15.46 31.00 8.70
C ILE A 20 -15.74 29.60 9.21
N ARG A 21 -15.70 29.41 10.53
CA ARG A 21 -15.79 28.05 11.06
C ARG A 21 -17.22 27.52 11.01
N ASN A 22 -18.21 28.41 11.08
CA ASN A 22 -19.60 28.02 10.96
C ASN A 22 -20.11 28.04 9.52
N CYS A 23 -19.23 27.88 8.54
CA CYS A 23 -19.67 27.70 7.15
C CYS A 23 -20.26 26.32 6.97
N LYS A 24 -21.20 26.21 6.03
CA LYS A 24 -21.84 24.93 5.76
C LYS A 24 -20.94 23.99 4.98
N SER A 25 -19.94 24.50 4.27
CA SER A 25 -19.15 23.67 3.39
C SER A 25 -17.75 24.26 3.27
N LYS A 26 -16.94 23.64 2.40
CA LYS A 26 -15.64 24.22 2.07
C LYS A 26 -15.77 25.32 1.04
N GLU A 27 -16.72 25.17 0.11
CA GLU A 27 -16.92 26.19 -0.92
C GLU A 27 -17.55 27.44 -0.32
N ALA A 28 -18.30 27.29 0.77
CA ALA A 28 -18.86 28.47 1.43
C ALA A 28 -17.79 29.22 2.22
N GLU A 29 -16.67 28.56 2.51
CA GLU A 29 -15.55 29.28 3.12
C GLU A 29 -14.85 30.15 2.09
N ILE A 30 -14.54 29.59 0.92
CA ILE A 30 -13.76 30.30 -0.08
C ILE A 30 -14.57 31.43 -0.70
N LYS A 31 -15.90 31.33 -0.67
CA LYS A 31 -16.72 32.47 -1.03
C LYS A 31 -16.65 33.56 0.04
N ARG A 32 -16.43 33.19 1.30
CA ARG A 32 -16.33 34.20 2.34
C ARG A 32 -14.90 34.67 2.53
N ILE A 33 -13.91 33.78 2.29
CA ILE A 33 -12.51 34.19 2.32
C ILE A 33 -12.24 35.23 1.24
N ASN A 34 -12.61 34.95 -0.01
CA ASN A 34 -12.29 35.87 -1.08
C ASN A 34 -13.19 37.09 -1.08
N LYS A 35 -14.28 37.04 -0.31
CA LYS A 35 -15.05 38.25 -0.05
C LYS A 35 -14.31 39.14 0.95
N GLU A 36 -13.63 38.53 1.91
CA GLU A 36 -12.91 39.36 2.89
C GLU A 36 -11.62 39.90 2.30
N LEU A 37 -10.98 39.14 1.41
CA LEU A 37 -9.79 39.64 0.73
C LEU A 37 -10.13 40.76 -0.24
N ALA A 38 -11.35 40.77 -0.77
CA ALA A 38 -11.77 41.90 -1.60
C ALA A 38 -12.04 43.12 -0.73
N ASN A 39 -12.36 42.91 0.55
CA ASN A 39 -12.53 44.03 1.46
C ASN A 39 -11.18 44.59 1.90
N ILE A 40 -10.23 43.70 2.21
CA ILE A 40 -8.94 44.14 2.74
C ILE A 40 -8.13 44.84 1.67
N ARG A 41 -8.20 44.32 0.43
CA ARG A 41 -7.51 44.98 -0.69
C ARG A 41 -8.13 46.33 -1.00
N SER A 42 -9.44 46.47 -0.82
CA SER A 42 -10.08 47.75 -1.12
C SER A 42 -9.78 48.79 -0.06
N LYS A 43 -9.43 48.38 1.15
CA LYS A 43 -9.07 49.35 2.17
C LYS A 43 -7.63 49.82 2.00
N PHE A 44 -6.72 48.92 1.66
CA PHE A 44 -5.31 49.28 1.56
C PHE A 44 -5.05 50.07 0.28
N LYS A 45 -5.40 49.48 -0.86
CA LYS A 45 -5.16 50.12 -2.15
C LYS A 45 -6.07 51.33 -2.34
N GLY A 46 -7.27 51.29 -1.76
CA GLY A 46 -8.15 52.45 -1.77
C GLY A 46 -7.59 53.62 -0.99
N ASP A 47 -6.88 53.34 0.10
CA ASP A 47 -6.03 54.28 0.83
C ASP A 47 -6.85 55.45 1.40
N LYS A 48 -7.80 55.10 2.25
CA LYS A 48 -8.35 56.02 3.24
C LYS A 48 -7.58 55.66 4.51
N ALA A 49 -7.06 56.69 5.19
CA ALA A 49 -6.08 56.56 6.26
C ALA A 49 -6.55 55.68 7.42
N LEU A 50 -5.93 54.53 7.59
CA LEU A 50 -6.33 53.57 8.61
C LEU A 50 -5.62 53.87 9.92
N ASP A 51 -6.42 54.17 10.93
CA ASP A 51 -5.94 54.80 12.16
C ASP A 51 -5.35 53.75 13.11
N GLY A 52 -4.17 53.25 12.73
CA GLY A 52 -3.46 52.35 13.61
C GLY A 52 -4.10 50.99 13.74
N TYR A 53 -4.77 50.77 14.88
CA TYR A 53 -5.30 49.46 15.27
C TYR A 53 -6.33 48.91 14.29
N SER A 54 -6.95 49.75 13.46
CA SER A 54 -7.84 49.23 12.43
C SER A 54 -7.03 48.57 11.31
N LYS A 55 -5.79 49.00 11.12
CA LYS A 55 -4.91 48.28 10.21
C LYS A 55 -4.40 47.01 10.86
N LYS A 56 -4.35 46.98 12.20
CA LYS A 56 -3.83 45.82 12.90
C LYS A 56 -4.78 44.63 12.76
N LYS A 57 -6.09 44.89 12.78
CA LYS A 57 -7.01 43.79 12.56
C LYS A 57 -7.15 43.44 11.10
N TYR A 58 -6.78 44.33 10.18
CA TYR A 58 -6.82 43.97 8.77
C TYR A 58 -5.64 43.11 8.38
N VAL A 59 -4.47 43.37 8.97
CA VAL A 59 -3.32 42.50 8.71
C VAL A 59 -3.52 41.17 9.40
N CYS A 60 -4.18 41.17 10.55
CA CYS A 60 -4.39 39.94 11.30
C CYS A 60 -5.43 39.06 10.61
N LYS A 61 -6.35 39.67 9.87
CA LYS A 61 -7.25 38.86 9.06
C LYS A 61 -6.53 38.27 7.86
N LEU A 62 -5.55 38.98 7.33
CA LEU A 62 -4.71 38.43 6.27
C LEU A 62 -3.91 37.26 6.79
N LEU A 63 -3.48 37.33 8.04
CA LEU A 63 -2.64 36.28 8.61
C LEU A 63 -3.48 35.04 8.92
N PHE A 64 -4.75 35.22 9.27
CA PHE A 64 -5.60 34.07 9.52
C PHE A 64 -5.96 33.38 8.23
N ILE A 65 -6.17 34.16 7.16
CA ILE A 65 -6.50 33.61 5.87
C ILE A 65 -5.33 32.84 5.29
N PHE A 66 -4.11 33.30 5.56
CA PHE A 66 -2.92 32.56 5.13
C PHE A 66 -2.77 31.26 5.90
N LEU A 67 -3.21 31.23 7.15
CA LEU A 67 -3.06 30.01 7.94
C LEU A 67 -4.15 29.00 7.65
N LEU A 68 -5.21 29.40 6.96
CA LEU A 68 -6.17 28.42 6.48
C LEU A 68 -5.71 27.70 5.23
N GLY A 69 -4.59 28.11 4.65
CA GLY A 69 -4.08 27.50 3.45
C GLY A 69 -4.22 28.32 2.20
N HIS A 70 -4.93 29.43 2.25
CA HIS A 70 -5.17 30.25 1.08
C HIS A 70 -3.92 31.05 0.73
N ASP A 71 -3.99 31.77 -0.38
CA ASP A 71 -2.85 32.51 -0.90
C ASP A 71 -3.04 33.98 -0.55
N ILE A 72 -1.98 34.61 -0.06
CA ILE A 72 -1.95 36.05 0.16
C ILE A 72 -0.81 36.63 -0.68
N ASP A 73 -1.14 37.60 -1.51
CA ASP A 73 -0.16 38.23 -2.40
C ASP A 73 -0.10 39.75 -2.22
N PHE A 74 -0.54 40.26 -1.08
CA PHE A 74 -0.54 41.70 -0.85
C PHE A 74 -0.47 41.94 0.64
N GLY A 75 -0.39 43.21 1.00
CA GLY A 75 -0.36 43.61 2.39
C GLY A 75 1.00 43.53 3.04
N HIS A 76 2.04 43.10 2.33
CA HIS A 76 3.38 43.15 2.90
C HIS A 76 3.84 44.57 3.13
N MET A 77 3.53 45.47 2.20
CA MET A 77 3.87 46.87 2.37
C MET A 77 3.08 47.50 3.50
N GLU A 78 1.87 47.01 3.74
CA GLU A 78 1.06 47.59 4.81
C GLU A 78 1.47 47.06 6.17
N ALA A 79 2.12 45.90 6.24
CA ALA A 79 2.61 45.43 7.54
C ALA A 79 3.92 46.11 7.90
N VAL A 80 4.71 46.49 6.90
CA VAL A 80 5.94 47.22 7.14
C VAL A 80 5.64 48.64 7.63
N ASN A 81 4.43 49.13 7.35
CA ASN A 81 3.92 50.29 8.07
C ASN A 81 3.87 50.04 9.57
N LEU A 82 3.46 48.84 9.98
CA LEU A 82 3.18 48.60 11.39
C LEU A 82 4.45 48.44 12.20
N LEU A 83 5.59 48.25 11.54
CA LEU A 83 6.81 48.03 12.31
C LEU A 83 7.33 49.33 12.90
N SER A 84 6.98 50.46 12.29
CA SER A 84 7.39 51.74 12.83
C SER A 84 6.40 52.31 13.83
N SER A 85 5.45 51.49 14.30
CA SER A 85 4.47 51.96 15.27
C SER A 85 5.11 52.14 16.65
N ASN A 86 4.36 52.76 17.54
CA ASN A 86 4.83 53.05 18.89
C ASN A 86 4.15 52.22 19.95
N ARG A 87 3.47 51.15 19.55
CA ARG A 87 2.81 50.26 20.49
C ARG A 87 3.31 48.85 20.25
N TYR A 88 3.34 48.05 21.31
CA TYR A 88 3.78 46.68 21.18
C TYR A 88 2.77 45.86 20.41
N THR A 89 1.49 46.21 20.52
CA THR A 89 0.45 45.36 19.94
C THR A 89 0.49 45.40 18.42
N GLU A 90 0.87 46.55 17.86
CA GLU A 90 0.97 46.64 16.41
C GLU A 90 2.30 46.11 15.90
N LYS A 91 3.36 46.19 16.71
CA LYS A 91 4.62 45.58 16.31
C LYS A 91 4.55 44.07 16.39
N GLN A 92 3.63 43.53 17.19
CA GLN A 92 3.51 42.09 17.29
C GLN A 92 2.92 41.50 16.02
N ILE A 93 1.87 42.14 15.49
CA ILE A 93 1.26 41.64 14.27
C ILE A 93 2.13 41.95 13.06
N GLY A 94 2.85 43.06 13.10
CA GLY A 94 3.76 43.38 12.01
C GLY A 94 4.93 42.42 11.93
N TYR A 95 5.56 42.11 13.07
CA TYR A 95 6.70 41.19 13.09
C TYR A 95 6.26 39.74 13.04
N LEU A 96 4.97 39.50 12.85
CA LEU A 96 4.50 38.13 12.69
C LEU A 96 4.03 37.88 11.27
N PHE A 97 3.48 38.92 10.63
CA PHE A 97 3.00 38.76 9.27
C PHE A 97 4.16 38.62 8.30
N ILE A 98 5.30 39.25 8.61
CA ILE A 98 6.41 39.22 7.69
C ILE A 98 7.39 38.11 8.01
N SER A 99 7.20 37.39 9.11
CA SER A 99 8.04 36.24 9.40
C SER A 99 7.33 34.94 9.06
N VAL A 100 6.01 34.99 8.94
CA VAL A 100 5.24 33.83 8.48
C VAL A 100 5.11 33.85 6.96
N LEU A 101 4.74 34.99 6.40
CA LEU A 101 4.66 35.12 4.94
C LEU A 101 6.01 35.65 4.45
N VAL A 102 6.95 34.72 4.25
CA VAL A 102 8.29 35.09 3.84
C VAL A 102 8.26 35.45 2.35
N ASN A 103 8.63 36.69 2.05
CA ASN A 103 8.62 37.19 0.69
C ASN A 103 10.04 37.31 0.15
N SER A 104 10.14 37.64 -1.14
CA SER A 104 11.43 37.78 -1.81
C SER A 104 11.62 39.14 -2.46
N ASN A 105 10.77 40.10 -2.13
CA ASN A 105 10.83 41.42 -2.77
C ASN A 105 11.98 42.20 -2.16
N SER A 106 12.94 42.59 -3.01
CA SER A 106 14.08 43.37 -2.52
C SER A 106 13.68 44.82 -2.23
N GLU A 107 12.51 45.24 -2.71
CA GLU A 107 11.92 46.50 -2.27
C GLU A 107 11.58 46.45 -0.79
N LEU A 108 11.18 45.28 -0.29
CA LEU A 108 10.62 45.18 1.05
C LEU A 108 11.67 44.81 2.08
N ILE A 109 12.71 44.06 1.67
CA ILE A 109 13.70 43.57 2.63
C ILE A 109 14.54 44.72 3.15
N ARG A 110 14.80 45.72 2.31
CA ARG A 110 15.40 46.94 2.81
C ARG A 110 14.43 47.70 3.73
N LEU A 111 13.13 47.66 3.41
CA LEU A 111 12.16 48.37 4.23
C LEU A 111 11.89 47.64 5.54
N ILE A 112 12.10 46.32 5.56
CA ILE A 112 12.03 45.60 6.82
C ILE A 112 13.28 45.84 7.65
N ASN A 113 14.45 45.78 7.02
CA ASN A 113 15.69 45.95 7.76
C ASN A 113 15.91 47.39 8.16
N ASN A 114 15.21 48.33 7.53
CA ASN A 114 15.18 49.69 8.05
C ASN A 114 14.38 49.73 9.34
N ALA A 115 13.39 48.85 9.48
CA ALA A 115 12.52 48.89 10.63
C ALA A 115 13.06 48.07 11.78
N ILE A 116 13.83 47.03 11.48
CA ILE A 116 14.44 46.22 12.54
C ILE A 116 15.58 46.98 13.20
N LYS A 117 16.35 47.73 12.40
CA LYS A 117 17.41 48.56 12.98
C LYS A 117 16.84 49.72 13.80
N ASN A 118 15.61 50.14 13.50
CA ASN A 118 14.99 51.14 14.34
C ASN A 118 14.52 50.55 15.67
N ASP A 119 14.37 49.22 15.73
CA ASP A 119 13.98 48.59 16.99
C ASP A 119 15.19 48.04 17.73
N LEU A 120 16.26 47.66 17.03
CA LEU A 120 17.46 47.24 17.73
C LEU A 120 18.23 48.44 18.26
N ALA A 121 18.06 49.62 17.66
CA ALA A 121 18.63 50.82 18.26
C ALA A 121 17.83 51.24 19.49
N SER A 122 16.57 50.83 19.56
CA SER A 122 15.76 51.09 20.74
C SER A 122 16.31 50.33 21.93
N ARG A 123 16.15 50.91 23.10
CA ARG A 123 16.62 50.28 24.31
C ARG A 123 15.55 49.47 25.01
N ASN A 124 14.38 49.31 24.38
CA ASN A 124 13.25 48.63 24.98
C ASN A 124 13.39 47.12 24.79
N PRO A 125 13.44 46.34 25.88
CA PRO A 125 13.61 44.89 25.75
C PRO A 125 12.39 44.18 25.18
N THR A 126 11.24 44.83 25.12
CA THR A 126 10.11 44.25 24.40
C THR A 126 10.10 44.66 22.94
N PHE A 127 11.04 45.50 22.52
CA PHE A 127 11.21 45.76 21.09
C PHE A 127 12.44 45.05 20.56
N MET A 128 13.55 45.08 21.31
CA MET A 128 14.69 44.25 20.95
C MET A 128 14.37 42.78 21.08
N GLY A 129 13.53 42.41 22.05
CA GLY A 129 13.16 41.02 22.20
C GLY A 129 12.19 40.58 21.12
N LEU A 130 11.62 41.55 20.41
CA LEU A 130 10.69 41.25 19.33
C LEU A 130 11.38 41.33 18.00
N ALA A 131 12.45 42.12 17.90
CA ALA A 131 13.18 42.22 16.65
C ALA A 131 14.06 41.00 16.41
N LEU A 132 14.57 40.42 17.49
CA LEU A 132 15.41 39.24 17.34
C LEU A 132 14.58 38.01 17.04
N HIS A 133 13.28 38.07 17.31
CA HIS A 133 12.39 37.01 16.87
C HIS A 133 12.13 37.11 15.38
N CYS A 134 12.10 38.33 14.84
CA CYS A 134 11.84 38.50 13.42
C CYS A 134 13.05 38.09 12.59
N ILE A 135 14.24 38.26 13.15
CA ILE A 135 15.44 37.85 12.43
C ILE A 135 15.61 36.35 12.50
N ALA A 136 15.38 35.77 13.68
CA ALA A 136 15.68 34.36 13.87
C ALA A 136 14.59 33.45 13.31
N ASN A 137 13.49 34.04 12.83
CA ASN A 137 12.47 33.21 12.19
C ASN A 137 12.57 33.30 10.67
N VAL A 138 12.80 34.49 10.13
CA VAL A 138 13.02 34.64 8.70
C VAL A 138 14.37 34.02 8.37
N GLY A 139 15.43 34.57 8.96
CA GLY A 139 16.75 33.99 8.89
C GLY A 139 17.43 34.01 7.54
N SER A 140 16.94 34.80 6.59
CA SER A 140 17.49 34.83 5.24
C SER A 140 18.88 35.46 5.23
N ARG A 141 19.57 35.28 4.11
CA ARG A 141 20.92 35.85 4.00
C ARG A 141 20.88 37.37 3.91
N GLU A 142 19.81 37.93 3.35
CA GLU A 142 19.71 39.38 3.25
C GLU A 142 19.59 40.04 4.62
N MET A 143 19.01 39.34 5.59
CA MET A 143 19.03 39.76 6.98
C MET A 143 20.29 39.32 7.70
N ALA A 144 20.93 38.25 7.22
CA ALA A 144 22.12 37.76 7.89
C ALA A 144 23.33 38.64 7.59
N GLU A 145 23.37 39.22 6.39
CA GLU A 145 24.52 40.03 6.01
C GLU A 145 24.57 41.36 6.75
N ALA A 146 23.42 41.92 7.09
CA ALA A 146 23.41 43.21 7.77
C ALA A 146 23.51 43.07 9.28
N PHE A 147 23.20 41.89 9.82
CA PHE A 147 23.03 41.71 11.26
C PHE A 147 24.03 40.74 11.87
N ALA A 148 25.02 40.27 11.10
CA ALA A 148 25.99 39.33 11.64
C ALA A 148 26.97 40.01 12.60
N GLY A 149 27.09 41.32 12.51
CA GLY A 149 28.02 42.05 13.35
C GLY A 149 27.41 42.83 14.48
N GLU A 150 26.09 43.04 14.46
CA GLU A 150 25.44 43.87 15.46
C GLU A 150 24.63 43.07 16.46
N ILE A 151 24.21 41.86 16.12
CA ILE A 151 23.65 40.95 17.12
C ILE A 151 24.70 40.49 18.15
N PRO A 152 25.96 40.15 17.79
CA PRO A 152 26.91 39.83 18.87
C PRO A 152 27.24 40.95 19.82
N LYS A 153 27.20 42.21 19.38
CA LYS A 153 27.47 43.30 20.32
C LYS A 153 26.24 43.59 21.18
N ILE A 154 25.07 43.16 20.75
CA ILE A 154 23.89 43.15 21.62
C ILE A 154 24.03 42.05 22.67
N LEU A 155 24.59 40.91 22.26
CA LEU A 155 24.69 39.75 23.13
C LEU A 155 25.76 39.94 24.21
N VAL A 156 26.79 40.73 23.90
CA VAL A 156 27.93 40.84 24.79
C VAL A 156 27.76 41.99 25.79
N ALA A 157 27.31 43.15 25.31
CA ALA A 157 27.31 44.38 26.11
C ALA A 157 26.38 44.29 27.31
N GLY A 158 26.93 44.58 28.49
CA GLY A 158 26.30 44.22 29.74
C GLY A 158 25.07 45.03 30.10
N ASP A 159 24.84 46.15 29.43
CA ASP A 159 23.66 46.95 29.67
C ASP A 159 22.40 46.36 29.05
N THR A 160 22.52 45.28 28.29
CA THR A 160 21.37 44.61 27.72
C THR A 160 20.61 43.88 28.83
N MET A 161 19.28 43.96 28.80
CA MET A 161 18.44 43.22 29.72
C MET A 161 18.63 41.73 29.48
N ASP A 162 18.54 40.94 30.56
CA ASP A 162 18.92 39.53 30.48
C ASP A 162 17.89 38.70 29.73
N SER A 163 16.72 39.25 29.48
CA SER A 163 15.73 38.54 28.67
C SER A 163 15.97 38.77 27.18
N VAL A 164 16.97 39.57 26.83
CA VAL A 164 17.30 39.78 25.43
C VAL A 164 18.54 38.98 25.05
N LYS A 165 19.40 38.68 26.04
CA LYS A 165 20.57 37.84 25.80
C LYS A 165 20.18 36.41 25.47
N GLN A 166 19.02 35.97 25.96
CA GLN A 166 18.53 34.65 25.58
C GLN A 166 18.11 34.63 24.13
N SER A 167 17.58 35.74 23.64
CA SER A 167 17.07 35.77 22.28
C SER A 167 18.18 36.02 21.28
N ALA A 168 19.15 36.87 21.63
CA ALA A 168 20.25 37.15 20.72
C ALA A 168 21.18 35.97 20.58
N ALA A 169 21.35 35.19 21.65
CA ALA A 169 22.21 34.01 21.58
C ALA A 169 21.57 32.93 20.72
N LEU A 170 20.25 32.89 20.67
CA LEU A 170 19.59 31.98 19.75
C LEU A 170 19.39 32.60 18.38
N CYS A 171 19.37 33.92 18.27
CA CYS A 171 19.33 34.53 16.95
C CYS A 171 20.67 34.39 16.26
N LEU A 172 21.77 34.44 17.02
CA LEU A 172 23.07 34.09 16.46
C LEU A 172 23.19 32.60 16.20
N LEU A 173 22.33 31.80 16.82
CA LEU A 173 22.32 30.39 16.48
C LEU A 173 21.63 30.17 15.14
N ARG A 174 20.56 30.90 14.88
CA ARG A 174 19.91 30.80 13.58
C ARG A 174 20.75 31.46 12.50
N LEU A 175 21.41 32.56 12.84
CA LEU A 175 22.25 33.25 11.86
C LEU A 175 23.53 32.47 11.57
N TYR A 176 23.90 31.53 12.45
CA TYR A 176 25.06 30.70 12.18
C TYR A 176 24.67 29.45 11.41
N ARG A 177 23.46 28.94 11.63
CA ARG A 177 23.06 27.75 10.91
C ARG A 177 22.65 28.06 9.47
N THR A 178 22.24 29.29 9.19
CA THR A 178 21.91 29.62 7.82
C THR A 178 23.15 30.08 7.06
N SER A 179 23.91 31.01 7.62
CA SER A 179 25.06 31.59 6.94
C SER A 179 26.29 31.46 7.81
N PRO A 180 26.89 30.26 7.86
CA PRO A 180 28.02 30.04 8.76
C PRO A 180 29.29 30.75 8.36
N ASP A 181 29.43 31.11 7.09
CA ASP A 181 30.59 31.87 6.62
C ASP A 181 30.39 33.37 6.73
N LEU A 182 29.55 33.82 7.66
CA LEU A 182 29.18 35.22 7.76
C LEU A 182 29.24 35.75 9.18
N VAL A 183 29.10 34.88 10.18
CA VAL A 183 29.40 35.24 11.55
C VAL A 183 30.76 34.63 11.92
N PRO A 184 31.80 35.43 12.04
CA PRO A 184 33.13 34.87 12.33
C PRO A 184 33.45 34.90 13.81
N MET A 185 34.30 33.99 14.23
CA MET A 185 34.75 34.00 15.61
C MET A 185 35.78 35.12 15.81
N GLY A 186 35.60 35.87 16.89
CA GLY A 186 36.46 37.01 17.15
C GLY A 186 36.63 37.33 18.62
N ASP A 187 36.43 38.61 18.94
CA ASP A 187 36.35 39.06 20.33
C ASP A 187 34.97 38.76 20.91
N TRP A 188 34.12 38.12 20.13
CA TRP A 188 32.79 37.72 20.56
C TRP A 188 32.82 36.38 21.30
N THR A 189 33.94 35.66 21.23
CA THR A 189 33.96 34.29 21.73
C THR A 189 34.18 34.22 23.22
N SER A 190 34.96 35.15 23.79
CA SER A 190 35.33 35.01 25.19
C SER A 190 34.30 35.63 26.12
N ARG A 191 33.18 36.10 25.59
CA ARG A 191 32.10 36.60 26.43
C ARG A 191 30.90 35.66 26.43
N VAL A 192 30.72 34.92 25.34
CA VAL A 192 29.68 33.90 25.31
C VAL A 192 30.04 32.75 26.24
N VAL A 193 31.33 32.41 26.33
CA VAL A 193 31.79 31.46 27.34
C VAL A 193 31.60 32.03 28.74
N HIS A 194 31.72 33.35 28.87
CA HIS A 194 31.56 33.99 30.17
C HIS A 194 30.10 34.01 30.61
N LEU A 195 29.16 33.76 29.69
CA LEU A 195 27.74 33.74 30.05
C LEU A 195 27.34 32.54 30.89
N LEU A 196 28.23 31.58 31.08
CA LEU A 196 27.84 30.43 31.90
C LEU A 196 28.00 30.70 33.38
N ASN A 197 28.51 31.87 33.76
CA ASN A 197 28.52 32.32 35.13
C ASN A 197 27.38 33.29 35.42
N ASP A 198 26.38 33.36 34.56
CA ASP A 198 25.37 34.41 34.68
C ASP A 198 24.36 34.04 35.76
N GLN A 199 23.63 35.06 36.23
CA GLN A 199 22.73 34.88 37.36
C GLN A 199 21.48 34.11 36.96
N HIS A 200 20.92 34.40 35.78
CA HIS A 200 19.87 33.56 35.23
C HIS A 200 20.36 32.17 34.96
N LEU A 201 19.45 31.21 35.04
CA LEU A 201 19.63 29.94 34.36
C LEU A 201 18.98 29.97 33.00
N GLY A 202 18.36 31.09 32.63
CA GLY A 202 17.78 31.18 31.31
C GLY A 202 18.76 31.67 30.27
N VAL A 203 19.68 32.56 30.67
CA VAL A 203 20.75 32.98 29.78
C VAL A 203 21.69 31.82 29.49
N VAL A 204 21.91 30.98 30.51
CA VAL A 204 22.77 29.81 30.37
C VAL A 204 22.12 28.78 29.45
N THR A 205 20.78 28.75 29.41
CA THR A 205 20.08 27.80 28.53
C THR A 205 20.26 28.18 27.06
N ALA A 206 20.31 29.47 26.77
CA ALA A 206 20.57 29.87 25.40
C ALA A 206 22.07 29.97 25.13
N ALA A 207 22.88 30.09 26.17
CA ALA A 207 24.32 30.12 25.96
C ALA A 207 24.86 28.73 25.62
N THR A 208 24.48 27.71 26.39
CA THR A 208 24.91 26.35 26.07
C THR A 208 24.20 25.82 24.84
N SER A 209 23.14 26.47 24.40
CA SER A 209 22.65 26.20 23.06
C SER A 209 23.61 26.75 22.02
N LEU A 210 24.19 27.91 22.30
CA LEU A 210 25.07 28.54 21.32
C LEU A 210 26.43 27.85 21.30
N ILE A 211 26.94 27.48 22.47
CA ILE A 211 28.28 26.92 22.53
C ILE A 211 28.26 25.46 22.10
N THR A 212 27.09 24.83 22.08
CA THR A 212 27.02 23.45 21.61
C THR A 212 27.19 23.38 20.09
N THR A 213 26.51 24.26 19.36
CA THR A 213 26.62 24.23 17.91
C THR A 213 27.94 24.81 17.44
N LEU A 214 28.42 25.88 18.09
CA LEU A 214 29.62 26.54 17.61
C LEU A 214 30.87 25.73 17.89
N ALA A 215 30.81 24.79 18.83
CA ALA A 215 31.98 23.97 19.08
C ALA A 215 31.97 22.70 18.23
N GLN A 216 30.94 22.49 17.42
CA GLN A 216 30.96 21.41 16.45
C GLN A 216 32.04 21.66 15.40
N LYS A 217 32.25 22.91 15.02
CA LYS A 217 33.26 23.28 14.04
C LYS A 217 34.42 24.05 14.65
N ASN A 218 34.24 24.66 15.83
CA ASN A 218 35.32 25.39 16.49
C ASN A 218 35.56 24.81 17.88
N PRO A 219 36.16 23.62 17.98
CA PRO A 219 36.23 22.96 19.29
C PRO A 219 37.25 23.56 20.22
N GLU A 220 38.34 24.13 19.69
CA GLU A 220 39.42 24.54 20.57
C GLU A 220 39.19 25.95 21.09
N GLU A 221 38.44 26.76 20.35
CA GLU A 221 38.20 28.15 20.75
C GLU A 221 37.28 28.21 21.97
N PHE A 222 36.45 27.20 22.14
CA PHE A 222 35.53 27.12 23.28
C PHE A 222 35.93 26.05 24.28
N LYS A 223 37.23 25.77 24.42
CA LYS A 223 37.65 24.77 25.38
C LYS A 223 37.59 25.30 26.80
N THR A 224 37.56 26.62 26.97
CA THR A 224 37.43 27.17 28.31
C THR A 224 36.01 27.06 28.86
N SER A 225 35.05 26.56 28.07
CA SER A 225 33.69 26.40 28.55
C SER A 225 33.51 25.10 29.33
N VAL A 226 34.47 24.18 29.26
CA VAL A 226 34.33 22.91 29.96
C VAL A 226 34.41 23.12 31.46
N SER A 227 35.35 23.96 31.90
CA SER A 227 35.48 24.23 33.32
C SER A 227 34.36 25.12 33.82
N LEU A 228 33.64 25.80 32.91
CA LEU A 228 32.50 26.60 33.31
C LEU A 228 31.20 25.83 33.24
N ALA A 229 31.09 24.88 32.31
CA ALA A 229 29.88 24.05 32.25
C ALA A 229 29.81 23.09 33.42
N VAL A 230 30.95 22.48 33.78
CA VAL A 230 30.97 21.48 34.84
C VAL A 230 30.76 22.14 36.20
N SER A 231 31.33 23.31 36.42
CA SER A 231 31.05 24.02 37.67
C SER A 231 29.63 24.57 37.72
N ARG A 232 29.02 24.86 36.56
CA ARG A 232 27.62 25.27 36.55
C ARG A 232 26.69 24.07 36.73
N LEU A 233 27.07 22.92 36.18
CA LEU A 233 26.26 21.72 36.38
C LEU A 233 26.40 21.20 37.80
N SER A 234 27.50 21.53 38.48
CA SER A 234 27.71 21.05 39.84
C SER A 234 26.75 21.72 40.81
N ARG A 235 26.36 22.96 40.53
CA ARG A 235 25.43 23.65 41.43
C ARG A 235 23.99 23.27 41.14
N ILE A 236 23.70 22.79 39.93
CA ILE A 236 22.35 22.38 39.60
C ILE A 236 22.03 21.03 40.22
N VAL A 237 22.92 20.05 40.01
CA VAL A 237 22.62 18.69 40.42
C VAL A 237 22.76 18.54 41.93
N THR A 238 23.82 19.08 42.51
CA THR A 238 24.06 18.97 43.95
C THR A 238 23.38 20.09 44.73
N SER A 239 22.24 20.58 44.26
CA SER A 239 21.51 21.65 44.92
C SER A 239 20.94 21.22 46.26
N LEU A 244 16.65 26.82 43.38
CA LEU A 244 16.23 27.04 42.01
C LEU A 244 14.72 26.98 41.90
N GLN A 245 14.02 27.73 42.75
CA GLN A 245 12.57 27.64 42.81
C GLN A 245 11.91 28.17 41.55
N ASP A 246 12.63 29.01 40.81
CA ASP A 246 12.13 29.49 39.52
C ASP A 246 12.13 28.39 38.47
N TYR A 247 13.07 27.46 38.54
CA TYR A 247 13.36 26.55 37.43
C TYR A 247 13.13 25.08 37.76
N THR A 248 12.71 24.75 38.97
CA THR A 248 12.40 23.36 39.22
C THR A 248 11.15 22.94 38.45
N TYR A 249 11.26 21.81 37.78
CA TYR A 249 10.14 21.30 36.99
C TYR A 249 9.72 20.00 37.66
N TYR A 250 8.70 20.08 38.51
CA TYR A 250 8.20 18.97 39.33
C TYR A 250 9.34 18.35 40.14
N PHE A 251 9.95 19.19 40.98
CA PHE A 251 11.05 18.86 41.89
C PHE A 251 12.33 18.42 41.20
N VAL A 252 12.44 18.60 39.89
CA VAL A 252 13.72 18.36 39.21
C VAL A 252 14.40 19.68 38.93
N PRO A 253 15.61 19.93 39.42
CA PRO A 253 16.23 21.25 39.25
C PRO A 253 16.74 21.44 37.84
N ALA A 254 16.04 22.30 37.07
CA ALA A 254 16.36 22.79 35.73
C ALA A 254 16.68 21.65 34.77
N PRO A 255 15.68 20.92 34.29
CA PRO A 255 15.99 19.76 33.44
C PRO A 255 16.57 20.13 32.10
N TRP A 256 16.00 21.12 31.41
CA TRP A 256 16.50 21.43 30.09
C TRP A 256 17.81 22.19 30.13
N LEU A 257 18.13 22.83 31.24
CA LEU A 257 19.48 23.34 31.34
C LEU A 257 20.46 22.22 31.55
N SER A 258 20.20 21.32 32.50
CA SER A 258 21.15 20.24 32.77
C SER A 258 21.07 19.13 31.72
N VAL A 259 20.26 19.31 30.68
CA VAL A 259 20.42 18.52 29.46
C VAL A 259 21.33 19.23 28.48
N LYS A 260 21.06 20.52 28.20
CA LYS A 260 21.87 21.26 27.23
C LYS A 260 23.25 21.55 27.79
N LEU A 261 23.37 21.67 29.12
CA LEU A 261 24.68 21.84 29.71
C LEU A 261 25.42 20.52 29.75
N LEU A 262 24.71 19.41 29.56
CA LEU A 262 25.34 18.11 29.57
C LEU A 262 25.57 17.62 28.15
N ARG A 263 24.97 18.29 27.16
CA ARG A 263 25.28 18.00 25.77
C ARG A 263 26.39 18.88 25.25
N LEU A 264 26.69 20.00 25.92
CA LEU A 264 27.88 20.77 25.60
C LEU A 264 29.13 19.95 25.87
N LEU A 265 29.09 19.14 26.93
CA LEU A 265 30.24 18.33 27.30
C LEU A 265 30.49 17.19 26.31
N GLN A 266 29.47 16.79 25.55
CA GLN A 266 29.68 15.72 24.58
C GLN A 266 30.47 16.17 23.36
N CYS A 267 30.60 17.47 23.12
CA CYS A 267 31.33 17.97 21.97
C CYS A 267 32.84 17.99 22.16
N TYR A 268 33.36 17.27 23.16
CA TYR A 268 34.68 17.45 23.71
C TYR A 268 35.29 16.12 24.11
N PRO A 269 36.60 16.08 24.37
CA PRO A 269 37.18 14.96 25.09
C PRO A 269 36.85 15.05 26.57
N PRO A 270 37.24 14.06 27.38
CA PRO A 270 37.24 14.28 28.84
C PRO A 270 38.15 15.43 29.21
N PRO A 271 37.81 16.17 30.26
CA PRO A 271 38.48 17.45 30.52
C PRO A 271 39.94 17.27 30.91
N GLU A 272 40.77 18.20 30.46
CA GLU A 272 42.21 18.07 30.66
C GLU A 272 42.58 18.32 32.12
N ASP A 273 41.89 19.25 32.77
CA ASP A 273 42.16 19.59 34.16
C ASP A 273 41.61 18.49 35.06
N PRO A 274 42.47 17.84 35.87
CA PRO A 274 41.97 16.76 36.72
C PRO A 274 41.09 17.23 37.88
N ALA A 275 41.05 18.53 38.17
CA ALA A 275 40.10 19.02 39.15
C ALA A 275 38.69 19.10 38.55
N VAL A 276 38.59 19.09 37.21
CA VAL A 276 37.29 19.10 36.57
C VAL A 276 36.77 17.68 36.38
N ARG A 277 37.65 16.73 36.04
CA ARG A 277 37.26 15.32 36.03
C ARG A 277 36.89 14.86 37.42
N GLY A 278 37.53 15.41 38.44
CA GLY A 278 37.11 15.20 39.80
C GLY A 278 35.77 15.83 40.10
N ARG A 279 35.39 16.83 39.30
CA ARG A 279 34.11 17.50 39.49
C ARG A 279 33.04 16.97 38.54
N LEU A 280 33.44 16.56 37.33
CA LEU A 280 32.47 16.05 36.38
C LEU A 280 31.99 14.66 36.76
N THR A 281 32.90 13.81 37.25
CA THR A 281 32.49 12.45 37.58
C THR A 281 31.65 12.39 38.86
N GLU A 282 31.93 13.23 39.85
CA GLU A 282 31.08 13.22 41.04
C GLU A 282 29.74 13.89 40.78
N CYS A 283 29.67 14.70 39.73
CA CYS A 283 28.39 15.26 39.32
C CYS A 283 27.65 14.29 38.39
N LEU A 284 28.39 13.37 37.77
CA LEU A 284 27.73 12.27 37.07
C LEU A 284 27.37 11.15 38.03
N GLU A 285 28.01 11.11 39.20
CA GLU A 285 27.56 10.16 40.20
C GLU A 285 26.25 10.61 40.82
N THR A 286 26.06 11.91 40.98
CA THR A 286 24.88 12.39 41.69
C THR A 286 23.64 12.32 40.82
N ILE A 287 23.80 12.44 39.50
CA ILE A 287 22.67 12.18 38.60
C ILE A 287 22.34 10.68 38.61
N LEU A 288 23.37 9.84 38.65
CA LEU A 288 23.14 8.40 38.70
C LEU A 288 22.66 7.94 40.07
N ASN A 289 22.93 8.71 41.11
CA ASN A 289 22.44 8.31 42.44
C ASN A 289 20.99 8.67 42.62
N LYS A 290 20.51 9.73 41.97
CA LYS A 290 19.11 10.12 42.14
C LYS A 290 18.17 9.22 41.38
N ALA A 291 18.68 8.43 40.44
CA ALA A 291 17.79 7.56 39.67
C ALA A 291 17.37 6.33 40.47
N GLN A 292 18.10 6.01 41.53
CA GLN A 292 17.78 4.89 42.41
C GLN A 292 17.05 5.34 43.67
N GLU A 293 16.98 6.62 43.93
CA GLU A 293 16.26 7.19 45.05
C GLU A 293 14.76 7.06 44.83
N PRO A 294 13.94 7.09 45.89
CA PRO A 294 12.50 7.05 45.70
C PRO A 294 12.00 8.33 45.04
N PRO A 295 10.92 8.24 44.26
CA PRO A 295 10.46 9.43 43.52
C PRO A 295 9.84 10.46 44.45
N LYS A 296 10.26 11.71 44.28
CA LYS A 296 9.71 12.82 45.02
C LYS A 296 8.28 13.14 44.61
N SER A 297 7.85 12.68 43.45
CA SER A 297 6.48 12.83 42.98
C SER A 297 6.15 11.62 42.13
N LYS A 298 4.90 11.20 42.19
CA LYS A 298 4.45 10.06 41.40
C LYS A 298 3.92 10.47 40.04
N LYS A 299 4.04 11.74 39.66
CA LYS A 299 3.54 12.18 38.37
C LYS A 299 4.43 11.70 37.25
N VAL A 300 3.84 11.43 36.09
CA VAL A 300 4.62 10.90 34.98
C VAL A 300 5.46 11.99 34.34
N GLN A 301 5.10 13.26 34.57
CA GLN A 301 5.92 14.34 34.03
C GLN A 301 7.09 14.66 34.95
N HIS A 302 7.17 13.98 36.08
CA HIS A 302 8.40 13.99 36.88
C HIS A 302 9.28 12.81 36.53
N SER A 303 8.68 11.70 36.14
CA SER A 303 9.47 10.52 35.81
C SER A 303 10.14 10.65 34.45
N ASN A 304 9.78 11.67 33.67
CA ASN A 304 10.52 11.93 32.45
C ASN A 304 11.61 12.96 32.68
N ALA A 305 11.32 14.01 33.44
CA ALA A 305 12.27 15.10 33.58
C ALA A 305 13.45 14.72 34.44
N LYS A 306 13.27 13.72 35.32
CA LYS A 306 14.42 13.21 36.07
C LYS A 306 15.21 12.23 35.20
N ASN A 307 14.52 11.55 34.30
CA ASN A 307 15.20 10.58 33.44
C ASN A 307 15.70 11.22 32.15
N ALA A 308 15.22 12.42 31.82
CA ALA A 308 15.80 13.14 30.70
C ALA A 308 17.19 13.61 31.02
N VAL A 309 17.44 13.96 32.28
CA VAL A 309 18.79 14.32 32.69
C VAL A 309 19.65 13.06 32.78
N LEU A 310 19.04 11.92 33.07
CA LEU A 310 19.79 10.69 33.22
C LEU A 310 20.26 10.16 31.88
N PHE A 311 19.37 10.17 30.88
CA PHE A 311 19.73 9.63 29.57
C PHE A 311 20.65 10.54 28.78
N GLU A 312 20.96 11.72 29.31
CA GLU A 312 22.15 12.41 28.84
C GLU A 312 23.34 12.14 29.73
N ALA A 313 23.11 11.87 31.01
CA ALA A 313 24.23 11.51 31.88
C ALA A 313 24.77 10.13 31.53
N ILE A 314 23.91 9.24 31.06
CA ILE A 314 24.39 7.97 30.53
C ILE A 314 25.08 8.19 29.19
N SER A 315 24.49 9.06 28.36
CA SER A 315 25.04 9.30 27.03
C SER A 315 26.32 10.13 27.10
N LEU A 316 26.58 10.77 28.24
CA LEU A 316 27.87 11.42 28.41
C LEU A 316 28.95 10.40 28.72
N ILE A 317 28.63 9.42 29.58
CA ILE A 317 29.63 8.47 30.04
C ILE A 317 30.06 7.56 28.88
N ILE A 318 29.09 7.17 28.05
CA ILE A 318 29.38 6.35 26.88
C ILE A 318 30.23 7.14 25.88
N HIS A 319 30.00 8.45 25.81
CA HIS A 319 30.78 9.27 24.89
C HIS A 319 32.22 9.45 25.37
N HIS A 320 32.43 9.49 26.69
CA HIS A 320 33.81 9.63 27.15
C HIS A 320 34.56 8.30 27.10
N ASP A 321 33.91 7.22 27.55
CA ASP A 321 34.57 5.94 27.86
C ASP A 321 35.76 6.13 28.79
N SER A 322 35.57 6.94 29.83
CA SER A 322 36.68 7.29 30.69
C SER A 322 36.80 6.41 31.92
N GLU A 323 35.72 6.23 32.67
CA GLU A 323 35.90 5.57 33.95
C GLU A 323 34.98 4.36 34.06
N PRO A 324 35.54 3.19 34.38
CA PRO A 324 34.72 1.97 34.35
C PRO A 324 33.70 1.87 35.47
N ASN A 325 33.85 2.64 36.55
CA ASN A 325 32.90 2.56 37.65
C ASN A 325 31.53 3.07 37.24
N LEU A 326 31.49 4.07 36.34
CA LEU A 326 30.22 4.65 35.96
C LEU A 326 29.54 3.84 34.87
N LEU A 327 30.32 3.29 33.94
CA LEU A 327 29.75 2.47 32.87
C LEU A 327 29.15 1.18 33.41
N VAL A 328 29.68 0.68 34.53
CA VAL A 328 29.04 -0.44 35.22
C VAL A 328 27.74 0.01 35.85
N ARG A 329 27.73 1.19 36.48
CA ARG A 329 26.55 1.61 37.22
C ARG A 329 25.46 2.13 36.30
N ALA A 330 25.83 2.76 35.18
CA ALA A 330 24.81 3.19 34.23
C ALA A 330 24.19 1.99 33.52
N CYS A 331 24.97 0.93 33.34
CA CYS A 331 24.41 -0.30 32.78
C CYS A 331 23.49 -0.98 33.79
N ASN A 332 23.89 -0.98 35.06
CA ASN A 332 23.02 -1.50 36.11
C ASN A 332 21.85 -0.56 36.37
N GLN A 333 21.97 0.70 35.93
CA GLN A 333 20.83 1.60 35.96
C GLN A 333 19.85 1.27 34.84
N LEU A 334 20.36 0.90 33.67
CA LEU A 334 19.49 0.59 32.55
C LEU A 334 18.85 -0.78 32.70
N GLY A 335 19.31 -1.57 33.68
CA GLY A 335 18.64 -2.83 33.96
C GLY A 335 17.27 -2.64 34.58
N GLN A 336 17.07 -1.54 35.30
CA GLN A 336 15.79 -1.31 35.94
C GLN A 336 14.77 -0.78 34.95
N PHE A 337 15.22 -0.06 33.92
CA PHE A 337 14.28 0.57 33.01
C PHE A 337 13.74 -0.41 31.99
N LEU A 338 14.31 -1.61 31.92
CA LEU A 338 13.77 -2.63 31.03
C LEU A 338 12.49 -3.22 31.60
N GLN A 339 12.39 -3.30 32.93
CA GLN A 339 11.17 -3.74 33.59
C GLN A 339 10.38 -2.54 34.08
N HIS A 340 9.96 -1.70 33.13
CA HIS A 340 9.33 -0.45 33.50
C HIS A 340 7.97 -0.37 32.82
N ARG A 341 6.98 0.15 33.55
CA ARG A 341 5.61 0.17 33.06
C ARG A 341 5.37 1.21 31.97
N GLU A 342 6.30 2.15 31.79
CA GLU A 342 6.16 3.17 30.77
C GLU A 342 6.92 2.72 29.53
N THR A 343 6.34 2.97 28.35
CA THR A 343 6.90 2.38 27.13
C THR A 343 8.09 3.20 26.64
N ASN A 344 8.19 4.45 27.07
CA ASN A 344 9.33 5.28 26.69
C ASN A 344 10.61 4.81 27.35
N LEU A 345 10.54 4.44 28.62
CA LEU A 345 11.76 4.14 29.34
C LEU A 345 12.28 2.75 29.02
N ARG A 346 11.47 1.91 28.40
CA ARG A 346 12.02 0.66 27.87
C ARG A 346 12.66 0.92 26.51
N TYR A 347 12.06 1.80 25.72
CA TYR A 347 12.55 2.05 24.38
C TYR A 347 13.83 2.87 24.40
N LEU A 348 14.01 3.68 25.44
CA LEU A 348 15.23 4.47 25.53
C LEU A 348 16.32 3.72 26.27
N ALA A 349 15.95 2.73 27.08
CA ALA A 349 16.99 1.88 27.67
C ALA A 349 17.57 0.95 26.63
N LEU A 350 16.74 0.47 25.70
CA LEU A 350 17.24 -0.44 24.69
C LEU A 350 18.08 0.28 23.65
N GLU A 351 17.81 1.55 23.39
CA GLU A 351 18.68 2.30 22.49
C GLU A 351 19.98 2.67 23.16
N SER A 352 19.98 2.82 24.50
CA SER A 352 21.20 3.17 25.17
C SER A 352 22.10 1.95 25.35
N MET A 353 21.50 0.79 25.62
CA MET A 353 22.31 -0.40 25.84
C MET A 353 22.90 -0.95 24.54
N CYS A 354 22.32 -0.60 23.39
CA CYS A 354 22.96 -0.97 22.13
C CYS A 354 24.23 -0.18 21.91
N THR A 355 24.26 1.08 22.34
CA THR A 355 25.50 1.85 22.26
C THR A 355 26.40 1.59 23.44
N LEU A 356 25.88 0.91 24.46
CA LEU A 356 26.66 0.65 25.66
C LEU A 356 27.37 -0.68 25.57
N ALA A 357 26.76 -1.66 24.90
CA ALA A 357 27.33 -2.99 24.77
C ALA A 357 28.51 -3.05 23.83
N SER A 358 28.75 -1.99 23.06
CA SER A 358 29.84 -1.99 22.09
C SER A 358 31.18 -1.58 22.69
N SER A 359 31.21 -0.70 23.68
CA SER A 359 32.48 -0.26 24.22
C SER A 359 33.05 -1.33 25.15
N GLU A 360 34.38 -1.32 25.29
CA GLU A 360 35.10 -2.43 25.90
C GLU A 360 35.01 -2.45 27.43
N PHE A 361 34.51 -1.39 28.06
CA PHE A 361 34.48 -1.32 29.51
C PHE A 361 33.16 -1.78 30.08
N SER A 362 32.09 -1.76 29.29
CA SER A 362 30.80 -2.19 29.78
C SER A 362 30.33 -3.48 29.13
N HIS A 363 31.12 -4.05 28.22
CA HIS A 363 30.67 -5.20 27.45
C HIS A 363 30.56 -6.44 28.31
N GLU A 364 31.37 -6.54 29.35
CA GLU A 364 31.21 -7.60 30.33
C GLU A 364 30.03 -7.31 31.25
N ALA A 365 29.74 -6.04 31.51
CA ALA A 365 28.72 -5.70 32.47
C ALA A 365 27.33 -5.81 31.87
N VAL A 366 27.22 -5.69 30.55
CA VAL A 366 25.90 -5.73 29.92
C VAL A 366 25.42 -7.16 29.75
N LYS A 367 26.34 -8.13 29.72
CA LYS A 367 25.97 -9.52 29.50
C LYS A 367 25.26 -10.13 30.69
N THR A 368 25.32 -9.48 31.86
CA THR A 368 24.58 -9.94 33.01
C THR A 368 23.10 -9.61 32.94
N HIS A 369 22.69 -8.76 32.00
CA HIS A 369 21.27 -8.47 31.78
C HIS A 369 20.69 -9.27 30.63
N ILE A 370 21.17 -10.49 30.41
CA ILE A 370 20.66 -11.29 29.31
C ILE A 370 19.27 -11.82 29.62
N GLU A 371 18.96 -12.05 30.89
CA GLU A 371 17.66 -12.61 31.23
C GLU A 371 16.57 -11.54 31.21
N THR A 372 16.95 -10.28 31.38
CA THR A 372 15.95 -9.22 31.44
C THR A 372 15.47 -8.83 30.05
N VAL A 373 16.38 -8.82 29.08
CA VAL A 373 16.03 -8.41 27.72
C VAL A 373 15.14 -9.44 27.06
N ILE A 374 15.39 -10.73 27.34
CA ILE A 374 14.60 -11.81 26.76
C ILE A 374 13.18 -11.76 27.32
N ASN A 375 13.04 -11.45 28.61
CA ASN A 375 11.71 -11.23 29.17
C ASN A 375 11.09 -9.95 28.63
N ALA A 376 11.93 -8.96 28.29
CA ALA A 376 11.41 -7.76 27.64
C ALA A 376 11.18 -8.01 26.15
N LEU A 377 11.76 -9.08 25.61
CA LEU A 377 11.50 -9.42 24.21
C LEU A 377 10.15 -10.08 24.06
N LYS A 378 9.77 -10.94 25.00
CA LYS A 378 8.56 -11.75 24.83
C LYS A 378 7.32 -10.98 25.28
N THR A 379 7.47 -10.06 26.22
CA THR A 379 6.31 -9.46 26.85
C THR A 379 5.72 -8.32 26.02
N GLU A 380 6.57 -7.53 25.38
CA GLU A 380 6.18 -6.23 24.83
C GLU A 380 5.23 -6.34 23.66
N ARG A 381 4.19 -5.51 23.68
CA ARG A 381 3.24 -5.47 22.58
C ARG A 381 3.78 -4.67 21.42
N ASP A 382 4.43 -3.54 21.70
CA ASP A 382 4.89 -2.63 20.65
C ASP A 382 6.07 -3.27 19.94
N VAL A 383 6.05 -3.21 18.60
CA VAL A 383 7.10 -3.86 17.83
C VAL A 383 8.34 -2.99 17.72
N SER A 384 8.17 -1.67 17.85
CA SER A 384 9.33 -0.77 17.77
C SER A 384 10.22 -0.89 18.98
N VAL A 385 9.65 -1.21 20.14
CA VAL A 385 10.48 -1.50 21.31
C VAL A 385 11.01 -2.91 21.22
N ARG A 386 10.29 -3.78 20.51
CA ARG A 386 10.67 -5.18 20.40
C ARG A 386 11.88 -5.36 19.50
N GLN A 387 11.94 -4.59 18.39
CA GLN A 387 13.05 -4.70 17.46
C GLN A 387 14.33 -4.14 18.05
N ARG A 388 14.22 -3.30 19.07
CA ARG A 388 15.42 -2.84 19.75
C ARG A 388 15.96 -3.91 20.68
N ALA A 389 15.10 -4.81 21.14
CA ALA A 389 15.57 -5.93 21.96
C ALA A 389 16.34 -6.92 21.13
N VAL A 390 15.91 -7.13 19.89
CA VAL A 390 16.61 -8.04 19.00
C VAL A 390 17.96 -7.46 18.59
N ASP A 391 18.00 -6.14 18.39
CA ASP A 391 19.28 -5.49 18.09
C ASP A 391 20.21 -5.48 19.30
N LEU A 392 19.65 -5.58 20.50
CA LEU A 392 20.52 -5.66 21.67
C LEU A 392 21.07 -7.07 21.83
N LEU A 393 20.23 -8.09 21.61
CA LEU A 393 20.66 -9.48 21.76
C LEU A 393 21.74 -9.85 20.76
N TYR A 394 21.66 -9.30 19.56
CA TYR A 394 22.69 -9.55 18.57
C TYR A 394 23.97 -8.77 18.90
N ALA A 395 23.84 -7.69 19.65
CA ALA A 395 25.02 -6.93 20.04
C ALA A 395 25.63 -7.49 21.32
N MET A 396 24.81 -8.09 22.18
CA MET A 396 25.32 -8.71 23.39
C MET A 396 26.03 -10.03 23.14
N CYS A 397 25.81 -10.64 21.98
CA CYS A 397 26.17 -12.03 21.78
C CYS A 397 27.65 -12.19 21.52
N ASP A 398 28.31 -12.96 22.37
CA ASP A 398 29.63 -13.52 22.10
C ASP A 398 29.54 -15.01 22.37
N ARG A 399 30.69 -15.70 22.36
CA ARG A 399 30.67 -17.16 22.41
C ARG A 399 30.23 -17.67 23.78
N SER A 400 30.42 -16.87 24.82
CA SER A 400 30.04 -17.29 26.16
C SER A 400 28.53 -17.26 26.39
N ASN A 401 27.75 -16.63 25.52
CA ASN A 401 26.31 -16.71 25.67
C ASN A 401 25.57 -16.93 24.35
N ALA A 402 26.24 -17.50 23.34
CA ALA A 402 25.62 -17.60 22.02
C ALA A 402 24.54 -18.66 22.00
N GLN A 403 24.78 -19.80 22.66
CA GLN A 403 23.77 -20.86 22.68
C GLN A 403 22.61 -20.49 23.58
N GLN A 404 22.80 -19.52 24.47
CA GLN A 404 21.70 -19.07 25.32
C GLN A 404 20.75 -18.19 24.53
N ILE A 405 21.28 -17.34 23.65
CA ILE A 405 20.44 -16.39 22.94
C ILE A 405 19.76 -17.07 21.76
N VAL A 406 20.53 -17.87 21.00
CA VAL A 406 20.03 -18.49 19.78
C VAL A 406 18.94 -19.51 20.10
N ALA A 407 19.08 -20.22 21.23
CA ALA A 407 18.01 -21.10 21.66
C ALA A 407 16.79 -20.32 22.12
N GLU A 408 17.00 -19.10 22.62
CA GLU A 408 15.87 -18.32 23.08
C GLU A 408 15.31 -17.42 21.99
N MET A 409 16.09 -17.16 20.94
CA MET A 409 15.49 -16.47 19.79
C MET A 409 14.66 -17.43 18.96
N LEU A 410 15.02 -18.72 18.95
CA LEU A 410 14.19 -19.70 18.25
C LEU A 410 12.92 -20.00 19.02
N SER A 411 13.01 -20.12 20.34
CA SER A 411 11.83 -20.43 21.14
C SER A 411 10.89 -19.24 21.21
N TYR A 412 11.42 -18.04 20.96
CA TYR A 412 10.53 -16.90 20.73
C TYR A 412 9.84 -17.02 19.39
N LEU A 413 10.55 -17.58 18.40
CA LEU A 413 10.15 -17.40 17.00
C LEU A 413 8.94 -18.25 16.64
N GLU A 414 8.61 -19.23 17.49
CA GLU A 414 7.46 -20.08 17.22
C GLU A 414 6.15 -19.33 17.37
N THR A 415 6.08 -18.41 18.33
CA THR A 415 4.87 -17.62 18.54
C THR A 415 5.01 -16.18 18.09
N ALA A 416 6.04 -15.85 17.32
CA ALA A 416 6.31 -14.47 16.95
C ALA A 416 5.30 -13.97 15.94
N ASP A 417 5.20 -12.64 15.83
CA ASP A 417 4.27 -12.04 14.90
C ASP A 417 4.89 -12.01 13.50
N TYR A 418 4.09 -11.66 12.50
CA TYR A 418 4.55 -11.67 11.11
C TYR A 418 5.50 -10.50 10.81
N SER A 419 5.61 -9.55 11.72
CA SER A 419 6.46 -8.38 11.49
C SER A 419 7.94 -8.71 11.70
N ILE A 420 8.29 -9.15 12.91
CA ILE A 420 9.69 -9.27 13.29
C ILE A 420 10.29 -10.59 12.83
N ARG A 421 9.50 -11.47 12.22
CA ARG A 421 9.96 -12.82 11.91
C ARG A 421 11.03 -12.78 10.81
N GLU A 422 11.00 -11.76 9.97
CA GLU A 422 12.02 -11.63 8.93
C GLU A 422 13.37 -11.26 9.53
N GLU A 423 13.36 -10.48 10.60
CA GLU A 423 14.59 -9.94 11.15
C GLU A 423 15.32 -10.97 11.99
N ILE A 424 14.57 -11.85 12.65
CA ILE A 424 15.19 -12.80 13.59
C ILE A 424 15.88 -13.91 12.83
N VAL A 425 15.26 -14.41 11.77
CA VAL A 425 15.77 -15.55 11.01
C VAL A 425 17.11 -15.21 10.37
N LEU A 426 17.25 -13.96 9.96
CA LEU A 426 18.52 -13.50 9.42
C LEU A 426 19.59 -13.42 10.51
N LYS A 427 19.17 -13.15 11.75
CA LYS A 427 20.15 -12.99 12.81
C LYS A 427 20.47 -14.32 13.48
N VAL A 428 19.54 -15.26 13.50
CA VAL A 428 19.81 -16.56 14.09
C VAL A 428 20.76 -17.35 13.20
N ALA A 429 20.59 -17.23 11.88
CA ALA A 429 21.44 -17.95 10.94
C ALA A 429 22.87 -17.41 10.96
N ILE A 430 23.04 -16.13 11.28
CA ILE A 430 24.37 -15.57 11.34
C ILE A 430 25.03 -15.92 12.68
N LEU A 431 24.27 -15.81 13.77
CA LEU A 431 24.82 -16.14 15.09
C LEU A 431 25.11 -17.62 15.25
N ALA A 432 24.41 -18.46 14.48
CA ALA A 432 24.72 -19.88 14.54
C ALA A 432 25.99 -20.20 13.77
N GLU A 433 26.21 -19.52 12.64
CA GLU A 433 27.38 -19.82 11.83
C GLU A 433 28.63 -19.15 12.38
N LYS A 434 28.47 -17.95 12.93
CA LYS A 434 29.63 -17.24 13.46
C LYS A 434 30.12 -17.88 14.75
N TYR A 435 29.21 -18.37 15.58
CA TYR A 435 29.51 -18.85 16.91
C TYR A 435 29.20 -20.33 17.07
N ALA A 436 29.53 -21.13 16.06
CA ALA A 436 29.32 -22.56 16.16
C ALA A 436 30.39 -23.18 17.06
N VAL A 437 29.94 -23.73 18.19
CA VAL A 437 30.85 -24.45 19.08
C VAL A 437 31.32 -25.73 18.41
N ASP A 438 30.38 -26.53 17.94
CA ASP A 438 30.69 -27.64 17.04
C ASP A 438 29.54 -27.78 16.06
N TYR A 439 29.74 -28.61 15.04
CA TYR A 439 28.78 -28.82 13.97
C TYR A 439 27.51 -29.51 14.45
N THR A 440 27.55 -30.24 15.57
CA THR A 440 26.36 -30.91 16.07
C THR A 440 25.34 -29.92 16.59
N TRP A 441 25.79 -28.76 17.06
CA TRP A 441 24.85 -27.73 17.50
C TRP A 441 24.28 -26.97 16.32
N TYR A 442 25.10 -26.74 15.31
CA TYR A 442 24.72 -25.84 14.21
C TYR A 442 23.68 -26.47 13.31
N VAL A 443 23.75 -27.78 13.12
CA VAL A 443 22.70 -28.48 12.38
C VAL A 443 21.42 -28.50 13.20
N ASP A 444 21.56 -28.55 14.53
CA ASP A 444 20.40 -28.65 15.42
C ASP A 444 19.57 -27.37 15.41
N THR A 445 20.21 -26.22 15.25
CA THR A 445 19.44 -24.99 15.31
C THR A 445 18.82 -24.63 13.98
N ILE A 446 19.60 -24.81 12.91
CA ILE A 446 19.17 -24.52 11.55
C ILE A 446 18.00 -25.42 11.16
N LEU A 447 18.08 -26.67 11.57
CA LEU A 447 17.01 -27.63 11.27
C LEU A 447 15.76 -27.10 11.93
N ASN A 448 15.92 -26.55 13.14
CA ASN A 448 14.81 -25.96 13.86
C ASN A 448 14.42 -24.62 13.26
N LEU A 449 15.39 -23.87 12.73
CA LEU A 449 15.06 -22.61 12.10
C LEU A 449 14.25 -22.83 10.83
N ILE A 450 14.54 -23.92 10.12
CA ILE A 450 13.74 -24.23 8.95
C ILE A 450 12.40 -24.85 9.37
N ARG A 451 12.37 -25.45 10.56
CA ARG A 451 11.11 -25.97 11.09
C ARG A 451 10.21 -24.84 11.55
N ILE A 452 10.76 -23.89 12.28
CA ILE A 452 9.95 -22.84 12.89
C ILE A 452 9.56 -21.79 11.86
N ALA A 453 10.55 -21.20 11.19
CA ALA A 453 10.27 -20.13 10.24
C ALA A 453 11.03 -20.33 8.95
N GLY A 454 10.89 -21.51 8.34
CA GLY A 454 11.68 -21.85 7.17
C GLY A 454 11.29 -21.11 5.90
N ASP A 455 10.20 -20.36 5.92
CA ASP A 455 9.82 -19.58 4.74
C ASP A 455 10.79 -18.44 4.50
N TYR A 456 11.44 -17.97 5.56
CA TYR A 456 12.33 -16.82 5.49
C TYR A 456 13.79 -17.25 5.51
N VAL A 457 14.04 -18.54 5.67
CA VAL A 457 15.38 -19.09 5.59
C VAL A 457 15.79 -19.09 4.13
N SER A 458 16.95 -18.54 3.85
CA SER A 458 17.42 -18.46 2.47
C SER A 458 17.86 -19.81 1.96
N GLU A 459 17.96 -19.92 0.64
CA GLU A 459 18.55 -21.11 0.05
C GLU A 459 20.07 -21.09 0.15
N GLU A 460 20.67 -20.00 0.64
CA GLU A 460 22.07 -20.01 0.99
C GLU A 460 22.28 -20.71 2.33
N VAL A 461 21.20 -20.88 3.09
CA VAL A 461 21.31 -21.37 4.46
C VAL A 461 21.06 -22.88 4.50
N TRP A 462 20.25 -23.41 3.56
CA TRP A 462 20.00 -24.84 3.50
C TRP A 462 21.28 -25.58 3.14
N TYR A 463 22.10 -24.95 2.32
CA TYR A 463 23.22 -25.64 1.70
C TYR A 463 24.28 -25.95 2.73
N ARG A 464 24.48 -25.04 3.69
CA ARG A 464 25.42 -25.34 4.75
C ARG A 464 24.82 -26.29 5.77
N VAL A 465 23.49 -26.44 5.81
CA VAL A 465 22.90 -27.52 6.60
C VAL A 465 23.25 -28.85 5.99
N ILE A 466 22.98 -28.99 4.69
CA ILE A 466 23.18 -30.27 4.03
C ILE A 466 24.67 -30.57 3.91
N GLN A 467 25.50 -29.56 3.65
CA GLN A 467 26.90 -29.86 3.42
C GLN A 467 27.64 -30.20 4.71
N ILE A 468 27.02 -29.95 5.86
CA ILE A 468 27.59 -30.44 7.10
C ILE A 468 27.07 -31.83 7.42
N VAL A 469 25.84 -32.13 7.00
CA VAL A 469 25.30 -33.46 7.17
C VAL A 469 25.97 -34.44 6.22
N ILE A 470 26.34 -33.98 5.01
CA ILE A 470 27.04 -34.86 4.07
C ILE A 470 28.49 -35.06 4.52
N ASN A 471 29.17 -33.98 4.93
CA ASN A 471 30.58 -34.08 5.30
C ASN A 471 30.80 -34.91 6.55
N ARG A 472 30.08 -34.62 7.62
CA ARG A 472 30.37 -35.23 8.92
C ARG A 472 29.59 -36.53 9.08
N ASP A 473 29.95 -37.30 10.10
CA ASP A 473 29.39 -38.63 10.28
C ASP A 473 28.34 -38.71 11.38
N ASP A 474 28.55 -38.08 12.53
CA ASP A 474 27.60 -38.26 13.62
C ASP A 474 26.45 -37.27 13.62
N VAL A 475 26.40 -36.31 12.70
CA VAL A 475 25.18 -35.55 12.47
C VAL A 475 24.34 -36.14 11.37
N GLN A 476 24.60 -37.37 10.96
CA GLN A 476 23.78 -37.99 9.94
C GLN A 476 22.55 -38.65 10.55
N GLY A 477 22.73 -39.30 11.69
CA GLY A 477 21.60 -39.95 12.34
C GLY A 477 20.68 -38.94 13.01
N TYR A 478 21.26 -37.87 13.55
CA TYR A 478 20.43 -36.89 14.26
C TYR A 478 19.64 -36.03 13.28
N ALA A 479 20.25 -35.66 12.15
CA ALA A 479 19.52 -34.86 11.17
C ALA A 479 18.54 -35.70 10.39
N ALA A 480 18.71 -37.02 10.40
CA ALA A 480 17.69 -37.89 9.84
C ALA A 480 16.48 -37.96 10.75
N LYS A 481 16.70 -37.88 12.07
CA LYS A 481 15.59 -37.87 13.01
C LYS A 481 14.89 -36.52 13.01
N THR A 482 15.66 -35.44 12.86
CA THR A 482 15.13 -34.10 13.09
C THR A 482 14.20 -33.68 11.96
N VAL A 483 14.53 -34.04 10.72
CA VAL A 483 13.64 -33.65 9.63
C VAL A 483 12.44 -34.58 9.55
N PHE A 484 12.57 -35.81 10.05
CA PHE A 484 11.43 -36.71 10.03
C PHE A 484 10.41 -36.33 11.10
N GLU A 485 10.90 -35.81 12.22
CA GLU A 485 9.98 -35.33 13.24
C GLU A 485 9.43 -33.95 12.86
N ALA A 486 10.08 -33.26 11.94
CA ALA A 486 9.58 -31.95 11.55
C ALA A 486 8.61 -32.04 10.38
N LEU A 487 8.73 -33.09 9.57
CA LEU A 487 7.82 -33.23 8.44
C LEU A 487 6.47 -33.82 8.85
N GLN A 488 6.35 -34.33 10.08
CA GLN A 488 5.09 -34.95 10.45
C GLN A 488 4.04 -33.93 10.86
N ALA A 489 4.42 -32.67 11.02
CA ALA A 489 3.42 -31.63 11.20
C ALA A 489 2.65 -31.43 9.91
N PRO A 490 1.33 -31.29 9.95
CA PRO A 490 0.57 -31.22 8.69
C PRO A 490 0.72 -29.92 7.95
N ALA A 491 1.34 -28.91 8.56
CA ALA A 491 1.57 -27.62 7.91
C ALA A 491 3.01 -27.16 8.05
N CYS A 492 3.96 -28.05 7.75
CA CYS A 492 5.37 -27.67 7.81
C CYS A 492 5.70 -26.75 6.63
N HIS A 493 6.77 -25.98 6.80
CA HIS A 493 7.11 -24.96 5.83
C HIS A 493 7.73 -25.60 4.60
N GLU A 494 7.77 -24.82 3.52
CA GLU A 494 8.04 -25.39 2.21
C GLU A 494 9.51 -25.74 2.04
N ASN A 495 10.39 -25.04 2.75
CA ASN A 495 11.81 -25.24 2.52
C ASN A 495 12.34 -26.45 3.26
N LEU A 496 11.65 -26.89 4.32
CA LEU A 496 12.10 -28.09 5.00
C LEU A 496 11.70 -29.33 4.22
N VAL A 497 10.69 -29.21 3.36
CA VAL A 497 10.34 -30.32 2.47
C VAL A 497 11.47 -30.56 1.49
N LYS A 498 12.18 -29.50 1.10
CA LYS A 498 13.39 -29.68 0.30
C LYS A 498 14.54 -30.22 1.15
N VAL A 499 14.72 -29.67 2.35
CA VAL A 499 15.83 -30.12 3.20
C VAL A 499 15.56 -31.52 3.73
N GLY A 500 14.33 -31.77 4.17
CA GLY A 500 14.00 -33.10 4.64
C GLY A 500 13.88 -34.11 3.52
N GLY A 501 13.45 -33.65 2.34
CA GLY A 501 13.34 -34.56 1.22
C GLY A 501 14.69 -34.99 0.68
N TYR A 502 15.72 -34.21 0.95
CA TYR A 502 17.05 -34.60 0.54
C TYR A 502 17.71 -35.48 1.59
N ILE A 503 17.62 -35.06 2.86
CA ILE A 503 18.35 -35.73 3.93
C ILE A 503 17.76 -37.10 4.21
N LEU A 504 16.43 -37.22 4.12
CA LEU A 504 15.82 -38.55 4.20
C LEU A 504 16.14 -39.38 2.98
N GLY A 505 16.45 -38.74 1.85
CA GLY A 505 16.85 -39.51 0.69
C GLY A 505 18.23 -40.10 0.84
N GLU A 506 19.17 -39.29 1.30
CA GLU A 506 20.56 -39.71 1.41
C GLU A 506 20.81 -40.49 2.70
N PHE A 507 20.09 -40.16 3.77
CA PHE A 507 20.30 -40.78 5.08
C PHE A 507 19.01 -41.36 5.64
N GLY A 508 18.23 -42.06 4.83
CA GLY A 508 17.00 -42.64 5.33
C GLY A 508 17.20 -43.97 6.01
N ASN A 509 18.28 -44.66 5.70
CA ASN A 509 18.49 -45.96 6.32
C ASN A 509 19.11 -45.88 7.70
N LEU A 510 19.27 -44.70 8.27
CA LEU A 510 19.70 -44.56 9.66
C LEU A 510 18.56 -44.46 10.63
N ILE A 511 17.34 -44.25 10.17
CA ILE A 511 16.18 -44.27 11.04
C ILE A 511 15.18 -45.36 10.67
N ALA A 512 15.63 -46.48 10.13
CA ALA A 512 14.78 -47.64 9.94
C ALA A 512 15.56 -48.91 10.19
N SER A 517 8.55 -44.23 10.86
CA SER A 517 9.76 -44.93 11.26
C SER A 517 10.20 -45.92 10.20
N SER A 518 9.25 -46.73 9.72
CA SER A 518 9.56 -47.72 8.70
C SER A 518 9.68 -47.03 7.34
N PRO A 519 10.35 -47.70 6.34
CA PRO A 519 10.40 -47.14 4.97
C PRO A 519 9.06 -46.81 4.35
N LEU A 520 8.03 -47.58 4.68
CA LEU A 520 6.70 -47.28 4.14
C LEU A 520 6.10 -46.03 4.78
N ILE A 521 6.61 -45.62 5.95
CA ILE A 521 6.15 -44.36 6.52
C ILE A 521 6.83 -43.19 5.84
N GLN A 522 8.13 -43.32 5.56
CA GLN A 522 8.91 -42.19 5.04
C GLN A 522 8.48 -41.83 3.63
N PHE A 523 8.17 -42.83 2.80
CA PHE A 523 7.69 -42.54 1.46
C PHE A 523 6.30 -41.95 1.50
N ASN A 524 5.43 -42.48 2.37
CA ASN A 524 4.07 -41.98 2.45
C ASN A 524 4.03 -40.61 3.11
N LEU A 525 5.05 -40.29 3.90
CA LEU A 525 5.15 -38.95 4.46
C LEU A 525 5.55 -37.95 3.38
N LEU A 526 6.57 -38.30 2.58
CA LEU A 526 7.04 -37.39 1.54
C LEU A 526 6.02 -37.26 0.43
N HIS A 527 5.34 -38.36 0.09
CA HIS A 527 4.37 -38.31 -0.99
C HIS A 527 3.11 -37.57 -0.55
N SER A 528 2.83 -37.52 0.75
CA SER A 528 1.81 -36.62 1.24
C SER A 528 2.24 -35.17 1.10
N LYS A 529 3.54 -34.90 1.21
CA LYS A 529 4.07 -33.56 1.02
C LYS A 529 4.38 -33.26 -0.43
N PHE A 530 4.21 -34.25 -1.31
CA PHE A 530 4.67 -34.14 -2.69
C PHE A 530 3.83 -33.16 -3.46
N HIS A 531 2.52 -33.23 -3.29
CA HIS A 531 1.62 -32.29 -3.92
C HIS A 531 1.59 -31.00 -3.11
N LEU A 532 0.76 -30.06 -3.56
CA LEU A 532 0.60 -28.70 -3.03
C LEU A 532 1.92 -27.94 -2.85
N CYS A 533 2.94 -28.29 -3.64
CA CYS A 533 4.25 -27.68 -3.55
C CYS A 533 4.70 -27.20 -4.91
N SER A 534 5.86 -26.54 -4.93
CA SER A 534 6.31 -25.86 -6.12
C SER A 534 6.96 -26.86 -7.09
N VAL A 535 7.59 -26.30 -8.13
CA VAL A 535 8.29 -27.13 -9.10
C VAL A 535 9.58 -27.75 -8.55
N PRO A 536 10.52 -26.99 -7.94
CA PRO A 536 11.76 -27.66 -7.51
C PRO A 536 11.60 -28.57 -6.30
N THR A 537 10.62 -28.28 -5.45
CA THR A 537 10.30 -29.20 -4.36
C THR A 537 9.80 -30.52 -4.91
N ARG A 538 8.86 -30.45 -5.85
CA ARG A 538 8.38 -31.65 -6.53
C ARG A 538 9.49 -32.29 -7.36
N ALA A 539 10.44 -31.48 -7.84
CA ALA A 539 11.59 -32.04 -8.52
C ALA A 539 12.50 -32.80 -7.57
N LEU A 540 12.84 -32.20 -6.43
CA LEU A 540 13.81 -32.79 -5.51
C LEU A 540 13.27 -34.03 -4.84
N LEU A 541 11.95 -34.10 -4.65
CA LEU A 541 11.34 -35.29 -4.08
C LEU A 541 11.38 -36.46 -5.05
N LEU A 542 11.41 -36.18 -6.36
CA LEU A 542 11.53 -37.27 -7.32
C LEU A 542 12.95 -37.84 -7.34
N SER A 543 13.94 -37.06 -6.92
CA SER A 543 15.26 -37.62 -6.74
C SER A 543 15.34 -38.43 -5.47
N THR A 544 14.45 -38.14 -4.51
CA THR A 544 14.40 -38.94 -3.29
C THR A 544 13.81 -40.31 -3.57
N TYR A 545 12.82 -40.38 -4.45
CA TYR A 545 12.04 -41.61 -4.61
C TYR A 545 12.87 -42.70 -5.28
N ILE A 546 13.96 -42.33 -5.93
CA ILE A 546 14.82 -43.35 -6.49
C ILE A 546 15.92 -43.72 -5.50
N LYS A 547 16.27 -42.83 -4.58
CA LYS A 547 17.25 -43.17 -3.55
C LYS A 547 16.67 -44.18 -2.57
N PHE A 548 15.35 -44.17 -2.40
CA PHE A 548 14.71 -45.18 -1.57
C PHE A 548 14.73 -46.54 -2.22
N VAL A 549 14.70 -46.59 -3.55
CA VAL A 549 14.72 -47.87 -4.26
C VAL A 549 16.06 -48.56 -4.06
N ASN A 550 17.14 -47.79 -4.02
CA ASN A 550 18.46 -48.37 -3.79
C ASN A 550 18.63 -48.79 -2.34
N LEU A 551 18.23 -47.93 -1.41
CA LEU A 551 18.46 -48.21 0.01
C LEU A 551 17.47 -49.22 0.56
N PHE A 552 16.20 -49.12 0.17
CA PHE A 552 15.10 -49.88 0.78
C PHE A 552 14.49 -50.76 -0.30
N PRO A 553 14.86 -52.04 -0.37
CA PRO A 553 14.37 -52.88 -1.48
C PRO A 553 12.90 -53.27 -1.39
N GLU A 554 12.25 -53.07 -0.25
CA GLU A 554 10.85 -53.50 -0.13
C GLU A 554 9.86 -52.38 -0.39
N VAL A 555 10.31 -51.16 -0.60
CA VAL A 555 9.39 -50.06 -0.88
C VAL A 555 9.34 -49.80 -2.38
N LYS A 556 10.10 -50.59 -3.16
CA LYS A 556 10.26 -50.41 -4.60
C LYS A 556 8.96 -50.53 -5.38
N ALA A 557 8.11 -51.48 -4.97
CA ALA A 557 6.86 -51.70 -5.68
C ALA A 557 5.89 -50.56 -5.44
N THR A 558 6.03 -49.86 -4.32
CA THR A 558 5.08 -48.80 -3.99
C THR A 558 5.52 -47.45 -4.51
N ILE A 559 6.78 -47.33 -4.96
CA ILE A 559 7.26 -46.07 -5.50
C ILE A 559 6.96 -45.98 -6.99
N GLN A 560 7.15 -47.09 -7.70
CA GLN A 560 6.94 -47.09 -9.15
C GLN A 560 5.47 -46.94 -9.50
N ASP A 561 4.57 -47.20 -8.56
CA ASP A 561 3.16 -46.91 -8.79
C ASP A 561 2.89 -45.41 -8.70
N VAL A 562 3.81 -44.64 -8.12
CA VAL A 562 3.78 -43.20 -8.28
C VAL A 562 4.47 -42.81 -9.58
N LEU A 563 5.64 -43.38 -9.84
CA LEU A 563 6.45 -42.94 -10.97
C LEU A 563 5.92 -43.42 -12.32
N ARG A 564 4.90 -44.28 -12.33
CA ARG A 564 4.24 -44.61 -13.58
C ARG A 564 2.93 -43.85 -13.78
N SER A 565 2.54 -43.00 -12.85
CA SER A 565 1.27 -42.31 -13.01
C SER A 565 1.43 -41.17 -14.01
N ASP A 566 0.31 -40.72 -14.55
CA ASP A 566 0.34 -39.68 -15.56
C ASP A 566 0.35 -38.29 -14.95
N SER A 567 0.36 -38.20 -13.62
CA SER A 567 0.69 -36.95 -12.96
C SER A 567 2.18 -36.76 -12.82
N GLN A 568 2.98 -37.75 -13.23
CA GLN A 568 4.43 -37.64 -13.18
C GLN A 568 5.06 -37.70 -14.57
N LEU A 569 4.82 -38.79 -15.30
CA LEU A 569 5.43 -38.96 -16.61
C LEU A 569 4.87 -37.98 -17.63
N LYS A 570 3.62 -37.58 -17.48
CA LYS A 570 2.98 -36.70 -18.44
C LYS A 570 2.81 -35.30 -17.90
N ASN A 571 3.77 -34.82 -17.11
CA ASN A 571 3.63 -33.54 -16.44
C ASN A 571 4.07 -32.42 -17.36
N ALA A 572 3.53 -31.22 -17.13
CA ALA A 572 3.63 -30.14 -18.11
C ALA A 572 5.03 -29.54 -18.18
N ASP A 573 5.65 -29.29 -17.04
CA ASP A 573 6.97 -28.69 -17.03
C ASP A 573 8.04 -29.75 -17.27
N VAL A 574 9.12 -29.34 -17.91
CA VAL A 574 9.99 -30.32 -18.56
C VAL A 574 10.88 -31.02 -17.55
N GLU A 575 11.12 -30.40 -16.40
CA GLU A 575 12.07 -30.98 -15.46
C GLU A 575 11.44 -32.14 -14.70
N LEU A 576 10.15 -32.04 -14.38
CA LEU A 576 9.48 -33.13 -13.69
C LEU A 576 9.32 -34.34 -14.60
N GLN A 577 9.11 -34.10 -15.89
CA GLN A 577 8.99 -35.21 -16.82
C GLN A 577 10.34 -35.87 -17.05
N GLN A 578 11.39 -35.06 -17.20
CA GLN A 578 12.72 -35.62 -17.45
C GLN A 578 13.25 -36.34 -16.23
N ARG A 579 12.81 -35.93 -15.05
CA ARG A 579 13.30 -36.59 -13.85
C ARG A 579 12.48 -37.83 -13.53
N ALA A 580 11.18 -37.82 -13.85
CA ALA A 580 10.35 -38.97 -13.50
C ALA A 580 10.47 -40.08 -14.52
N VAL A 581 10.79 -39.75 -15.78
CA VAL A 581 11.00 -40.81 -16.76
C VAL A 581 12.29 -41.55 -16.50
N GLU A 582 13.39 -40.81 -16.26
CA GLU A 582 14.67 -41.44 -15.97
C GLU A 582 14.64 -42.25 -14.68
N TYR A 583 13.98 -41.72 -13.66
CA TYR A 583 13.97 -42.43 -12.38
C TYR A 583 12.88 -43.49 -12.37
N LEU A 584 12.11 -43.58 -13.45
CA LEU A 584 11.35 -44.78 -13.69
C LEU A 584 12.21 -45.83 -14.35
N ARG A 585 13.05 -45.42 -15.31
CA ARG A 585 13.80 -46.40 -16.10
C ARG A 585 14.95 -47.01 -15.32
N LEU A 586 15.48 -46.33 -14.31
CA LEU A 586 16.60 -46.87 -13.56
C LEU A 586 16.20 -48.09 -12.76
N SER A 587 14.98 -48.10 -12.24
CA SER A 587 14.56 -49.21 -11.42
C SER A 587 13.67 -50.18 -12.18
N THR A 588 13.44 -49.95 -13.47
CA THR A 588 12.61 -50.84 -14.27
C THR A 588 13.43 -51.64 -15.28
N VAL A 589 14.36 -51.00 -15.98
CA VAL A 589 15.34 -51.71 -16.81
C VAL A 589 16.10 -52.70 -15.95
N ALA A 590 16.20 -53.95 -16.43
CA ALA A 590 16.64 -55.08 -15.61
C ALA A 590 18.09 -54.93 -15.21
N SER A 591 18.29 -54.41 -14.00
CA SER A 591 19.56 -53.88 -13.57
C SER A 591 19.48 -53.61 -12.08
N THR A 592 20.32 -54.29 -11.32
CA THR A 592 20.42 -54.03 -9.88
C THR A 592 21.82 -53.54 -9.56
N ASP A 593 22.81 -54.08 -10.26
CA ASP A 593 24.18 -53.64 -10.03
C ASP A 593 24.43 -52.25 -10.57
N ILE A 594 23.64 -51.82 -11.56
CA ILE A 594 23.85 -50.46 -12.06
C ILE A 594 23.16 -49.46 -11.14
N LEU A 595 22.06 -49.85 -10.50
CA LEU A 595 21.34 -48.90 -9.67
C LEU A 595 22.05 -48.68 -8.34
N ALA A 596 22.63 -49.74 -7.79
CA ALA A 596 23.42 -49.58 -6.57
C ALA A 596 24.70 -48.82 -6.85
N THR A 597 25.19 -48.89 -8.09
CA THR A 597 26.36 -48.10 -8.47
C THR A 597 25.98 -46.65 -8.69
N VAL A 598 24.95 -46.39 -9.50
CA VAL A 598 24.66 -45.01 -9.92
C VAL A 598 24.09 -44.20 -8.76
N LEU A 599 23.57 -44.85 -7.72
CA LEU A 599 23.07 -44.15 -6.54
C LEU A 599 23.84 -44.53 -5.28
N GLU A 600 25.15 -44.65 -5.39
CA GLU A 600 26.00 -44.84 -4.21
C GLU A 600 26.00 -43.56 -3.39
N GLU A 601 26.35 -43.69 -2.11
CA GLU A 601 26.47 -42.56 -1.19
C GLU A 601 27.45 -41.52 -1.72
N MET A 602 27.00 -40.28 -1.77
CA MET A 602 27.71 -39.27 -2.51
C MET A 602 28.95 -38.80 -1.76
N PRO A 603 30.02 -38.44 -2.47
CA PRO A 603 31.23 -38.01 -1.79
C PRO A 603 31.03 -36.69 -1.11
N PRO A 604 31.83 -36.39 -0.09
CA PRO A 604 31.69 -35.12 0.64
C PRO A 604 32.03 -33.91 -0.20
N PHE A 605 31.80 -32.75 0.36
CA PHE A 605 31.94 -31.59 -0.50
C PHE A 605 33.36 -31.03 -0.37
N PRO A 606 33.83 -30.25 -1.35
CA PRO A 606 35.03 -29.47 -1.11
C PRO A 606 34.76 -28.31 -0.17
N LYS B 5 -7.30 17.50 34.00
CA LYS B 5 -6.47 17.44 32.81
C LYS B 5 -6.52 18.75 32.05
N TYR B 6 -6.10 18.68 30.79
CA TYR B 6 -6.00 19.84 29.91
C TYR B 6 -6.95 19.65 28.75
N PHE B 7 -7.38 20.78 28.16
CA PHE B 7 -8.14 20.82 26.92
C PHE B 7 -9.48 20.11 26.99
N THR B 8 -10.04 19.97 28.18
CA THR B 8 -11.40 19.46 28.26
C THR B 8 -12.33 20.53 28.81
N THR B 9 -12.05 20.97 30.04
CA THR B 9 -12.46 22.20 30.70
C THR B 9 -13.95 22.26 31.06
N ASN B 10 -14.80 21.52 30.33
CA ASN B 10 -16.26 21.44 30.49
C ASN B 10 -16.96 22.80 30.58
N LYS B 11 -16.34 23.90 30.16
CA LYS B 11 -16.87 25.24 30.39
C LYS B 11 -16.79 26.15 29.19
N LYS B 12 -15.87 25.88 28.26
CA LYS B 12 -15.79 26.64 27.03
C LYS B 12 -15.18 25.75 25.97
N GLY B 13 -14.96 26.32 24.80
CA GLY B 13 -14.47 25.56 23.67
C GLY B 13 -15.59 25.16 22.74
N GLU B 14 -15.39 24.02 22.10
CA GLU B 14 -16.37 23.56 21.12
C GLU B 14 -17.61 22.98 21.81
N ILE B 15 -17.44 22.45 23.02
CA ILE B 15 -18.53 21.72 23.66
C ILE B 15 -19.54 22.68 24.28
N PHE B 16 -19.07 23.67 25.02
CA PHE B 16 -19.99 24.60 25.67
C PHE B 16 -20.67 25.52 24.67
N GLU B 17 -20.07 25.72 23.51
CA GLU B 17 -20.79 26.41 22.45
C GLU B 17 -21.91 25.53 21.89
N LEU B 18 -21.73 24.21 21.94
CA LEU B 18 -22.79 23.32 21.47
C LEU B 18 -23.85 23.09 22.55
N LYS B 19 -23.45 23.02 23.82
CA LYS B 19 -24.42 22.81 24.88
C LYS B 19 -25.27 24.05 25.11
N ALA B 20 -24.81 25.20 24.63
CA ALA B 20 -25.67 26.37 24.61
C ALA B 20 -26.67 26.30 23.47
N GLU B 21 -26.31 25.61 22.38
CA GLU B 21 -27.21 25.54 21.24
C GLU B 21 -28.14 24.33 21.33
N LEU B 22 -27.70 23.25 21.97
CA LEU B 22 -28.60 22.12 22.17
C LEU B 22 -29.69 22.45 23.19
N ASN B 23 -29.41 23.39 24.09
CA ASN B 23 -30.41 23.84 25.06
C ASN B 23 -31.11 25.11 24.61
N ASN B 24 -30.91 25.51 23.36
CA ASN B 24 -31.66 26.63 22.79
C ASN B 24 -33.09 26.16 22.52
N GLU B 25 -34.08 26.98 22.86
CA GLU B 25 -35.46 26.50 22.84
C GLU B 25 -36.04 26.48 21.44
N LYS B 26 -35.58 27.37 20.56
CA LYS B 26 -36.11 27.39 19.20
C LYS B 26 -35.48 26.27 18.38
N LYS B 27 -36.31 25.55 17.63
CA LYS B 27 -35.87 24.33 16.98
C LYS B 27 -35.12 24.61 15.69
N GLU B 28 -35.04 25.88 15.28
CA GLU B 28 -34.23 26.22 14.13
C GLU B 28 -32.74 26.07 14.41
N LYS B 29 -32.33 26.36 15.64
CA LYS B 29 -30.92 26.19 16.02
C LYS B 29 -30.63 24.80 16.54
N ARG B 30 -31.68 24.07 16.97
CA ARG B 30 -31.48 22.71 17.43
C ARG B 30 -31.04 21.80 16.30
N LYS B 31 -31.67 21.93 15.13
CA LYS B 31 -31.34 21.08 14.00
C LYS B 31 -29.94 21.37 13.49
N GLU B 32 -29.53 22.64 13.54
CA GLU B 32 -28.19 22.98 13.08
C GLU B 32 -27.14 22.64 14.13
N ALA B 33 -27.57 22.38 15.37
CA ALA B 33 -26.61 22.00 16.40
C ALA B 33 -26.34 20.51 16.37
N VAL B 34 -27.37 19.70 16.11
CA VAL B 34 -27.17 18.26 16.09
C VAL B 34 -26.40 17.85 14.84
N LYS B 35 -26.57 18.60 13.75
CA LYS B 35 -25.80 18.33 12.52
C LYS B 35 -24.32 18.58 12.73
N LYS B 36 -23.97 19.54 13.59
CA LYS B 36 -22.56 19.76 13.87
C LYS B 36 -22.00 18.68 14.78
N VAL B 37 -22.86 18.03 15.58
CA VAL B 37 -22.38 16.96 16.43
C VAL B 37 -22.06 15.73 15.60
N ILE B 38 -22.95 15.39 14.66
CA ILE B 38 -22.78 14.19 13.83
C ILE B 38 -21.55 14.32 12.95
N ALA B 39 -21.28 15.53 12.47
CA ALA B 39 -20.06 15.75 11.71
C ALA B 39 -18.84 15.78 12.62
N ALA B 40 -19.04 15.97 13.92
CA ALA B 40 -17.92 15.91 14.86
C ALA B 40 -17.65 14.49 15.29
N MET B 41 -18.58 13.57 15.06
CA MET B 41 -18.35 12.19 15.45
C MET B 41 -17.45 11.47 14.45
N THR B 42 -17.58 11.82 13.18
CA THR B 42 -16.87 11.08 12.14
C THR B 42 -15.39 11.40 12.14
N VAL B 43 -15.02 12.63 12.51
CA VAL B 43 -13.61 12.98 12.60
C VAL B 43 -12.97 12.30 13.81
N GLY B 44 -13.71 12.16 14.90
CA GLY B 44 -13.22 11.43 16.04
C GLY B 44 -13.26 12.20 17.34
N LYS B 45 -13.96 13.33 17.34
CA LYS B 45 -14.02 14.18 18.52
C LYS B 45 -14.85 13.54 19.62
N ASP B 46 -14.46 13.80 20.86
CA ASP B 46 -15.19 13.30 22.03
C ASP B 46 -16.46 14.13 22.18
N VAL B 47 -17.60 13.53 21.84
CA VAL B 47 -18.88 14.19 22.02
C VAL B 47 -19.72 13.38 22.99
N SER B 48 -19.07 12.51 23.78
CA SER B 48 -19.79 11.69 24.73
C SER B 48 -20.33 12.49 25.92
N SER B 49 -19.85 13.72 26.12
CA SER B 49 -20.43 14.60 27.12
C SER B 49 -21.68 15.31 26.61
N LEU B 50 -21.93 15.28 25.31
CA LEU B 50 -23.12 15.84 24.73
C LEU B 50 -24.30 14.90 24.78
N PHE B 51 -24.08 13.67 25.25
CA PHE B 51 -25.08 12.59 25.09
C PHE B 51 -26.37 12.79 25.88
N PRO B 52 -26.40 13.22 27.15
CA PRO B 52 -27.71 13.46 27.77
C PRO B 52 -28.37 14.76 27.35
N ASP B 53 -27.74 15.55 26.48
CA ASP B 53 -28.38 16.77 26.01
C ASP B 53 -28.98 16.61 24.62
N VAL B 54 -28.40 15.74 23.79
CA VAL B 54 -28.99 15.48 22.48
C VAL B 54 -30.30 14.75 22.62
N VAL B 55 -30.39 13.83 23.59
CA VAL B 55 -31.59 13.05 23.81
C VAL B 55 -32.71 13.90 24.40
N ASN B 56 -32.40 15.10 24.89
CA ASN B 56 -33.46 16.03 25.27
C ASN B 56 -34.10 16.67 24.05
N CYS B 57 -33.47 16.59 22.88
CA CYS B 57 -34.11 17.07 21.67
C CYS B 57 -35.09 16.07 21.08
N MET B 58 -35.20 14.87 21.65
CA MET B 58 -36.20 13.92 21.18
C MET B 58 -37.60 14.30 21.61
N GLN B 59 -37.76 15.02 22.72
CA GLN B 59 -39.07 15.50 23.12
C GLN B 59 -39.48 16.63 22.17
N THR B 60 -40.04 16.22 21.04
CA THR B 60 -40.34 17.12 19.95
C THR B 60 -41.39 16.47 19.06
N ASP B 61 -41.83 17.20 18.04
CA ASP B 61 -42.72 16.68 17.02
C ASP B 61 -42.17 16.89 15.61
N ASN B 62 -41.05 17.58 15.46
CA ASN B 62 -40.47 17.87 14.15
C ASN B 62 -39.73 16.62 13.70
N LEU B 63 -40.03 16.19 12.47
CA LEU B 63 -39.51 14.92 11.97
C LEU B 63 -38.02 15.01 11.64
N GLU B 64 -37.58 16.19 11.18
CA GLU B 64 -36.19 16.35 10.79
C GLU B 64 -35.28 16.33 12.01
N LEU B 65 -35.83 16.65 13.18
CA LEU B 65 -35.03 16.67 14.41
C LEU B 65 -34.81 15.28 14.96
N LYS B 66 -35.83 14.41 14.91
CA LYS B 66 -35.67 13.09 15.49
C LYS B 66 -34.76 12.20 14.66
N LYS B 67 -34.72 12.42 13.34
CA LYS B 67 -33.80 11.62 12.53
C LYS B 67 -32.36 12.03 12.78
N LEU B 68 -32.14 13.27 13.21
CA LEU B 68 -30.78 13.71 13.48
C LEU B 68 -30.31 13.20 14.83
N VAL B 69 -31.22 13.03 15.79
CA VAL B 69 -30.82 12.43 17.05
C VAL B 69 -30.58 10.94 16.86
N TYR B 70 -31.36 10.30 15.99
CA TYR B 70 -31.23 8.86 15.80
C TYR B 70 -29.91 8.49 15.15
N LEU B 71 -29.40 9.35 14.27
CA LEU B 71 -28.06 9.11 13.73
C LEU B 71 -27.00 9.29 14.80
N TYR B 72 -27.25 10.20 15.74
CA TYR B 72 -26.38 10.29 16.89
C TYR B 72 -26.56 9.09 17.80
N LEU B 73 -27.77 8.51 17.79
CA LEU B 73 -27.99 7.30 18.58
C LEU B 73 -27.60 6.05 17.80
N MET B 74 -27.49 6.15 16.47
CA MET B 74 -27.13 4.97 15.69
C MET B 74 -25.65 4.69 15.77
N ASN B 75 -24.82 5.73 15.75
CA ASN B 75 -23.38 5.51 15.82
C ASN B 75 -22.98 5.04 17.20
N TYR B 76 -23.75 5.40 18.22
CA TYR B 76 -23.50 4.89 19.56
C TYR B 76 -24.26 3.61 19.83
N ALA B 77 -25.09 3.15 18.89
CA ALA B 77 -25.75 1.87 19.06
C ALA B 77 -24.81 0.71 18.77
N LYS B 78 -23.72 0.98 18.07
CA LYS B 78 -22.83 -0.10 17.64
C LYS B 78 -21.41 0.07 18.19
N SER B 79 -20.94 1.32 18.27
CA SER B 79 -19.58 1.55 18.75
C SER B 79 -19.48 1.43 20.27
N GLN B 80 -20.37 2.10 21.01
CA GLN B 80 -20.36 2.07 22.47
C GLN B 80 -21.77 1.74 22.95
N PRO B 81 -22.11 0.44 22.98
CA PRO B 81 -23.51 0.05 23.19
C PRO B 81 -24.04 0.34 24.59
N ASP B 82 -23.17 0.34 25.59
CA ASP B 82 -23.59 0.57 26.97
C ASP B 82 -23.98 2.02 27.24
N MET B 83 -23.76 2.94 26.31
CA MET B 83 -24.29 4.28 26.40
C MET B 83 -25.64 4.43 25.72
N ALA B 84 -25.89 3.69 24.63
CA ALA B 84 -27.13 3.87 23.88
C ALA B 84 -28.33 3.34 24.64
N ILE B 85 -28.10 2.50 25.65
CA ILE B 85 -29.17 2.00 26.50
C ILE B 85 -29.70 3.08 27.43
N MET B 86 -29.00 4.21 27.56
CA MET B 86 -29.50 5.32 28.36
C MET B 86 -30.73 5.97 27.72
N ALA B 87 -30.93 5.78 26.42
CA ALA B 87 -32.01 6.43 25.71
C ALA B 87 -33.17 5.50 25.39
N VAL B 88 -33.26 4.34 26.04
CA VAL B 88 -34.24 3.35 25.60
C VAL B 88 -35.64 3.71 26.07
N ASN B 89 -35.76 4.57 27.07
CA ASN B 89 -37.09 4.90 27.59
C ASN B 89 -37.80 5.92 26.72
N SER B 90 -37.10 6.54 25.77
CA SER B 90 -37.76 7.38 24.77
C SER B 90 -37.88 6.68 23.43
N PHE B 91 -37.20 5.55 23.25
CA PHE B 91 -37.42 4.71 22.08
C PHE B 91 -38.81 4.12 22.07
N VAL B 92 -39.24 3.53 23.18
CA VAL B 92 -40.54 2.85 23.19
C VAL B 92 -41.69 3.84 23.25
N LYS B 93 -41.41 5.11 23.52
CA LYS B 93 -42.41 6.14 23.27
C LYS B 93 -42.58 6.36 21.78
N ASP B 94 -41.50 6.21 21.01
CA ASP B 94 -41.57 6.47 19.58
C ASP B 94 -42.02 5.23 18.81
N CYS B 95 -42.30 4.12 19.51
CA CYS B 95 -42.90 2.98 18.82
C CYS B 95 -44.42 3.02 18.89
N GLU B 96 -44.99 4.14 19.31
CA GLU B 96 -46.43 4.25 19.46
C GLU B 96 -47.01 5.50 18.83
N ASP B 97 -46.18 6.47 18.47
CA ASP B 97 -46.68 7.71 17.89
C ASP B 97 -47.05 7.52 16.43
N PRO B 98 -47.90 8.38 15.88
CA PRO B 98 -48.11 8.37 14.43
C PRO B 98 -46.92 8.94 13.69
N ASN B 99 -47.13 9.20 12.38
CA ASN B 99 -46.11 9.46 11.38
C ASN B 99 -45.19 8.26 11.39
N PRO B 100 -45.63 7.14 10.82
CA PRO B 100 -44.96 5.85 11.08
C PRO B 100 -43.59 5.69 10.44
N LEU B 101 -42.98 6.75 9.91
CA LEU B 101 -41.53 6.73 9.76
C LEU B 101 -40.85 6.54 11.10
N ILE B 102 -41.32 7.25 12.13
CA ILE B 102 -40.70 7.22 13.45
C ILE B 102 -40.93 5.87 14.11
N ARG B 103 -42.04 5.20 13.79
CA ARG B 103 -42.21 3.80 14.16
C ARG B 103 -41.11 2.93 13.58
N ALA B 104 -40.71 3.21 12.35
CA ALA B 104 -39.70 2.39 11.72
C ALA B 104 -38.30 2.85 12.11
N LEU B 105 -38.19 4.07 12.64
CA LEU B 105 -36.89 4.57 13.06
C LEU B 105 -36.49 4.01 14.42
N ALA B 106 -37.44 3.89 15.34
CA ALA B 106 -37.12 3.42 16.66
C ALA B 106 -36.83 1.92 16.65
N VAL B 107 -37.54 1.17 15.82
CA VAL B 107 -37.35 -0.27 15.75
C VAL B 107 -36.05 -0.60 15.02
N ARG B 108 -35.66 0.25 14.07
CA ARG B 108 -34.36 0.07 13.41
C ARG B 108 -33.22 0.35 14.38
N THR B 109 -33.40 1.33 15.27
CA THR B 109 -32.29 1.74 16.13
C THR B 109 -32.12 0.79 17.30
N MET B 110 -33.22 0.32 17.87
CA MET B 110 -33.15 -0.64 18.97
C MET B 110 -32.63 -1.98 18.50
N GLY B 111 -32.73 -2.27 17.21
CA GLY B 111 -32.19 -3.52 16.71
C GLY B 111 -30.67 -3.51 16.65
N CYS B 112 -30.06 -2.33 16.58
CA CYS B 112 -28.62 -2.28 16.44
C CYS B 112 -27.91 -2.31 17.78
N ILE B 113 -28.62 -2.08 18.88
CA ILE B 113 -28.00 -2.06 20.20
C ILE B 113 -27.71 -3.47 20.67
N ARG B 114 -26.43 -3.81 20.82
CA ARG B 114 -26.01 -5.16 21.18
C ARG B 114 -25.81 -5.23 22.71
N VAL B 115 -26.91 -5.03 23.41
CA VAL B 115 -27.00 -5.24 24.85
C VAL B 115 -28.15 -6.22 25.06
N ASP B 116 -28.04 -7.11 26.04
CA ASP B 116 -29.10 -8.08 26.27
C ASP B 116 -30.27 -7.45 27.03
N LYS B 117 -30.17 -6.18 27.39
CA LYS B 117 -31.23 -5.54 28.17
C LYS B 117 -32.33 -4.94 27.30
N ILE B 118 -32.15 -4.91 25.98
CA ILE B 118 -33.21 -4.34 25.14
C ILE B 118 -34.33 -5.35 24.91
N THR B 119 -34.12 -6.62 25.24
CA THR B 119 -35.04 -7.67 24.82
C THR B 119 -36.39 -7.59 25.53
N GLU B 120 -36.43 -7.08 26.77
CA GLU B 120 -37.73 -6.84 27.38
C GLU B 120 -38.32 -5.51 26.96
N TYR B 121 -37.54 -4.68 26.28
CA TYR B 121 -38.00 -3.42 25.71
C TYR B 121 -38.23 -3.49 24.21
N LEU B 122 -37.85 -4.58 23.55
CA LEU B 122 -38.02 -4.67 22.11
C LEU B 122 -39.02 -5.74 21.70
N CYS B 123 -39.16 -6.80 22.52
CA CYS B 123 -40.02 -7.91 22.16
C CYS B 123 -41.50 -7.53 22.14
N GLU B 124 -41.91 -6.55 22.93
CA GLU B 124 -43.28 -6.08 22.82
C GLU B 124 -43.49 -5.05 21.69
N PRO B 125 -42.63 -4.04 21.47
CA PRO B 125 -42.89 -3.17 20.31
C PRO B 125 -42.56 -3.77 18.96
N LEU B 126 -41.93 -4.95 18.89
CA LEU B 126 -41.92 -5.64 17.61
C LEU B 126 -43.30 -6.17 17.26
N ARG B 127 -44.05 -6.61 18.26
CA ARG B 127 -45.33 -7.27 17.99
C ARG B 127 -46.40 -6.27 17.56
N LYS B 128 -46.26 -5.02 17.93
CA LYS B 128 -47.19 -4.05 17.36
C LYS B 128 -46.72 -3.63 15.97
N CYS B 129 -45.43 -3.68 15.72
CA CYS B 129 -44.95 -3.27 14.40
C CYS B 129 -45.16 -4.35 13.34
N LEU B 130 -45.12 -5.63 13.72
CA LEU B 130 -45.38 -6.68 12.74
C LEU B 130 -46.84 -6.76 12.34
N LYS B 131 -47.74 -6.08 13.06
CA LYS B 131 -49.12 -5.95 12.64
C LYS B 131 -49.49 -4.50 12.39
N ASP B 132 -48.56 -3.69 11.90
CA ASP B 132 -48.87 -2.29 11.64
C ASP B 132 -49.51 -2.15 10.25
N GLU B 133 -50.29 -1.09 10.08
CA GLU B 133 -51.06 -0.97 8.85
C GLU B 133 -50.27 -0.28 7.74
N ASP B 134 -49.23 0.50 8.08
CA ASP B 134 -48.38 1.08 7.04
C ASP B 134 -47.22 0.12 6.81
N PRO B 135 -47.07 -0.43 5.61
CA PRO B 135 -46.07 -1.49 5.41
C PRO B 135 -44.66 -1.00 5.21
N TYR B 136 -44.34 0.26 5.52
CA TYR B 136 -42.93 0.60 5.68
C TYR B 136 -42.44 0.14 7.05
N VAL B 137 -43.35 -0.02 7.99
CA VAL B 137 -42.98 -0.43 9.33
C VAL B 137 -42.71 -1.93 9.36
N ARG B 138 -43.50 -2.73 8.63
CA ARG B 138 -43.23 -4.15 8.56
C ARG B 138 -42.00 -4.45 7.72
N LYS B 139 -41.53 -3.48 6.93
CA LYS B 139 -40.34 -3.71 6.14
C LYS B 139 -39.10 -3.70 7.01
N THR B 140 -39.15 -2.98 8.14
CA THR B 140 -38.02 -3.00 9.04
C THR B 140 -38.31 -3.69 10.36
N ALA B 141 -39.57 -4.01 10.65
CA ALA B 141 -39.82 -4.87 11.79
C ALA B 141 -39.50 -6.31 11.44
N ALA B 142 -39.58 -6.67 10.17
CA ALA B 142 -39.21 -8.02 9.76
C ALA B 142 -37.70 -8.18 9.72
N VAL B 143 -36.97 -7.08 9.53
CA VAL B 143 -35.51 -7.22 9.55
C VAL B 143 -35.01 -7.05 10.97
N CYS B 144 -35.83 -6.52 11.87
CA CYS B 144 -35.40 -6.41 13.26
C CYS B 144 -35.44 -7.77 13.94
N VAL B 145 -36.29 -8.67 13.46
CA VAL B 145 -36.31 -10.04 13.96
C VAL B 145 -35.02 -10.75 13.61
N ALA B 146 -34.45 -10.42 12.46
CA ALA B 146 -33.12 -10.95 12.14
C ALA B 146 -32.04 -10.16 12.85
N LYS B 147 -32.38 -8.98 13.37
CA LYS B 147 -31.43 -8.25 14.22
C LYS B 147 -31.54 -8.71 15.66
N LEU B 148 -32.71 -9.19 16.06
CA LEU B 148 -32.87 -9.68 17.43
C LEU B 148 -32.20 -11.03 17.58
N HIS B 149 -32.09 -11.78 16.49
CA HIS B 149 -31.47 -13.10 16.55
C HIS B 149 -29.97 -13.00 16.67
N ASP B 150 -29.37 -11.98 16.08
CA ASP B 150 -27.92 -11.85 16.15
C ASP B 150 -27.48 -11.37 17.52
N ILE B 151 -28.33 -10.58 18.19
CA ILE B 151 -28.23 -10.40 19.63
C ILE B 151 -28.42 -11.75 20.29
N ASN B 152 -27.62 -12.02 21.32
CA ASN B 152 -27.49 -13.35 21.93
C ASN B 152 -28.81 -13.70 22.62
N ALA B 153 -29.77 -14.11 21.79
CA ALA B 153 -31.12 -14.39 22.18
C ALA B 153 -31.56 -15.63 21.40
N GLN B 154 -31.35 -16.79 22.03
CA GLN B 154 -31.96 -18.03 21.55
C GLN B 154 -33.47 -17.87 21.51
N MET B 155 -34.05 -17.51 22.66
CA MET B 155 -35.30 -16.74 22.74
C MET B 155 -36.48 -17.45 22.12
N VAL B 156 -37.06 -18.43 22.82
CA VAL B 156 -38.30 -19.08 22.38
C VAL B 156 -39.44 -18.07 22.18
N GLU B 157 -39.37 -16.90 22.83
CA GLU B 157 -40.21 -15.77 22.47
C GLU B 157 -39.98 -15.33 21.03
N ASP B 158 -38.73 -15.36 20.56
CA ASP B 158 -38.46 -15.09 19.14
C ASP B 158 -38.85 -16.28 18.27
N GLN B 159 -38.97 -17.46 18.87
CA GLN B 159 -39.64 -18.55 18.18
C GLN B 159 -41.15 -18.36 18.18
N GLY B 160 -41.64 -17.40 18.98
CA GLY B 160 -42.98 -16.87 18.74
C GLY B 160 -42.99 -15.75 17.72
N PHE B 161 -41.81 -15.20 17.40
CA PHE B 161 -41.73 -14.19 16.34
C PHE B 161 -41.65 -14.83 14.96
N LEU B 162 -41.01 -16.00 14.85
CA LEU B 162 -40.91 -16.67 13.55
C LEU B 162 -42.25 -17.21 13.11
N ASP B 163 -43.20 -17.32 14.03
CA ASP B 163 -44.57 -17.59 13.65
C ASP B 163 -45.20 -16.41 12.92
N SER B 164 -44.68 -15.20 13.16
CA SER B 164 -45.20 -14.03 12.47
C SER B 164 -44.52 -13.81 11.13
N LEU B 165 -43.23 -14.13 11.03
CA LEU B 165 -42.51 -13.93 9.77
C LEU B 165 -43.01 -14.86 8.68
N ARG B 166 -43.36 -16.09 9.03
CA ARG B 166 -43.92 -17.00 8.04
C ARG B 166 -45.30 -16.54 7.60
N ASP B 167 -46.00 -15.79 8.46
CA ASP B 167 -47.23 -15.15 8.02
C ASP B 167 -46.91 -13.95 7.14
N LEU B 168 -45.73 -13.33 7.31
CA LEU B 168 -45.44 -12.14 6.50
C LEU B 168 -45.08 -12.50 5.07
N ILE B 169 -44.79 -13.76 4.79
CA ILE B 169 -44.52 -14.16 3.41
C ILE B 169 -45.79 -14.04 2.57
N ALA B 170 -46.93 -14.38 3.15
CA ALA B 170 -48.21 -14.22 2.46
C ALA B 170 -48.82 -12.86 2.81
N ASP B 171 -48.09 -11.81 2.46
CA ASP B 171 -48.59 -10.44 2.62
C ASP B 171 -48.99 -9.86 1.28
N SER B 172 -49.43 -8.60 1.35
CA SER B 172 -49.95 -7.92 0.18
C SER B 172 -48.94 -6.97 -0.45
N ASN B 173 -48.10 -6.33 0.36
CA ASN B 173 -47.08 -5.44 -0.20
C ASN B 173 -45.81 -6.23 -0.37
N PRO B 174 -45.28 -6.36 -1.58
CA PRO B 174 -44.10 -7.22 -1.77
C PRO B 174 -42.79 -6.60 -1.35
N MET B 175 -42.78 -5.38 -0.80
CA MET B 175 -41.54 -4.93 -0.17
C MET B 175 -41.44 -5.44 1.26
N VAL B 176 -42.52 -6.02 1.78
CA VAL B 176 -42.45 -6.72 3.06
C VAL B 176 -41.86 -8.10 2.85
N VAL B 177 -42.27 -8.77 1.77
CA VAL B 177 -41.83 -10.13 1.48
C VAL B 177 -40.38 -10.11 0.98
N ALA B 178 -39.89 -8.94 0.61
CA ALA B 178 -38.48 -8.78 0.30
C ALA B 178 -37.61 -9.03 1.53
N ASN B 179 -38.00 -8.47 2.68
CA ASN B 179 -37.20 -8.68 3.89
C ASN B 179 -37.63 -9.92 4.66
N ALA B 180 -38.92 -10.24 4.65
CA ALA B 180 -39.40 -11.39 5.40
C ALA B 180 -38.83 -12.70 4.88
N VAL B 181 -38.51 -12.77 3.59
CA VAL B 181 -37.82 -13.93 3.06
C VAL B 181 -36.32 -13.78 3.29
N ALA B 182 -35.83 -12.54 3.30
CA ALA B 182 -34.41 -12.32 3.52
C ALA B 182 -34.03 -12.58 4.98
N ALA B 183 -34.92 -12.26 5.92
CA ALA B 183 -34.66 -12.57 7.32
C ALA B 183 -34.77 -14.06 7.57
N LEU B 184 -35.79 -14.71 6.99
CA LEU B 184 -35.97 -16.13 7.21
C LEU B 184 -34.94 -16.97 6.48
N SER B 185 -34.22 -16.39 5.52
CA SER B 185 -33.09 -17.10 4.95
C SER B 185 -31.88 -17.03 5.87
N GLU B 186 -31.62 -15.85 6.43
CA GLU B 186 -30.43 -15.69 7.25
C GLU B 186 -30.62 -16.25 8.65
N ILE B 187 -31.85 -16.26 9.17
CA ILE B 187 -32.07 -16.87 10.48
C ILE B 187 -32.15 -18.38 10.35
N SER B 188 -32.22 -18.89 9.11
CA SER B 188 -32.22 -20.33 8.89
C SER B 188 -30.84 -20.94 9.04
N GLU B 189 -29.82 -20.15 9.37
CA GLU B 189 -28.53 -20.73 9.71
C GLU B 189 -28.55 -21.34 11.11
N SER B 190 -29.52 -20.96 11.93
CA SER B 190 -29.76 -21.60 13.22
C SER B 190 -30.60 -22.85 13.04
N ASN B 195 -37.08 -24.97 9.50
CA ASN B 195 -37.30 -23.56 9.22
C ASN B 195 -37.56 -23.42 7.72
N LEU B 196 -38.24 -22.32 7.34
CA LEU B 196 -38.66 -22.06 5.95
C LEU B 196 -39.49 -23.21 5.40
N LEU B 197 -40.69 -23.37 5.96
CA LEU B 197 -41.56 -24.48 5.61
C LEU B 197 -41.98 -24.33 4.16
N ASP B 198 -41.33 -25.09 3.28
CA ASP B 198 -41.51 -24.91 1.84
C ASP B 198 -42.68 -25.78 1.37
N LEU B 199 -43.88 -25.33 1.74
CA LEU B 199 -45.10 -26.02 1.39
C LEU B 199 -45.36 -25.84 -0.10
N ASN B 200 -45.50 -26.95 -0.80
CA ASN B 200 -45.68 -26.91 -2.26
C ASN B 200 -46.97 -26.23 -2.72
N PRO B 201 -48.17 -26.47 -2.14
CA PRO B 201 -49.33 -25.72 -2.65
C PRO B 201 -49.37 -24.25 -2.26
N GLN B 202 -48.85 -23.88 -1.10
CA GLN B 202 -49.12 -22.54 -0.61
C GLN B 202 -47.91 -21.63 -0.61
N ASN B 203 -46.78 -22.08 -0.05
CA ASN B 203 -45.65 -21.17 0.10
C ASN B 203 -44.97 -20.86 -1.23
N ILE B 204 -44.68 -21.88 -2.03
CA ILE B 204 -43.96 -21.67 -3.28
C ILE B 204 -44.83 -20.92 -4.28
N ASN B 205 -46.13 -21.17 -4.26
CA ASN B 205 -47.03 -20.44 -5.15
C ASN B 205 -47.14 -18.99 -4.69
N LYS B 206 -46.95 -18.73 -3.40
CA LYS B 206 -47.02 -17.35 -2.93
C LYS B 206 -45.66 -16.66 -3.01
N LEU B 207 -44.56 -17.43 -2.95
CA LEU B 207 -43.25 -16.84 -3.22
C LEU B 207 -43.13 -16.38 -4.65
N LEU B 208 -43.70 -17.14 -5.59
CA LEU B 208 -43.51 -16.79 -7.00
C LEU B 208 -44.47 -15.67 -7.43
N THR B 209 -45.66 -15.60 -6.82
CA THR B 209 -46.49 -14.43 -7.06
C THR B 209 -45.92 -13.20 -6.39
N ALA B 210 -45.11 -13.39 -5.36
CA ALA B 210 -44.34 -12.26 -4.84
C ALA B 210 -43.23 -11.88 -5.81
N LEU B 211 -42.65 -12.87 -6.48
CA LEU B 211 -41.44 -12.68 -7.28
C LEU B 211 -41.68 -11.77 -8.47
N ASN B 212 -42.85 -11.85 -9.09
CA ASN B 212 -43.15 -10.98 -10.21
C ASN B 212 -43.55 -9.57 -9.77
N GLU B 213 -43.59 -9.30 -8.46
CA GLU B 213 -44.05 -8.03 -7.95
C GLU B 213 -43.04 -7.30 -7.07
N CYS B 214 -41.98 -7.98 -6.64
CA CYS B 214 -41.09 -7.39 -5.64
C CYS B 214 -40.22 -6.30 -6.25
N THR B 215 -39.36 -5.76 -5.38
CA THR B 215 -38.30 -4.84 -5.77
C THR B 215 -37.22 -5.60 -6.51
N GLU B 216 -36.22 -4.88 -7.00
CA GLU B 216 -35.14 -5.58 -7.68
C GLU B 216 -34.15 -6.20 -6.70
N TRP B 217 -34.39 -6.09 -5.40
CA TRP B 217 -33.59 -6.74 -4.36
C TRP B 217 -34.33 -7.90 -3.73
N GLY B 218 -35.65 -7.83 -3.61
CA GLY B 218 -36.41 -8.95 -3.07
C GLY B 218 -36.48 -10.11 -4.05
N GLN B 219 -36.25 -9.83 -5.33
CA GLN B 219 -36.17 -10.88 -6.33
C GLN B 219 -34.80 -11.51 -6.35
N ILE B 220 -33.91 -11.06 -5.48
CA ILE B 220 -32.66 -11.77 -5.24
C ILE B 220 -32.83 -12.74 -4.08
N PHE B 221 -33.48 -12.28 -3.00
CA PHE B 221 -33.55 -13.09 -1.79
C PHE B 221 -34.54 -14.24 -1.95
N ILE B 222 -35.56 -14.07 -2.78
CA ILE B 222 -36.46 -15.18 -3.07
C ILE B 222 -35.74 -16.25 -3.89
N LEU B 223 -34.97 -15.83 -4.89
CA LEU B 223 -34.27 -16.81 -5.71
C LEU B 223 -33.09 -17.41 -4.97
N ASP B 224 -32.58 -16.71 -3.96
CA ASP B 224 -31.55 -17.30 -3.11
C ASP B 224 -32.16 -18.21 -2.07
N CYS B 225 -33.49 -18.15 -1.90
CA CYS B 225 -34.18 -19.10 -1.04
C CYS B 225 -34.67 -20.30 -1.84
N LEU B 226 -35.03 -20.11 -3.11
CA LEU B 226 -35.43 -21.25 -3.93
C LEU B 226 -34.22 -22.09 -4.33
N SER B 227 -33.01 -21.56 -4.18
CA SER B 227 -31.82 -22.37 -4.36
C SER B 227 -31.65 -23.39 -3.24
N ASN B 228 -32.39 -23.23 -2.15
CA ASN B 228 -32.48 -24.24 -1.11
C ASN B 228 -33.76 -25.05 -1.21
N TYR B 229 -34.44 -25.05 -2.35
CA TYR B 229 -35.65 -25.82 -2.51
C TYR B 229 -35.35 -27.13 -3.22
N ASN B 230 -36.13 -28.16 -2.90
CA ASN B 230 -36.04 -29.47 -3.55
C ASN B 230 -37.42 -29.87 -4.06
N PRO B 231 -37.56 -30.12 -5.35
CA PRO B 231 -38.87 -30.49 -5.90
C PRO B 231 -39.33 -31.87 -5.48
N LYS B 232 -40.65 -32.10 -5.51
CA LYS B 232 -41.20 -33.41 -5.23
C LYS B 232 -40.98 -34.34 -6.41
N ASP B 233 -41.32 -33.88 -7.60
CA ASP B 233 -41.14 -34.65 -8.82
C ASP B 233 -40.57 -33.75 -9.91
N ASP B 234 -40.39 -34.31 -11.11
CA ASP B 234 -39.89 -33.51 -12.21
C ASP B 234 -41.02 -32.79 -12.93
N ARG B 235 -42.26 -33.09 -12.57
CA ARG B 235 -43.37 -32.30 -13.11
C ARG B 235 -43.47 -30.96 -12.41
N GLU B 236 -43.10 -30.90 -11.13
CA GLU B 236 -43.08 -29.63 -10.41
C GLU B 236 -41.94 -28.76 -10.89
N ALA B 237 -40.79 -29.37 -11.20
CA ALA B 237 -39.59 -28.61 -11.53
C ALA B 237 -39.74 -27.90 -12.87
N GLN B 238 -40.69 -28.32 -13.70
CA GLN B 238 -41.00 -27.55 -14.89
C GLN B 238 -41.87 -26.35 -14.55
N SER B 239 -42.85 -26.53 -13.66
CA SER B 239 -43.79 -25.45 -13.38
C SER B 239 -43.20 -24.42 -12.42
N ILE B 240 -42.00 -24.64 -11.92
CA ILE B 240 -41.27 -23.59 -11.22
C ILE B 240 -40.40 -22.82 -12.20
N CYS B 241 -39.77 -23.53 -13.14
CA CYS B 241 -38.87 -22.87 -14.09
C CYS B 241 -39.63 -22.06 -15.12
N GLU B 242 -40.93 -22.27 -15.26
CA GLU B 242 -41.69 -21.45 -16.20
C GLU B 242 -42.06 -20.10 -15.60
N ARG B 243 -41.71 -19.85 -14.33
CA ARG B 243 -41.94 -18.57 -13.69
C ARG B 243 -40.66 -17.88 -13.25
N VAL B 244 -39.53 -18.58 -13.28
CA VAL B 244 -38.25 -17.93 -12.98
C VAL B 244 -37.65 -17.35 -14.25
N THR B 245 -37.81 -18.04 -15.36
CA THR B 245 -37.33 -17.55 -16.66
C THR B 245 -37.85 -16.20 -17.16
N PRO B 246 -38.99 -15.66 -16.71
CA PRO B 246 -39.21 -14.21 -16.92
C PRO B 246 -38.28 -13.32 -16.12
N ARG B 247 -37.55 -13.84 -15.14
CA ARG B 247 -36.58 -13.02 -14.43
C ARG B 247 -35.18 -13.16 -15.00
N LEU B 248 -35.05 -13.41 -16.31
CA LEU B 248 -33.75 -13.45 -16.96
C LEU B 248 -33.58 -12.19 -17.81
N SER B 249 -34.55 -11.29 -17.72
CA SER B 249 -34.34 -10.01 -18.35
C SER B 249 -34.82 -8.87 -17.46
N HIS B 250 -33.99 -8.51 -16.48
CA HIS B 250 -34.29 -7.44 -15.55
C HIS B 250 -33.08 -6.53 -15.54
N ALA B 251 -33.26 -5.25 -15.20
CA ALA B 251 -32.12 -4.33 -15.20
C ALA B 251 -31.28 -4.32 -13.92
N ASN B 252 -30.73 -5.49 -13.57
CA ASN B 252 -29.85 -5.65 -12.42
C ASN B 252 -28.91 -6.80 -12.70
N SER B 253 -27.64 -6.66 -12.37
CA SER B 253 -26.68 -7.74 -12.58
C SER B 253 -27.04 -8.93 -11.69
N ALA B 254 -27.42 -8.63 -10.47
CA ALA B 254 -27.77 -9.62 -9.45
C ALA B 254 -28.99 -10.53 -9.67
N VAL B 255 -30.09 -9.99 -10.20
CA VAL B 255 -31.28 -10.81 -10.33
C VAL B 255 -31.05 -11.97 -11.29
N VAL B 256 -30.24 -11.76 -12.33
CA VAL B 256 -30.10 -12.76 -13.38
C VAL B 256 -29.30 -13.95 -12.88
N LEU B 257 -28.18 -13.71 -12.19
CA LEU B 257 -27.40 -14.82 -11.65
C LEU B 257 -28.13 -15.56 -10.56
N SER B 258 -29.05 -14.91 -9.85
CA SER B 258 -29.88 -15.66 -8.93
C SER B 258 -30.96 -16.42 -9.68
N ALA B 259 -31.33 -15.96 -10.87
CA ALA B 259 -32.27 -16.74 -11.69
C ALA B 259 -31.53 -17.74 -12.55
N VAL B 260 -30.20 -17.65 -12.61
CA VAL B 260 -29.42 -18.76 -13.16
C VAL B 260 -29.15 -19.79 -12.07
N LYS B 261 -29.05 -19.33 -10.82
CA LYS B 261 -28.80 -20.21 -9.68
C LYS B 261 -29.95 -21.18 -9.45
N VAL B 262 -31.17 -20.76 -9.78
CA VAL B 262 -32.31 -21.65 -9.64
C VAL B 262 -32.41 -22.58 -10.83
N LEU B 263 -32.16 -22.05 -12.04
CA LEU B 263 -32.31 -22.87 -13.24
C LEU B 263 -31.20 -23.91 -13.37
N MET B 264 -29.97 -23.55 -13.00
CA MET B 264 -28.89 -24.54 -13.06
C MET B 264 -29.06 -25.60 -11.97
N LYS B 265 -29.79 -25.27 -10.90
CA LYS B 265 -30.13 -26.29 -9.92
C LYS B 265 -31.34 -27.10 -10.39
N PHE B 266 -32.33 -26.45 -10.99
CA PHE B 266 -33.54 -27.16 -11.44
C PHE B 266 -33.39 -27.58 -12.90
N LEU B 267 -32.27 -28.22 -13.20
CA LEU B 267 -32.12 -29.04 -14.40
C LEU B 267 -31.86 -30.48 -13.99
N GLU B 268 -32.69 -30.95 -13.07
CA GLU B 268 -32.78 -32.36 -12.67
C GLU B 268 -33.87 -33.06 -13.48
N LEU B 269 -34.00 -32.68 -14.75
CA LEU B 269 -35.08 -33.16 -15.60
C LEU B 269 -34.62 -34.30 -16.50
N ASP B 275 -36.88 -32.84 -23.20
CA ASP B 275 -37.44 -31.90 -24.17
C ASP B 275 -37.30 -30.47 -23.66
N TYR B 276 -37.79 -30.23 -22.44
CA TYR B 276 -37.63 -28.91 -21.85
C TYR B 276 -36.19 -28.68 -21.43
N TYR B 277 -35.47 -29.76 -21.16
CA TYR B 277 -34.05 -29.69 -20.83
C TYR B 277 -33.23 -29.19 -22.02
N ASN B 278 -33.73 -29.39 -23.23
CA ASN B 278 -33.08 -28.81 -24.41
C ASN B 278 -33.69 -27.46 -24.77
N MET B 279 -34.90 -27.20 -24.28
CA MET B 279 -35.52 -25.90 -24.53
C MET B 279 -34.94 -24.83 -23.63
N LEU B 280 -34.55 -25.20 -22.41
CA LEU B 280 -34.14 -24.21 -21.43
C LEU B 280 -32.72 -23.73 -21.70
N LEU B 281 -31.92 -24.51 -22.42
CA LEU B 281 -30.54 -24.11 -22.65
C LEU B 281 -30.44 -23.06 -23.74
N LYS B 282 -31.49 -22.92 -24.55
CA LYS B 282 -31.53 -21.83 -25.52
C LYS B 282 -32.07 -20.56 -24.89
N LYS B 283 -32.62 -20.66 -23.68
CA LYS B 283 -33.12 -19.48 -22.99
C LYS B 283 -32.12 -19.01 -21.94
N LEU B 284 -31.20 -19.87 -21.56
CA LEU B 284 -30.24 -19.55 -20.52
C LEU B 284 -28.99 -18.88 -21.10
N ALA B 285 -28.85 -18.98 -22.41
CA ALA B 285 -27.69 -18.44 -23.12
C ALA B 285 -27.75 -16.95 -23.48
N PRO B 286 -28.87 -16.35 -23.91
CA PRO B 286 -28.85 -14.89 -24.17
C PRO B 286 -28.64 -14.04 -22.92
N PRO B 287 -29.29 -14.25 -21.76
CA PRO B 287 -28.99 -13.35 -20.64
C PRO B 287 -27.63 -13.57 -20.03
N LEU B 288 -27.07 -14.76 -20.17
CA LEU B 288 -25.72 -15.00 -19.68
C LEU B 288 -24.70 -14.39 -20.62
N VAL B 289 -25.11 -14.09 -21.85
CA VAL B 289 -24.27 -13.31 -22.77
C VAL B 289 -24.44 -11.82 -22.50
N THR B 290 -25.68 -11.35 -22.34
CA THR B 290 -25.92 -9.94 -22.03
C THR B 290 -25.67 -9.61 -20.57
N LEU B 291 -25.04 -10.52 -19.83
CA LEU B 291 -24.61 -10.25 -18.48
C LEU B 291 -23.28 -9.50 -18.49
N LEU B 292 -22.66 -9.40 -19.66
CA LEU B 292 -21.36 -8.78 -19.82
C LEU B 292 -21.41 -7.38 -20.38
N SER B 293 -22.59 -6.83 -20.63
CA SER B 293 -22.71 -5.45 -21.03
C SER B 293 -22.73 -4.50 -19.84
N GLY B 294 -22.52 -5.00 -18.63
CA GLY B 294 -22.57 -4.19 -17.45
C GLY B 294 -21.22 -3.57 -17.11
N GLU B 295 -21.13 -3.08 -15.89
CA GLU B 295 -19.96 -2.38 -15.41
C GLU B 295 -18.82 -3.38 -15.17
N PRO B 296 -17.54 -2.91 -15.03
CA PRO B 296 -16.43 -3.86 -14.92
C PRO B 296 -16.40 -4.80 -13.72
N GLU B 297 -16.88 -4.39 -12.55
CA GLU B 297 -16.84 -5.34 -11.44
C GLU B 297 -17.94 -6.39 -11.54
N VAL B 298 -19.03 -6.09 -12.24
CA VAL B 298 -20.09 -7.06 -12.42
C VAL B 298 -19.67 -8.16 -13.39
N GLN B 299 -18.89 -7.81 -14.42
CA GLN B 299 -18.42 -8.82 -15.37
C GLN B 299 -17.51 -9.84 -14.69
N TYR B 300 -16.71 -9.40 -13.72
CA TYR B 300 -15.80 -10.32 -13.03
C TYR B 300 -16.55 -11.35 -12.22
N VAL B 301 -17.76 -11.01 -11.76
CA VAL B 301 -18.62 -12.03 -11.17
C VAL B 301 -19.37 -12.76 -12.26
N ALA B 302 -19.71 -12.06 -13.34
CA ALA B 302 -20.43 -12.68 -14.44
C ALA B 302 -19.55 -13.65 -15.20
N LEU B 303 -18.26 -13.34 -15.33
CA LEU B 303 -17.38 -14.24 -16.06
C LEU B 303 -17.00 -15.45 -15.23
N ARG B 304 -16.82 -15.28 -13.92
CA ARG B 304 -16.45 -16.43 -13.11
C ARG B 304 -17.66 -17.24 -12.69
N ASN B 305 -18.84 -16.93 -13.23
CA ASN B 305 -19.95 -17.86 -13.13
C ASN B 305 -20.28 -18.46 -14.48
N ILE B 306 -19.86 -17.80 -15.55
CA ILE B 306 -19.80 -18.46 -16.85
C ILE B 306 -18.73 -19.53 -16.83
N ASN B 307 -17.65 -19.29 -16.08
CA ASN B 307 -16.52 -20.20 -16.05
C ASN B 307 -16.86 -21.50 -15.31
N LEU B 308 -17.97 -21.51 -14.57
CA LEU B 308 -18.47 -22.77 -14.05
C LEU B 308 -19.47 -23.41 -14.99
N ILE B 309 -20.30 -22.59 -15.63
CA ILE B 309 -21.34 -23.10 -16.50
C ILE B 309 -20.74 -23.72 -17.76
N VAL B 310 -19.68 -23.12 -18.30
CA VAL B 310 -19.04 -23.72 -19.47
C VAL B 310 -18.14 -24.88 -19.09
N GLN B 311 -17.93 -25.13 -17.79
CA GLN B 311 -17.33 -26.40 -17.39
C GLN B 311 -18.40 -27.44 -17.10
N LYS B 312 -19.45 -27.04 -16.40
CA LYS B 312 -20.49 -28.00 -16.01
C LYS B 312 -21.30 -28.43 -17.21
N ARG B 313 -21.91 -27.49 -17.91
CA ARG B 313 -22.75 -27.78 -19.07
C ARG B 313 -22.18 -27.04 -20.27
N PRO B 314 -21.27 -27.66 -21.01
CA PRO B 314 -20.58 -26.96 -22.10
C PRO B 314 -21.47 -26.62 -23.27
N GLU B 315 -22.63 -27.24 -23.38
CA GLU B 315 -23.49 -27.08 -24.54
C GLU B 315 -24.34 -25.82 -24.48
N ILE B 316 -24.17 -24.97 -23.47
CA ILE B 316 -24.97 -23.75 -23.41
C ILE B 316 -24.33 -22.65 -24.24
N LEU B 317 -23.11 -22.26 -23.89
CA LEU B 317 -22.41 -21.17 -24.54
C LEU B 317 -21.42 -21.66 -25.59
N LYS B 318 -21.75 -22.72 -26.30
CA LYS B 318 -20.83 -23.34 -27.25
C LYS B 318 -20.64 -22.44 -28.47
N GLN B 319 -21.67 -21.68 -28.82
CA GLN B 319 -21.68 -20.96 -30.08
C GLN B 319 -21.51 -19.45 -29.90
N GLU B 320 -21.20 -19.00 -28.69
CA GLU B 320 -21.15 -17.57 -28.38
C GLU B 320 -19.77 -17.10 -27.98
N ILE B 321 -18.72 -17.47 -28.70
CA ILE B 321 -17.37 -17.13 -28.29
C ILE B 321 -17.04 -15.69 -28.68
N LYS B 322 -17.85 -15.10 -29.58
CA LYS B 322 -17.51 -13.78 -30.09
C LYS B 322 -17.71 -12.71 -29.03
N VAL B 323 -18.65 -12.94 -28.11
CA VAL B 323 -18.92 -11.96 -27.05
C VAL B 323 -17.80 -11.98 -26.02
N PHE B 324 -17.11 -13.10 -25.88
CA PHE B 324 -16.08 -13.21 -24.86
C PHE B 324 -14.71 -12.71 -25.32
N PHE B 325 -14.65 -11.98 -26.43
CA PHE B 325 -13.39 -11.42 -26.87
C PHE B 325 -13.00 -10.23 -26.00
N VAL B 326 -11.70 -9.96 -25.94
CA VAL B 326 -11.19 -8.97 -25.01
C VAL B 326 -11.08 -7.62 -25.70
N LYS B 327 -11.69 -6.60 -25.11
CA LYS B 327 -11.55 -5.25 -25.59
C LYS B 327 -10.31 -4.62 -24.97
N TYR B 328 -9.84 -3.53 -25.58
CA TYR B 328 -8.62 -2.89 -25.09
C TYR B 328 -8.85 -2.22 -23.74
N ASN B 329 -10.00 -1.59 -23.54
CA ASN B 329 -10.24 -0.74 -22.37
C ASN B 329 -10.80 -1.50 -21.19
N ASP B 330 -10.82 -2.82 -21.24
CA ASP B 330 -11.29 -3.60 -20.12
C ASP B 330 -10.21 -3.62 -19.03
N PRO B 331 -10.61 -3.71 -17.77
CA PRO B 331 -9.61 -3.84 -16.71
C PRO B 331 -9.04 -5.24 -16.71
N ILE B 332 -7.95 -5.41 -15.96
CA ILE B 332 -7.14 -6.61 -16.13
C ILE B 332 -7.81 -7.82 -15.50
N TYR B 333 -8.71 -7.62 -14.55
CA TYR B 333 -9.40 -8.78 -13.98
C TYR B 333 -10.48 -9.34 -14.90
N VAL B 334 -10.86 -8.64 -15.97
CA VAL B 334 -11.72 -9.24 -16.99
C VAL B 334 -11.00 -9.40 -18.31
N LYS B 335 -9.74 -9.00 -18.42
CA LYS B 335 -8.95 -9.37 -19.58
C LYS B 335 -8.33 -10.74 -19.37
N LEU B 336 -7.98 -11.07 -18.12
CA LEU B 336 -7.44 -12.40 -17.84
C LEU B 336 -8.54 -13.43 -17.72
N GLU B 337 -9.80 -12.98 -17.64
CA GLU B 337 -10.88 -13.93 -17.42
C GLU B 337 -11.67 -14.18 -18.70
N LYS B 338 -11.79 -13.16 -19.56
CA LYS B 338 -12.32 -13.41 -20.90
C LYS B 338 -11.32 -14.22 -21.72
N LEU B 339 -10.05 -14.15 -21.37
CA LEU B 339 -9.06 -14.98 -22.03
C LEU B 339 -9.24 -16.45 -21.66
N ASP B 340 -9.58 -16.71 -20.40
CA ASP B 340 -9.66 -18.09 -19.92
C ASP B 340 -10.90 -18.78 -20.48
N ILE B 341 -12.01 -18.06 -20.57
CA ILE B 341 -13.23 -18.66 -21.09
C ILE B 341 -13.13 -18.84 -22.60
N MET B 342 -12.32 -18.00 -23.24
CA MET B 342 -12.06 -18.14 -24.67
C MET B 342 -11.31 -19.42 -24.98
N ILE B 343 -10.48 -19.86 -24.04
CA ILE B 343 -9.78 -21.13 -24.21
C ILE B 343 -10.75 -22.30 -24.11
N ARG B 344 -11.66 -22.26 -23.12
CA ARG B 344 -12.55 -23.39 -22.90
C ARG B 344 -13.63 -23.51 -23.98
N LEU B 345 -13.84 -22.46 -24.75
CA LEU B 345 -14.78 -22.54 -25.86
C LEU B 345 -14.10 -22.67 -27.20
N ALA B 346 -12.77 -22.75 -27.21
CA ALA B 346 -12.06 -22.93 -28.47
C ALA B 346 -12.24 -24.35 -28.96
N SER B 347 -12.81 -24.50 -30.15
CA SER B 347 -13.04 -25.82 -30.72
C SER B 347 -12.56 -25.80 -32.17
N GLN B 348 -12.87 -26.88 -32.87
CA GLN B 348 -12.42 -27.09 -34.24
C GLN B 348 -13.03 -26.08 -35.19
N ALA B 349 -14.26 -25.64 -34.92
CA ALA B 349 -14.92 -24.73 -35.83
C ALA B 349 -14.41 -23.30 -35.70
N ASN B 350 -14.22 -22.81 -34.47
CA ASN B 350 -13.86 -21.41 -34.27
C ASN B 350 -12.43 -21.23 -33.79
N ILE B 351 -11.50 -22.07 -34.22
CA ILE B 351 -10.11 -21.82 -33.86
C ILE B 351 -9.49 -20.82 -34.85
N ALA B 352 -10.16 -20.61 -35.99
CA ALA B 352 -9.71 -19.60 -36.91
C ALA B 352 -10.03 -18.21 -36.38
N GLN B 353 -11.05 -18.10 -35.54
CA GLN B 353 -11.41 -16.80 -34.98
C GLN B 353 -10.69 -16.53 -33.68
N VAL B 354 -10.17 -17.56 -33.02
CA VAL B 354 -9.47 -17.33 -31.76
C VAL B 354 -8.00 -17.02 -32.02
N LEU B 355 -7.35 -17.80 -32.89
CA LEU B 355 -5.93 -17.60 -33.13
C LEU B 355 -5.66 -16.31 -33.88
N ALA B 356 -6.61 -15.87 -34.70
CA ALA B 356 -6.48 -14.55 -35.30
C ALA B 356 -6.80 -13.45 -34.29
N GLU B 357 -7.42 -13.83 -33.18
CA GLU B 357 -7.68 -12.86 -32.11
C GLU B 357 -6.59 -12.91 -31.06
N LEU B 358 -6.01 -14.08 -30.81
CA LEU B 358 -4.91 -14.17 -29.85
C LEU B 358 -3.63 -13.59 -30.41
N LYS B 359 -3.50 -13.55 -31.74
CA LYS B 359 -2.38 -12.84 -32.34
C LYS B 359 -2.55 -11.34 -32.16
N GLU B 360 -3.80 -10.88 -32.03
CA GLU B 360 -4.05 -9.47 -31.85
C GLU B 360 -3.71 -9.00 -30.44
N TYR B 361 -3.83 -9.90 -29.45
CA TYR B 361 -3.49 -9.48 -28.10
C TYR B 361 -2.01 -9.61 -27.83
N ALA B 362 -1.28 -10.33 -28.66
CA ALA B 362 0.15 -10.43 -28.42
C ALA B 362 0.91 -9.22 -28.93
N THR B 363 0.30 -8.38 -29.75
CA THR B 363 0.89 -7.10 -30.13
C THR B 363 0.39 -5.96 -29.27
N GLU B 364 0.00 -6.21 -28.03
CA GLU B 364 -0.34 -5.12 -27.13
C GLU B 364 0.86 -4.76 -26.26
N VAL B 365 0.59 -3.93 -25.26
CA VAL B 365 1.64 -3.40 -24.41
C VAL B 365 1.53 -3.85 -22.96
N ASP B 366 0.41 -4.48 -22.59
CA ASP B 366 0.25 -4.96 -21.23
C ASP B 366 1.10 -6.22 -21.10
N VAL B 367 2.18 -6.11 -20.32
CA VAL B 367 3.21 -7.16 -20.29
C VAL B 367 2.66 -8.44 -19.69
N ASP B 368 1.95 -8.34 -18.57
CA ASP B 368 1.42 -9.55 -17.95
C ASP B 368 0.12 -9.99 -18.60
N PHE B 369 -0.34 -9.30 -19.65
CA PHE B 369 -1.43 -9.82 -20.43
C PHE B 369 -0.96 -10.42 -21.74
N VAL B 370 0.09 -9.85 -22.34
CA VAL B 370 0.71 -10.46 -23.51
C VAL B 370 1.36 -11.78 -23.12
N ARG B 371 1.89 -11.84 -21.91
CA ARG B 371 2.52 -13.05 -21.41
C ARG B 371 1.49 -14.16 -21.18
N LYS B 372 0.21 -13.80 -21.05
CA LYS B 372 -0.81 -14.83 -20.93
C LYS B 372 -1.55 -15.02 -22.25
N ALA B 373 -1.54 -14.02 -23.11
CA ALA B 373 -2.19 -14.17 -24.42
C ALA B 373 -1.37 -15.07 -25.33
N VAL B 374 -0.05 -15.08 -25.16
CA VAL B 374 0.79 -15.98 -25.95
C VAL B 374 0.65 -17.41 -25.44
N ARG B 375 0.48 -17.59 -24.13
CA ARG B 375 0.29 -18.93 -23.59
C ARG B 375 -1.08 -19.49 -23.93
N ALA B 376 -2.05 -18.62 -24.21
CA ALA B 376 -3.37 -19.10 -24.60
C ALA B 376 -3.34 -19.69 -26.01
N ILE B 377 -2.35 -19.31 -26.81
CA ILE B 377 -2.11 -20.02 -28.07
C ILE B 377 -1.67 -21.44 -27.78
N GLY B 378 -0.87 -21.63 -26.73
CA GLY B 378 -0.40 -22.96 -26.40
C GLY B 378 -1.49 -23.83 -25.78
N ARG B 379 -2.46 -23.19 -25.13
CA ARG B 379 -3.58 -23.96 -24.60
C ARG B 379 -4.66 -24.15 -25.66
N CYS B 380 -4.46 -23.60 -26.85
CA CYS B 380 -5.32 -23.97 -27.96
C CYS B 380 -4.70 -25.07 -28.81
N ALA B 381 -3.37 -25.13 -28.88
CA ALA B 381 -2.72 -26.18 -29.66
C ALA B 381 -2.84 -27.52 -28.97
N ILE B 382 -2.78 -27.53 -27.66
CA ILE B 382 -2.90 -28.77 -26.91
C ILE B 382 -4.36 -29.20 -26.82
N LYS B 383 -5.27 -28.23 -26.77
CA LYS B 383 -6.69 -28.56 -26.71
C LYS B 383 -7.23 -29.01 -28.06
N VAL B 384 -7.01 -28.21 -29.10
CA VAL B 384 -7.58 -28.48 -30.42
C VAL B 384 -6.48 -29.02 -31.33
N GLU B 385 -6.55 -30.32 -31.64
CA GLU B 385 -5.38 -31.01 -32.18
C GLU B 385 -5.21 -30.85 -33.69
N GLN B 386 -6.25 -30.46 -34.42
CA GLN B 386 -6.09 -30.23 -35.85
C GLN B 386 -5.68 -28.81 -36.16
N SER B 387 -5.27 -28.05 -35.16
CA SER B 387 -5.01 -26.63 -35.32
C SER B 387 -3.61 -26.23 -34.91
N ALA B 388 -2.70 -27.19 -34.76
CA ALA B 388 -1.37 -26.86 -34.28
C ALA B 388 -0.53 -26.22 -35.37
N GLU B 389 -0.84 -26.51 -36.63
CA GLU B 389 -0.17 -25.81 -37.73
C GLU B 389 -0.51 -24.33 -37.71
N ARG B 390 -1.77 -24.01 -37.35
CA ARG B 390 -2.15 -22.61 -37.19
C ARG B 390 -1.55 -22.02 -35.93
N CYS B 391 -1.42 -22.81 -34.88
CA CYS B 391 -0.86 -22.30 -33.63
C CYS B 391 0.65 -22.09 -33.75
N VAL B 392 1.32 -22.89 -34.58
CA VAL B 392 2.74 -22.67 -34.81
C VAL B 392 2.95 -21.50 -35.76
N SER B 393 2.10 -21.40 -36.80
CA SER B 393 2.25 -20.31 -37.76
C SER B 393 1.88 -18.97 -37.16
N THR B 394 1.12 -18.95 -36.07
CA THR B 394 0.96 -17.71 -35.32
C THR B 394 2.20 -17.39 -34.52
N LEU B 395 2.79 -18.41 -33.89
CA LEU B 395 3.94 -18.17 -33.02
C LEU B 395 5.19 -17.84 -33.81
N LEU B 396 5.34 -18.41 -35.01
CA LEU B 396 6.50 -18.05 -35.81
C LEU B 396 6.30 -16.69 -36.46
N ASP B 397 5.08 -16.15 -36.44
CA ASP B 397 4.87 -14.79 -36.90
C ASP B 397 5.03 -13.79 -35.77
N LEU B 398 4.74 -14.20 -34.54
CA LEU B 398 4.93 -13.31 -33.40
C LEU B 398 6.41 -13.08 -33.14
N ILE B 399 7.24 -14.07 -33.43
CA ILE B 399 8.68 -13.93 -33.27
C ILE B 399 9.25 -13.07 -34.39
N GLN B 400 8.55 -12.98 -35.52
CA GLN B 400 8.97 -12.03 -36.55
C GLN B 400 8.69 -10.59 -36.15
N THR B 401 7.84 -10.34 -35.16
CA THR B 401 7.71 -8.99 -34.63
C THR B 401 8.91 -8.59 -33.80
N LYS B 402 9.70 -9.56 -33.34
CA LYS B 402 10.99 -9.34 -32.68
C LYS B 402 10.84 -8.55 -31.38
N VAL B 403 9.72 -8.76 -30.70
CA VAL B 403 9.44 -8.10 -29.43
C VAL B 403 9.96 -8.99 -28.31
N ASN B 404 10.79 -8.43 -27.43
CA ASN B 404 11.59 -9.26 -26.54
C ASN B 404 10.82 -9.72 -25.31
N TYR B 405 9.58 -9.27 -25.14
CA TYR B 405 8.75 -9.97 -24.16
C TYR B 405 7.78 -10.94 -24.82
N VAL B 406 7.78 -11.03 -26.14
CA VAL B 406 6.97 -11.99 -26.88
C VAL B 406 7.81 -13.18 -27.32
N VAL B 407 8.99 -12.92 -27.85
CA VAL B 407 9.91 -13.97 -28.26
C VAL B 407 10.38 -14.78 -27.05
N GLN B 408 10.58 -14.12 -25.91
CA GLN B 408 10.94 -14.83 -24.69
C GLN B 408 9.74 -15.53 -24.06
N GLU B 409 8.55 -15.41 -24.64
CA GLU B 409 7.44 -16.21 -24.17
C GLU B 409 7.00 -17.23 -25.22
N ALA B 410 7.13 -16.89 -26.50
CA ALA B 410 6.79 -17.84 -27.55
C ALA B 410 7.78 -18.99 -27.59
N ILE B 411 9.00 -18.78 -27.10
CA ILE B 411 10.00 -19.84 -27.10
C ILE B 411 9.70 -20.85 -26.01
N VAL B 412 8.88 -20.49 -25.03
CA VAL B 412 8.47 -21.44 -24.01
C VAL B 412 7.26 -22.23 -24.48
N VAL B 413 6.40 -21.62 -25.29
CA VAL B 413 5.20 -22.29 -25.76
C VAL B 413 5.53 -23.29 -26.86
N ILE B 414 6.46 -22.93 -27.75
CA ILE B 414 6.86 -23.83 -28.83
C ILE B 414 7.61 -25.04 -28.27
N ARG B 415 8.21 -24.88 -27.09
CA ARG B 415 8.70 -26.06 -26.35
C ARG B 415 7.56 -26.98 -25.98
N ASP B 416 6.41 -26.41 -25.60
CA ASP B 416 5.28 -27.25 -25.21
C ASP B 416 4.52 -27.77 -26.43
N ILE B 417 4.84 -27.27 -27.62
CA ILE B 417 4.26 -27.84 -28.83
C ILE B 417 5.18 -28.94 -29.38
N PHE B 418 6.49 -28.80 -29.16
CA PHE B 418 7.42 -29.86 -29.53
C PHE B 418 7.21 -31.12 -28.69
N ARG B 419 6.80 -30.94 -27.44
CA ARG B 419 6.61 -32.10 -26.56
C ARG B 419 5.29 -32.79 -26.85
N LYS B 420 4.22 -32.02 -27.07
CA LYS B 420 2.93 -32.62 -27.38
C LYS B 420 2.93 -33.26 -28.76
N TYR B 421 3.66 -32.67 -29.70
CA TYR B 421 3.63 -33.04 -31.11
C TYR B 421 5.06 -33.28 -31.59
N PRO B 422 5.63 -34.46 -31.34
CA PRO B 422 7.05 -34.67 -31.63
C PRO B 422 7.33 -34.90 -33.10
N ASN B 423 8.41 -34.30 -33.59
CA ASN B 423 9.00 -34.56 -34.91
C ASN B 423 8.02 -34.24 -36.03
N LYS B 424 7.23 -33.19 -35.86
CA LYS B 424 6.47 -32.62 -36.96
C LYS B 424 6.79 -31.16 -37.20
N TYR B 425 7.16 -30.43 -36.14
CA TYR B 425 7.35 -28.99 -36.23
C TYR B 425 8.80 -28.59 -35.99
N GLU B 426 9.73 -29.52 -36.16
CA GLU B 426 11.15 -29.31 -35.92
C GLU B 426 11.75 -28.26 -36.84
N SER B 427 11.15 -28.05 -38.01
CA SER B 427 11.75 -27.22 -39.03
C SER B 427 11.81 -25.74 -38.65
N ILE B 428 11.07 -25.31 -37.63
CA ILE B 428 11.12 -23.91 -37.24
C ILE B 428 12.15 -23.63 -36.16
N ILE B 429 12.95 -24.62 -35.77
CA ILE B 429 14.01 -24.39 -34.77
C ILE B 429 15.05 -23.43 -35.31
N ALA B 430 15.30 -23.48 -36.61
CA ALA B 430 16.19 -22.50 -37.24
C ALA B 430 15.62 -21.10 -37.16
N THR B 431 14.29 -20.97 -37.24
CA THR B 431 13.65 -19.66 -37.13
C THR B 431 13.70 -19.16 -35.68
N LEU B 432 13.70 -20.08 -34.72
CA LEU B 432 13.78 -19.70 -33.32
C LEU B 432 15.15 -19.18 -32.96
N CYS B 433 16.21 -19.95 -33.29
CA CYS B 433 17.52 -19.73 -32.72
C CYS B 433 18.25 -18.55 -33.34
N GLU B 434 17.65 -17.86 -34.31
CA GLU B 434 18.23 -16.61 -34.77
C GLU B 434 18.09 -15.53 -33.71
N ASN B 435 17.07 -15.66 -32.85
CA ASN B 435 16.85 -14.77 -31.72
C ASN B 435 17.41 -15.35 -30.42
N LEU B 436 18.56 -16.02 -30.52
CA LEU B 436 19.22 -16.62 -29.35
C LEU B 436 19.80 -15.56 -28.42
N ASP B 437 20.28 -14.45 -28.98
CA ASP B 437 20.89 -13.40 -28.18
C ASP B 437 19.87 -12.65 -27.34
N SER B 438 18.60 -12.64 -27.75
CA SER B 438 17.55 -11.93 -27.03
C SER B 438 16.96 -12.75 -25.89
N LEU B 439 17.56 -13.87 -25.53
CA LEU B 439 17.06 -14.69 -24.43
C LEU B 439 17.69 -14.25 -23.11
N ASP B 440 16.83 -13.83 -22.19
CA ASP B 440 17.33 -13.28 -20.93
C ASP B 440 16.61 -13.90 -19.75
N GLU B 441 15.35 -14.25 -19.94
CA GLU B 441 14.54 -14.78 -18.85
C GLU B 441 15.02 -16.19 -18.49
N PRO B 442 14.91 -16.58 -17.23
CA PRO B 442 15.33 -17.95 -16.87
C PRO B 442 14.40 -19.02 -17.38
N ASP B 443 13.17 -18.68 -17.72
CA ASP B 443 12.27 -19.69 -18.27
C ASP B 443 12.47 -19.83 -19.77
N ALA B 444 12.78 -18.72 -20.44
CA ALA B 444 12.99 -18.76 -21.88
C ALA B 444 14.30 -19.43 -22.23
N ARG B 445 15.33 -19.22 -21.40
CA ARG B 445 16.60 -19.89 -21.64
C ARG B 445 16.53 -21.36 -21.26
N ALA B 446 15.65 -21.72 -20.33
CA ALA B 446 15.46 -23.13 -20.01
C ALA B 446 14.77 -23.86 -21.14
N ALA B 447 14.04 -23.12 -21.98
CA ALA B 447 13.35 -23.75 -23.10
C ALA B 447 14.25 -23.92 -24.30
N MET B 448 15.19 -22.99 -24.50
CA MET B 448 16.08 -23.10 -25.65
C MET B 448 17.08 -24.22 -25.46
N ILE B 449 17.57 -24.41 -24.24
CA ILE B 449 18.57 -25.43 -23.96
C ILE B 449 17.97 -26.82 -24.11
N TRP B 450 16.68 -26.95 -23.83
CA TRP B 450 15.98 -28.18 -24.13
C TRP B 450 15.89 -28.40 -25.64
N ILE B 451 15.54 -27.34 -26.38
CA ILE B 451 15.35 -27.43 -27.82
C ILE B 451 16.67 -27.68 -28.54
N VAL B 452 17.78 -27.29 -27.92
CA VAL B 452 19.07 -27.73 -28.44
C VAL B 452 19.42 -29.09 -27.86
N GLY B 453 18.90 -29.41 -26.68
CA GLY B 453 19.23 -30.68 -26.03
C GLY B 453 18.63 -31.87 -26.74
N GLU B 454 17.30 -31.95 -26.73
CA GLU B 454 16.60 -32.76 -27.73
C GLU B 454 16.87 -32.17 -29.10
N TYR B 455 16.74 -33.01 -30.13
CA TYR B 455 16.99 -32.68 -31.54
C TYR B 455 18.44 -32.28 -31.78
N ALA B 456 19.37 -32.66 -30.91
CA ALA B 456 20.78 -32.39 -31.13
C ALA B 456 21.40 -33.34 -32.14
N GLU B 457 20.68 -34.39 -32.50
CA GLU B 457 21.07 -35.24 -33.62
C GLU B 457 20.93 -34.52 -34.95
N ARG B 458 20.18 -33.42 -34.99
CA ARG B 458 19.90 -32.67 -36.21
C ARG B 458 20.57 -31.31 -36.22
N ILE B 459 20.56 -30.58 -35.11
CA ILE B 459 21.30 -29.33 -35.02
C ILE B 459 22.79 -29.67 -34.98
N ASP B 460 23.51 -29.30 -36.03
CA ASP B 460 24.89 -29.75 -36.20
C ASP B 460 25.85 -29.13 -35.20
N ASN B 461 25.71 -27.85 -34.94
CA ASN B 461 26.59 -27.15 -34.01
C ASN B 461 25.99 -27.06 -32.61
N ALA B 462 25.29 -28.10 -32.18
CA ALA B 462 24.77 -28.13 -30.81
C ALA B 462 25.88 -28.24 -29.79
N ASP B 463 27.05 -28.71 -30.20
CA ASP B 463 28.20 -28.78 -29.29
C ASP B 463 28.73 -27.41 -28.93
N GLU B 464 28.43 -26.40 -29.75
CA GLU B 464 28.92 -25.06 -29.45
C GLU B 464 27.84 -24.21 -28.81
N LEU B 465 26.57 -24.52 -29.09
CA LEU B 465 25.48 -23.70 -28.57
C LEU B 465 25.32 -23.88 -27.07
N LEU B 466 25.60 -25.08 -26.57
CA LEU B 466 25.52 -25.30 -25.14
C LEU B 466 26.78 -24.80 -24.44
N GLU B 467 27.89 -24.70 -25.17
CA GLU B 467 29.12 -24.23 -24.55
C GLU B 467 29.09 -22.72 -24.35
N SER B 468 28.36 -22.01 -25.21
CA SER B 468 28.22 -20.57 -25.04
C SER B 468 27.36 -20.23 -23.84
N PHE B 469 26.50 -21.15 -23.41
CA PHE B 469 25.74 -21.07 -22.18
C PHE B 469 26.56 -21.51 -20.97
N LEU B 470 27.72 -22.10 -21.20
CA LEU B 470 28.44 -22.77 -20.13
C LEU B 470 29.46 -21.85 -19.49
N GLU B 471 29.85 -20.78 -20.18
CA GLU B 471 30.81 -19.85 -19.60
C GLU B 471 30.15 -19.04 -18.49
N GLY B 472 28.87 -18.75 -18.64
CA GLY B 472 28.12 -18.12 -17.59
C GLY B 472 27.21 -19.13 -16.91
N PHE B 473 27.76 -20.32 -16.61
CA PHE B 473 26.97 -21.40 -16.03
C PHE B 473 26.46 -21.01 -14.64
N HIS B 474 27.33 -20.42 -13.82
CA HIS B 474 26.87 -19.85 -12.58
C HIS B 474 26.20 -18.51 -12.85
N ASP B 475 25.67 -17.91 -11.78
CA ASP B 475 24.86 -16.69 -11.83
C ASP B 475 23.66 -16.89 -12.76
N GLU B 476 23.07 -18.08 -12.70
CA GLU B 476 21.88 -18.43 -13.43
C GLU B 476 20.90 -19.10 -12.49
N SER B 477 19.64 -19.18 -12.90
CA SER B 477 18.66 -19.90 -12.12
C SER B 477 18.95 -21.38 -12.19
N THR B 478 18.53 -22.11 -11.15
CA THR B 478 18.77 -23.55 -11.14
C THR B 478 17.87 -24.29 -12.10
N GLN B 479 16.79 -23.66 -12.56
CA GLN B 479 16.00 -24.23 -13.64
C GLN B 479 16.83 -24.34 -14.92
N VAL B 480 17.69 -23.36 -15.15
CA VAL B 480 18.59 -23.41 -16.30
C VAL B 480 19.73 -24.39 -16.05
N GLN B 481 20.24 -24.41 -14.82
CA GLN B 481 21.44 -25.17 -14.52
C GLN B 481 21.17 -26.67 -14.55
N LEU B 482 19.97 -27.08 -14.14
CA LEU B 482 19.59 -28.48 -14.28
C LEU B 482 19.36 -28.85 -15.73
N THR B 483 18.72 -27.95 -16.49
CA THR B 483 18.37 -28.26 -17.87
C THR B 483 19.61 -28.31 -18.75
N LEU B 484 20.58 -27.44 -18.48
CA LEU B 484 21.83 -27.49 -19.21
C LEU B 484 22.64 -28.72 -18.84
N LEU B 485 22.46 -29.22 -17.62
CA LEU B 485 23.09 -30.48 -17.24
C LEU B 485 22.44 -31.66 -17.98
N THR B 486 21.13 -31.61 -18.17
CA THR B 486 20.48 -32.70 -18.89
C THR B 486 20.72 -32.61 -20.38
N ALA B 487 20.91 -31.40 -20.91
CA ALA B 487 21.00 -31.24 -22.36
C ALA B 487 22.36 -31.67 -22.88
N ILE B 488 23.42 -31.40 -22.12
CA ILE B 488 24.75 -31.78 -22.57
C ILE B 488 24.94 -33.29 -22.49
N VAL B 489 24.28 -33.93 -21.52
CA VAL B 489 24.33 -35.38 -21.43
C VAL B 489 23.53 -36.03 -22.55
N LYS B 490 22.38 -35.45 -22.91
CA LYS B 490 21.67 -35.91 -24.10
C LYS B 490 22.48 -35.63 -25.36
N LEU B 491 23.28 -34.57 -25.35
CA LEU B 491 24.17 -34.31 -26.48
C LEU B 491 25.32 -35.31 -26.49
N PHE B 492 25.76 -35.74 -25.31
CA PHE B 492 26.82 -36.76 -25.26
C PHE B 492 26.33 -38.09 -25.77
N LEU B 493 25.13 -38.51 -25.35
CA LEU B 493 24.67 -39.84 -25.69
C LEU B 493 24.21 -39.93 -27.13
N LYS B 494 24.04 -38.80 -27.80
CA LYS B 494 23.78 -38.84 -29.23
C LYS B 494 25.06 -38.69 -30.05
N LYS B 495 26.07 -38.02 -29.49
CA LYS B 495 27.33 -37.79 -30.21
C LYS B 495 28.51 -38.03 -29.27
N PRO B 496 28.84 -39.30 -28.98
CA PRO B 496 29.88 -39.54 -27.99
C PRO B 496 31.29 -39.48 -28.56
N SER B 497 31.57 -38.54 -29.45
CA SER B 497 32.88 -38.45 -30.06
C SER B 497 33.38 -37.02 -30.12
N GLU B 498 32.47 -36.07 -30.04
CA GLU B 498 32.81 -34.67 -30.26
C GLU B 498 32.49 -33.76 -29.08
N THR B 499 31.43 -34.06 -28.35
CA THR B 499 31.05 -33.26 -27.18
C THR B 499 31.48 -33.91 -25.88
N GLN B 500 32.41 -34.86 -25.92
CA GLN B 500 32.96 -35.43 -24.70
C GLN B 500 33.73 -34.39 -23.90
N GLU B 501 34.29 -33.39 -24.58
CA GLU B 501 35.02 -32.33 -23.89
C GLU B 501 34.08 -31.38 -23.17
N LEU B 502 32.77 -31.42 -23.47
CA LEU B 502 31.81 -30.68 -22.65
C LEU B 502 31.42 -31.46 -21.41
N VAL B 503 31.42 -32.78 -21.48
CA VAL B 503 30.87 -33.57 -20.38
C VAL B 503 31.87 -33.61 -19.23
N GLN B 504 33.15 -33.42 -19.51
CA GLN B 504 34.05 -33.17 -18.41
C GLN B 504 33.83 -31.79 -17.82
N GLN B 505 33.37 -30.83 -18.64
CA GLN B 505 33.19 -29.46 -18.17
C GLN B 505 31.99 -29.32 -17.26
N VAL B 506 30.78 -29.57 -17.77
CA VAL B 506 29.57 -29.24 -17.04
C VAL B 506 29.39 -30.16 -15.85
N LEU B 507 29.94 -31.36 -15.93
CA LEU B 507 29.73 -32.33 -14.87
C LEU B 507 30.80 -32.17 -13.80
N SER B 508 31.82 -31.37 -14.08
CA SER B 508 32.66 -30.83 -13.02
C SER B 508 32.30 -29.38 -12.73
N LEU B 509 31.23 -28.86 -13.34
CA LEU B 509 30.64 -27.63 -12.86
C LEU B 509 29.40 -27.91 -12.03
N ALA B 510 28.72 -29.02 -12.29
CA ALA B 510 27.53 -29.32 -11.52
C ALA B 510 27.87 -29.96 -10.19
N THR B 511 29.04 -30.57 -10.09
CA THR B 511 29.42 -31.28 -8.88
C THR B 511 30.56 -30.63 -8.12
N GLN B 512 31.67 -30.32 -8.77
CA GLN B 512 32.83 -29.76 -8.10
C GLN B 512 32.66 -28.32 -7.71
N ASP B 513 31.88 -27.54 -8.45
CA ASP B 513 31.76 -26.13 -8.14
C ASP B 513 30.46 -25.81 -7.43
N SER B 514 29.36 -26.41 -7.85
CA SER B 514 28.05 -25.96 -7.41
C SER B 514 27.77 -26.39 -5.97
N ASP B 515 27.09 -25.52 -5.24
CA ASP B 515 26.76 -25.75 -3.85
C ASP B 515 25.34 -26.27 -3.66
N ASN B 516 24.47 -26.10 -4.65
CA ASN B 516 23.12 -26.63 -4.60
C ASN B 516 23.19 -28.14 -4.70
N PRO B 517 22.68 -28.89 -3.72
CA PRO B 517 22.77 -30.35 -3.81
C PRO B 517 21.80 -30.93 -4.79
N ASP B 518 20.71 -30.23 -5.11
CA ASP B 518 19.79 -30.69 -6.15
C ASP B 518 20.44 -30.59 -7.52
N LEU B 519 21.34 -29.61 -7.70
CA LEU B 519 22.15 -29.64 -8.91
C LEU B 519 23.27 -30.65 -8.77
N ARG B 520 23.77 -30.84 -7.55
CA ARG B 520 24.95 -31.68 -7.39
C ARG B 520 24.60 -33.15 -7.49
N ASP B 521 23.44 -33.55 -7.00
CA ASP B 521 23.10 -34.98 -7.07
C ASP B 521 22.69 -35.38 -8.47
N ARG B 522 22.20 -34.44 -9.27
CA ARG B 522 21.97 -34.74 -10.69
C ARG B 522 23.28 -34.87 -11.44
N GLY B 523 24.33 -34.22 -10.94
CA GLY B 523 25.62 -34.35 -11.58
C GLY B 523 26.21 -35.73 -11.41
N TYR B 524 26.23 -36.22 -10.17
CA TYR B 524 26.85 -37.52 -9.91
C TYR B 524 26.00 -38.66 -10.43
N ILE B 525 24.69 -38.49 -10.53
CA ILE B 525 23.87 -39.53 -11.12
C ILE B 525 24.11 -39.60 -12.63
N TYR B 526 24.28 -38.45 -13.27
CA TYR B 526 24.70 -38.46 -14.67
C TYR B 526 26.16 -38.87 -14.82
N TRP B 527 26.97 -38.66 -13.80
CA TRP B 527 28.38 -39.01 -13.94
C TRP B 527 28.58 -40.50 -13.81
N ARG B 528 27.77 -41.16 -13.00
CA ARG B 528 28.00 -42.57 -12.77
C ARG B 528 27.28 -43.43 -13.80
N LEU B 529 26.26 -42.88 -14.46
CA LEU B 529 25.72 -43.57 -15.63
C LEU B 529 26.77 -43.69 -16.72
N LEU B 530 27.37 -42.57 -17.10
CA LEU B 530 28.16 -42.54 -18.32
C LEU B 530 29.51 -43.19 -18.14
N SER B 531 29.97 -43.32 -16.90
CA SER B 531 31.20 -44.07 -16.66
C SER B 531 30.95 -45.54 -16.39
N THR B 532 29.69 -45.94 -16.24
CA THR B 532 29.41 -47.36 -16.07
C THR B 532 29.06 -48.03 -17.39
N ASP B 533 27.97 -47.58 -18.02
CA ASP B 533 27.46 -48.29 -19.19
C ASP B 533 26.68 -47.34 -20.09
N PRO B 534 27.31 -46.81 -21.14
CA PRO B 534 26.59 -45.88 -22.04
C PRO B 534 25.53 -46.55 -22.91
N VAL B 535 25.48 -47.88 -22.98
CA VAL B 535 24.40 -48.54 -23.69
C VAL B 535 23.11 -48.49 -22.87
N THR B 536 23.23 -48.73 -21.56
CA THR B 536 22.10 -48.58 -20.66
C THR B 536 21.70 -47.11 -20.54
N ALA B 537 22.69 -46.21 -20.61
CA ALA B 537 22.44 -44.79 -20.41
C ALA B 537 21.62 -44.19 -21.54
N LYS B 538 21.67 -44.79 -22.73
CA LYS B 538 20.75 -44.37 -23.79
C LYS B 538 19.33 -44.79 -23.49
N GLU B 539 19.16 -45.90 -22.78
CA GLU B 539 17.81 -46.36 -22.48
C GLU B 539 17.18 -45.57 -21.35
N VAL B 540 18.01 -44.89 -20.54
CA VAL B 540 17.51 -44.18 -19.38
C VAL B 540 17.25 -42.72 -19.73
N VAL B 541 18.29 -42.04 -20.22
CA VAL B 541 18.17 -40.61 -20.46
C VAL B 541 17.38 -40.35 -21.74
N LEU B 542 17.69 -41.10 -22.80
CA LEU B 542 17.14 -40.87 -24.12
C LEU B 542 15.96 -41.75 -24.45
N SER B 543 15.18 -42.18 -23.46
CA SER B 543 14.00 -42.95 -23.78
C SER B 543 12.93 -42.03 -24.36
N GLU B 544 12.01 -42.62 -25.11
CA GLU B 544 10.96 -41.85 -25.74
C GLU B 544 9.97 -41.37 -24.70
N LYS B 545 9.90 -40.12 -24.52
CA LYS B 545 9.09 -39.51 -23.48
C LYS B 545 7.62 -39.60 -23.83
N PRO B 546 6.77 -39.81 -22.83
CA PRO B 546 5.33 -39.78 -23.09
C PRO B 546 4.86 -38.37 -23.42
N LEU B 547 3.76 -38.30 -24.14
CA LEU B 547 3.17 -37.03 -24.53
C LEU B 547 2.60 -36.34 -23.31
N ILE B 548 2.45 -35.02 -23.39
CA ILE B 548 1.98 -34.24 -22.26
C ILE B 548 0.51 -33.88 -22.47
N SER B 549 -0.09 -33.26 -21.45
CA SER B 549 -1.42 -32.69 -21.57
C SER B 549 -1.57 -31.50 -20.63
N LEU B 554 -9.47 -27.24 -15.10
CA LEU B 554 -10.78 -27.83 -14.89
C LEU B 554 -11.06 -28.12 -13.43
N ILE B 555 -12.21 -27.67 -12.94
CA ILE B 555 -12.59 -27.96 -11.56
C ILE B 555 -13.02 -29.41 -11.47
N GLU B 556 -12.48 -30.10 -10.46
CA GLU B 556 -12.77 -31.50 -10.16
C GLU B 556 -14.26 -31.66 -9.87
N PRO B 557 -14.94 -32.64 -10.50
CA PRO B 557 -16.42 -32.65 -10.54
C PRO B 557 -17.13 -32.79 -9.21
N THR B 558 -16.43 -33.28 -8.17
CA THR B 558 -17.00 -33.24 -6.83
C THR B 558 -17.08 -31.81 -6.32
N LEU B 559 -16.02 -31.02 -6.58
CA LEU B 559 -16.03 -29.63 -6.18
C LEU B 559 -16.86 -28.79 -7.12
N LEU B 560 -16.99 -29.23 -8.37
CA LEU B 560 -17.75 -28.47 -9.37
C LEU B 560 -19.24 -28.53 -9.08
N ASP B 561 -19.73 -29.71 -8.69
CA ASP B 561 -21.17 -29.85 -8.44
C ASP B 561 -21.58 -29.14 -7.16
N GLU B 562 -20.61 -28.87 -6.27
CA GLU B 562 -20.89 -28.03 -5.12
C GLU B 562 -21.09 -26.59 -5.55
N LEU B 563 -20.30 -26.11 -6.50
CA LEU B 563 -20.28 -24.68 -6.82
C LEU B 563 -21.47 -24.27 -7.66
N ILE B 564 -22.11 -25.21 -8.35
CA ILE B 564 -23.29 -24.84 -9.15
C ILE B 564 -24.49 -24.64 -8.22
N CYS B 565 -24.43 -25.19 -7.01
CA CYS B 565 -25.39 -24.77 -6.00
C CYS B 565 -25.15 -23.34 -5.53
N HIS B 566 -23.96 -22.81 -5.75
CA HIS B 566 -23.60 -21.48 -5.28
C HIS B 566 -23.23 -20.55 -6.44
N ILE B 567 -24.04 -20.53 -7.52
CA ILE B 567 -23.72 -19.81 -8.75
C ILE B 567 -23.57 -18.31 -8.53
N GLY B 568 -24.61 -17.66 -8.02
CA GLY B 568 -24.50 -16.22 -7.90
C GLY B 568 -23.58 -15.75 -6.81
N SER B 569 -23.33 -16.59 -5.82
CA SER B 569 -22.72 -16.16 -4.57
C SER B 569 -21.22 -15.96 -4.72
N LEU B 570 -20.60 -15.63 -3.60
CA LEU B 570 -19.17 -15.35 -3.57
C LEU B 570 -18.35 -16.63 -3.52
N ALA B 571 -19.01 -17.77 -3.25
CA ALA B 571 -18.31 -19.05 -3.27
C ALA B 571 -17.87 -19.41 -4.68
N SER B 572 -18.62 -18.99 -5.68
CA SER B 572 -18.25 -19.30 -7.05
C SER B 572 -17.21 -18.35 -7.59
N VAL B 573 -17.14 -17.13 -7.04
CA VAL B 573 -16.24 -16.11 -7.55
C VAL B 573 -14.79 -16.48 -7.27
N TYR B 574 -14.55 -17.21 -6.18
CA TYR B 574 -13.21 -17.69 -5.89
C TYR B 574 -12.96 -19.09 -6.40
N HIS B 575 -14.02 -19.76 -6.89
CA HIS B 575 -14.07 -21.20 -7.13
C HIS B 575 -13.60 -21.99 -5.91
N LYS B 576 -14.09 -21.60 -4.74
CA LYS B 576 -13.77 -22.24 -3.49
C LYS B 576 -15.07 -22.67 -2.80
N PRO B 577 -15.06 -23.81 -2.12
CA PRO B 577 -16.25 -24.24 -1.39
C PRO B 577 -16.51 -23.34 -0.20
N PRO B 578 -17.75 -23.21 0.26
CA PRO B 578 -18.07 -22.21 1.28
C PRO B 578 -17.54 -22.51 2.67
N ASN B 579 -16.94 -23.68 2.89
CA ASN B 579 -16.33 -23.95 4.19
C ASN B 579 -14.96 -23.31 4.35
N ALA B 580 -14.42 -22.70 3.29
CA ALA B 580 -13.20 -21.91 3.39
C ALA B 580 -13.47 -20.43 3.62
N PHE B 581 -14.65 -20.06 4.14
CA PHE B 581 -14.98 -18.67 4.40
C PHE B 581 -15.22 -18.43 5.87
N MET C 1 -24.12 -11.32 4.89
CA MET C 1 -24.58 -10.19 4.09
C MET C 1 -23.60 -9.04 4.17
N ILE C 2 -24.06 -7.83 3.85
CA ILE C 2 -23.21 -6.65 3.87
C ILE C 2 -22.81 -6.37 5.31
N GLY C 3 -21.55 -6.66 5.64
CA GLY C 3 -21.07 -6.41 6.98
C GLY C 3 -20.77 -4.94 7.23
N GLY C 4 -20.75 -4.13 6.18
CA GLY C 4 -20.62 -2.71 6.38
C GLY C 4 -20.01 -1.97 5.20
N LEU C 5 -20.18 -0.65 5.17
CA LEU C 5 -19.72 0.17 4.05
C LEU C 5 -18.62 1.12 4.51
N PHE C 6 -17.47 1.03 3.86
CA PHE C 6 -16.29 1.78 4.26
C PHE C 6 -15.90 2.69 3.10
N ILE C 7 -16.31 3.94 3.17
CA ILE C 7 -16.02 4.92 2.13
C ILE C 7 -14.65 5.52 2.41
N TYR C 8 -13.64 5.15 1.63
CA TYR C 8 -12.28 5.59 1.88
C TYR C 8 -11.87 6.66 0.87
N ASN C 9 -11.00 7.55 1.31
CA ASN C 9 -10.46 8.58 0.43
C ASN C 9 -9.21 8.07 -0.27
N HIS C 10 -8.48 8.99 -0.89
CA HIS C 10 -7.26 8.63 -1.61
C HIS C 10 -6.18 8.11 -0.68
N LYS C 11 -6.02 8.75 0.47
CA LYS C 11 -4.91 8.46 1.37
C LYS C 11 -5.11 7.19 2.18
N GLY C 12 -6.32 6.64 2.22
CA GLY C 12 -6.60 5.53 3.11
C GLY C 12 -7.25 5.92 4.41
N GLU C 13 -7.75 7.15 4.52
CA GLU C 13 -8.44 7.60 5.72
C GLU C 13 -9.92 7.31 5.59
N VAL C 14 -10.52 6.83 6.67
CA VAL C 14 -11.92 6.41 6.65
C VAL C 14 -12.79 7.65 6.68
N LEU C 15 -13.45 7.95 5.57
CA LEU C 15 -14.38 9.07 5.60
C LEU C 15 -15.65 8.69 6.34
N ILE C 16 -16.33 7.65 5.90
CA ILE C 16 -17.59 7.22 6.49
C ILE C 16 -17.58 5.72 6.63
N SER C 17 -17.86 5.24 7.84
CA SER C 17 -17.89 3.82 8.09
C SER C 17 -19.20 3.47 8.79
N ARG C 18 -19.79 2.36 8.37
CA ARG C 18 -20.90 1.73 9.07
C ARG C 18 -20.56 0.27 9.24
N VAL C 19 -20.98 -0.33 10.34
CA VAL C 19 -20.68 -1.72 10.65
C VAL C 19 -21.96 -2.41 11.08
N TYR C 20 -22.24 -3.58 10.50
CA TYR C 20 -23.39 -4.41 10.87
C TYR C 20 -22.85 -5.75 11.34
N ARG C 21 -22.36 -5.78 12.58
CA ARG C 21 -21.56 -6.86 13.14
C ARG C 21 -20.41 -7.29 12.23
N ARG C 26 -12.11 -1.96 14.87
CA ARG C 26 -12.27 -2.90 13.77
C ARG C 26 -10.95 -3.25 13.12
N ASN C 27 -10.69 -4.56 13.02
CA ASN C 27 -9.53 -5.00 12.25
C ASN C 27 -9.87 -5.08 10.77
N ALA C 28 -11.17 -5.03 10.43
CA ALA C 28 -11.57 -5.09 9.04
C ALA C 28 -11.31 -3.78 8.32
N VAL C 29 -11.25 -2.68 9.08
CA VAL C 29 -10.94 -1.37 8.52
C VAL C 29 -9.54 -1.30 7.93
N ASP C 30 -8.51 -1.62 8.71
CA ASP C 30 -7.14 -1.50 8.22
C ASP C 30 -6.65 -2.74 7.50
N ALA C 31 -7.40 -3.85 7.54
CA ALA C 31 -7.05 -4.98 6.67
C ALA C 31 -7.39 -4.66 5.23
N PHE C 32 -8.34 -3.75 5.01
CA PHE C 32 -8.61 -3.29 3.65
C PHE C 32 -7.63 -2.19 3.26
N ARG C 33 -7.18 -1.40 4.25
CA ARG C 33 -6.29 -0.29 3.94
C ARG C 33 -4.92 -0.78 3.51
N VAL C 34 -4.37 -1.75 4.23
CA VAL C 34 -3.03 -2.23 3.95
C VAL C 34 -3.03 -3.09 2.69
N ASN C 35 -4.04 -3.95 2.55
CA ASN C 35 -3.94 -5.04 1.60
C ASN C 35 -4.72 -4.84 0.32
N VAL C 36 -5.47 -3.74 0.17
CA VAL C 36 -6.17 -3.43 -1.07
C VAL C 36 -5.76 -2.06 -1.61
N ILE C 37 -5.81 -1.03 -0.78
CA ILE C 37 -5.45 0.30 -1.26
C ILE C 37 -3.94 0.42 -1.44
N HIS C 38 -3.19 0.13 -0.39
CA HIS C 38 -1.73 0.22 -0.46
C HIS C 38 -1.11 -1.11 -0.86
N ALA C 39 -1.81 -1.88 -1.68
CA ALA C 39 -1.24 -3.12 -2.20
C ALA C 39 -0.13 -2.81 -3.18
N ARG C 40 1.01 -3.46 -2.99
CA ARG C 40 2.23 -3.10 -3.70
C ARG C 40 2.35 -3.78 -5.06
N GLN C 41 2.38 -5.11 -5.07
CA GLN C 41 2.67 -5.85 -6.29
C GLN C 41 1.49 -6.63 -6.82
N GLN C 42 0.37 -6.67 -6.12
CA GLN C 42 -0.69 -7.60 -6.46
C GLN C 42 -1.54 -7.08 -7.61
N VAL C 43 -1.96 -7.99 -8.48
CA VAL C 43 -2.95 -7.66 -9.50
C VAL C 43 -4.30 -7.50 -8.83
N ARG C 44 -5.02 -6.45 -9.21
CA ARG C 44 -6.16 -6.02 -8.42
C ARG C 44 -7.46 -6.70 -8.82
N SER C 45 -7.78 -7.81 -8.18
CA SER C 45 -9.12 -8.34 -8.26
C SER C 45 -10.07 -7.44 -7.47
N PRO C 46 -11.30 -7.22 -7.94
CA PRO C 46 -12.19 -6.31 -7.22
C PRO C 46 -12.74 -6.89 -5.93
N VAL C 47 -12.80 -8.20 -5.80
CA VAL C 47 -13.17 -8.81 -4.54
C VAL C 47 -12.07 -9.79 -4.14
N THR C 48 -11.67 -9.70 -2.88
CA THR C 48 -10.55 -10.49 -2.40
C THR C 48 -10.80 -10.91 -0.96
N ASN C 49 -10.44 -12.14 -0.66
CA ASN C 49 -10.66 -12.71 0.67
C ASN C 49 -9.35 -12.63 1.42
N ILE C 50 -9.27 -11.69 2.36
CA ILE C 50 -8.03 -11.44 3.09
C ILE C 50 -8.30 -11.78 4.55
N ALA C 51 -7.75 -12.91 4.99
CA ALA C 51 -7.82 -13.42 6.36
C ALA C 51 -9.26 -13.61 6.81
N ARG C 52 -9.93 -14.55 6.14
CA ARG C 52 -11.27 -15.05 6.43
C ARG C 52 -12.35 -13.98 6.32
N THR C 53 -12.07 -12.88 5.62
CA THR C 53 -13.00 -11.75 5.50
C THR C 53 -12.96 -11.25 4.07
N SER C 54 -14.13 -11.06 3.46
CA SER C 54 -14.21 -10.67 2.06
C SER C 54 -14.35 -9.16 1.92
N PHE C 55 -13.66 -8.61 0.92
CA PHE C 55 -13.56 -7.17 0.72
C PHE C 55 -14.03 -6.82 -0.68
N PHE C 56 -15.29 -6.41 -0.80
CA PHE C 56 -15.80 -5.87 -2.05
C PHE C 56 -15.40 -4.41 -2.13
N HIS C 57 -15.03 -3.93 -3.31
CA HIS C 57 -14.83 -2.49 -3.44
C HIS C 57 -15.10 -2.03 -4.86
N VAL C 58 -15.56 -0.79 -4.97
CA VAL C 58 -15.89 -0.15 -6.23
C VAL C 58 -15.33 1.27 -6.17
N LYS C 59 -14.40 1.59 -7.06
CA LYS C 59 -13.83 2.93 -7.09
C LYS C 59 -14.66 3.85 -7.96
N ARG C 60 -15.02 5.00 -7.41
CA ARG C 60 -15.71 6.05 -8.17
C ARG C 60 -15.05 7.38 -7.85
N SER C 61 -14.19 7.82 -8.78
CA SER C 61 -13.52 9.12 -8.76
C SER C 61 -12.69 9.34 -7.50
N ASN C 62 -11.64 8.53 -7.34
CA ASN C 62 -10.66 8.59 -6.25
C ASN C 62 -11.27 8.26 -4.89
N ILE C 63 -12.40 7.56 -4.87
CA ILE C 63 -13.05 7.14 -3.63
C ILE C 63 -13.16 5.63 -3.63
N TRP C 64 -12.61 4.99 -2.61
CA TRP C 64 -12.72 3.56 -2.41
C TRP C 64 -14.01 3.31 -1.64
N LEU C 65 -14.90 2.51 -2.20
CA LEU C 65 -16.16 2.20 -1.54
C LEU C 65 -16.11 0.73 -1.11
N ALA C 66 -15.51 0.46 0.03
CA ALA C 66 -15.38 -0.90 0.50
C ALA C 66 -16.67 -1.38 1.11
N ALA C 67 -17.04 -2.61 0.79
CA ALA C 67 -18.20 -3.26 1.36
C ALA C 67 -17.76 -4.56 2.00
N VAL C 68 -17.20 -4.46 3.20
CA VAL C 68 -16.48 -5.54 3.86
C VAL C 68 -17.51 -6.53 4.41
N THR C 69 -17.30 -7.82 4.14
CA THR C 69 -18.24 -8.81 4.62
C THR C 69 -17.53 -10.12 4.94
N LYS C 70 -18.24 -10.99 5.67
CA LYS C 70 -17.68 -12.24 6.15
C LYS C 70 -18.25 -13.47 5.47
N GLN C 71 -19.57 -13.56 5.36
CA GLN C 71 -20.26 -14.77 4.97
C GLN C 71 -20.22 -14.96 3.46
N ASN C 72 -21.12 -15.82 2.98
CA ASN C 72 -21.16 -16.19 1.56
C ASN C 72 -22.22 -15.34 0.86
N VAL C 73 -21.87 -14.08 0.60
CA VAL C 73 -22.85 -13.13 0.13
C VAL C 73 -22.98 -13.26 -1.38
N ASN C 74 -24.16 -12.90 -1.89
CA ASN C 74 -24.39 -12.88 -3.35
C ASN C 74 -23.53 -11.76 -3.92
N ALA C 75 -22.44 -12.16 -4.57
CA ALA C 75 -21.42 -11.20 -4.96
C ALA C 75 -21.87 -10.36 -6.13
N ALA C 76 -22.81 -10.86 -6.92
CA ALA C 76 -23.41 -10.02 -7.95
C ALA C 76 -24.26 -8.93 -7.31
N MET C 77 -24.90 -9.24 -6.19
CA MET C 77 -25.80 -8.30 -5.55
C MET C 77 -25.06 -7.19 -4.84
N VAL C 78 -23.90 -7.51 -4.26
CA VAL C 78 -23.09 -6.49 -3.57
C VAL C 78 -22.59 -5.47 -4.58
N PHE C 79 -21.98 -5.96 -5.67
CA PHE C 79 -21.49 -5.07 -6.71
C PHE C 79 -22.61 -4.32 -7.40
N GLU C 80 -23.81 -4.90 -7.45
CA GLU C 80 -24.92 -4.15 -8.01
C GLU C 80 -25.50 -3.21 -6.96
N PHE C 81 -25.20 -3.44 -5.69
CA PHE C 81 -25.58 -2.47 -4.69
C PHE C 81 -24.60 -1.31 -4.59
N LEU C 82 -23.31 -1.58 -4.77
CA LEU C 82 -22.31 -0.52 -4.65
C LEU C 82 -22.40 0.45 -5.81
N TYR C 83 -23.09 0.06 -6.89
CA TYR C 83 -23.41 0.99 -7.95
C TYR C 83 -24.68 1.76 -7.62
N LYS C 84 -25.64 1.07 -7.03
CA LYS C 84 -26.91 1.70 -6.71
C LYS C 84 -26.75 2.68 -5.54
N MET C 85 -25.72 2.48 -4.73
CA MET C 85 -25.38 3.46 -3.71
C MET C 85 -24.82 4.72 -4.34
N CYS C 86 -24.09 4.57 -5.44
CA CYS C 86 -23.56 5.74 -6.13
C CYS C 86 -24.66 6.51 -6.84
N ASP C 87 -25.59 5.81 -7.47
CA ASP C 87 -26.59 6.49 -8.31
C ASP C 87 -27.64 7.20 -7.47
N VAL C 88 -27.73 6.84 -6.19
CA VAL C 88 -28.44 7.68 -5.24
C VAL C 88 -27.58 8.87 -4.86
N MET C 89 -26.31 8.60 -4.52
CA MET C 89 -25.41 9.65 -4.08
C MET C 89 -25.02 10.58 -5.22
N ALA C 90 -25.12 10.13 -6.47
CA ALA C 90 -24.90 11.05 -7.57
C ALA C 90 -26.10 11.97 -7.75
N ALA C 91 -27.30 11.50 -7.40
CA ALA C 91 -28.49 12.33 -7.55
C ALA C 91 -28.57 13.40 -6.47
N TYR C 92 -27.81 13.26 -5.40
CA TYR C 92 -27.76 14.23 -4.31
C TYR C 92 -26.54 15.12 -4.35
N PHE C 93 -25.42 14.66 -4.89
CA PHE C 93 -24.17 15.41 -4.85
C PHE C 93 -23.75 15.90 -6.21
N GLY C 94 -24.10 15.16 -7.27
CA GLY C 94 -23.40 15.29 -8.54
C GLY C 94 -22.27 14.30 -8.59
N LYS C 95 -21.04 14.79 -8.60
CA LYS C 95 -19.88 13.92 -8.66
C LYS C 95 -19.54 13.41 -7.26
N ILE C 96 -19.18 12.13 -7.17
CA ILE C 96 -18.66 11.58 -5.93
C ILE C 96 -17.21 12.01 -5.79
N SER C 97 -16.86 12.57 -4.64
CA SER C 97 -15.51 13.08 -4.45
C SER C 97 -15.22 13.09 -2.96
N GLU C 98 -13.97 13.41 -2.64
CA GLU C 98 -13.60 13.60 -1.24
C GLU C 98 -14.14 14.93 -0.72
N GLU C 99 -14.40 15.86 -1.62
CA GLU C 99 -14.87 17.18 -1.21
C GLU C 99 -16.38 17.21 -1.04
N ASN C 100 -17.10 16.37 -1.78
CA ASN C 100 -18.55 16.37 -1.63
C ASN C 100 -19.00 15.52 -0.46
N ILE C 101 -18.24 14.48 -0.11
CA ILE C 101 -18.64 13.64 1.00
C ILE C 101 -18.42 14.37 2.33
N LYS C 102 -17.30 15.07 2.46
CA LYS C 102 -17.00 15.79 3.69
C LYS C 102 -17.96 16.94 3.93
N ASN C 103 -18.58 17.46 2.89
CA ASN C 103 -19.65 18.43 3.04
C ASN C 103 -20.96 17.77 3.46
N ASN C 104 -21.09 16.46 3.27
CA ASN C 104 -22.36 15.78 3.43
C ASN C 104 -22.21 14.51 4.25
N PHE C 105 -21.54 14.62 5.40
CA PHE C 105 -21.48 13.49 6.32
C PHE C 105 -22.85 13.16 6.91
N VAL C 106 -23.74 14.15 6.99
CA VAL C 106 -25.04 13.90 7.60
C VAL C 106 -25.94 13.14 6.64
N LEU C 107 -25.92 13.53 5.37
CA LEU C 107 -26.83 12.93 4.38
C LEU C 107 -26.50 11.47 4.14
N ILE C 108 -25.22 11.13 4.11
CA ILE C 108 -24.82 9.76 3.83
C ILE C 108 -25.17 8.85 4.99
N TYR C 109 -25.24 9.41 6.20
CA TYR C 109 -25.73 8.61 7.32
C TYR C 109 -27.24 8.36 7.21
N GLU C 110 -27.98 9.25 6.55
CA GLU C 110 -29.39 8.93 6.33
C GLU C 110 -29.59 8.02 5.15
N LEU C 111 -28.67 8.01 4.19
CA LEU C 111 -28.78 7.04 3.12
C LEU C 111 -28.46 5.64 3.61
N LEU C 112 -27.37 5.49 4.37
CA LEU C 112 -26.94 4.16 4.75
C LEU C 112 -27.74 3.58 5.91
N ASP C 113 -28.82 4.21 6.33
CA ASP C 113 -29.83 3.54 7.12
C ASP C 113 -31.16 3.47 6.40
N GLU C 114 -31.21 3.97 5.18
CA GLU C 114 -32.41 3.83 4.37
C GLU C 114 -32.20 2.84 3.24
N ILE C 115 -31.09 2.93 2.52
CA ILE C 115 -30.91 2.07 1.36
C ILE C 115 -30.52 0.66 1.77
N LEU C 116 -29.92 0.50 2.94
CA LEU C 116 -29.75 -0.83 3.51
C LEU C 116 -30.09 -0.83 4.99
N ASP C 117 -30.68 -1.92 5.46
CA ASP C 117 -31.10 -2.09 6.85
C ASP C 117 -30.59 -3.44 7.30
N PHE C 118 -29.58 -3.44 8.18
CA PHE C 118 -28.86 -4.63 8.63
C PHE C 118 -28.31 -5.41 7.44
N GLY C 119 -27.50 -4.77 6.62
CA GLY C 119 -26.86 -5.43 5.51
C GLY C 119 -27.74 -5.71 4.31
N TYR C 120 -29.04 -5.86 4.49
CA TYR C 120 -29.85 -6.23 3.33
C TYR C 120 -30.14 -4.97 2.55
N PRO C 121 -29.90 -4.92 1.24
CA PRO C 121 -30.28 -3.72 0.49
C PRO C 121 -31.78 -3.55 0.43
N GLN C 122 -32.22 -2.30 0.49
CA GLN C 122 -33.61 -1.95 0.53
C GLN C 122 -34.00 -1.24 -0.75
N ASN C 123 -35.23 -0.72 -0.76
CA ASN C 123 -35.79 -0.08 -1.93
C ASN C 123 -35.05 1.22 -2.20
N SER C 124 -33.98 1.14 -2.99
CA SER C 124 -33.06 2.23 -3.21
C SER C 124 -33.41 3.06 -4.43
N GLU C 125 -34.65 2.97 -4.90
CA GLU C 125 -35.10 3.80 -6.02
C GLU C 125 -35.15 5.27 -5.59
N THR C 126 -34.51 6.13 -6.37
CA THR C 126 -34.32 7.52 -5.96
C THR C 126 -35.63 8.30 -5.96
N GLY C 127 -36.65 7.82 -6.67
CA GLY C 127 -37.95 8.45 -6.57
C GLY C 127 -38.65 8.14 -5.27
N ALA C 128 -38.26 7.05 -4.61
CA ALA C 128 -38.91 6.66 -3.36
C ALA C 128 -38.19 7.21 -2.13
N LEU C 129 -36.90 7.53 -2.25
CA LEU C 129 -36.16 7.95 -1.08
C LEU C 129 -36.48 9.38 -0.68
N LYS C 130 -36.99 10.19 -1.63
CA LYS C 130 -37.22 11.60 -1.35
C LYS C 130 -38.36 11.83 -0.38
N THR C 131 -39.20 10.83 -0.13
CA THR C 131 -40.17 10.90 0.94
C THR C 131 -39.62 10.40 2.26
N PHE C 132 -38.50 9.67 2.25
CA PHE C 132 -37.95 9.07 3.45
C PHE C 132 -36.66 9.72 3.90
N ILE C 133 -36.04 10.53 3.07
CA ILE C 133 -34.83 11.25 3.43
C ILE C 133 -35.16 12.72 3.56
N THR C 134 -34.86 13.30 4.72
CA THR C 134 -35.15 14.70 4.97
C THR C 134 -33.98 15.63 4.74
N GLN C 135 -32.75 15.12 4.85
CA GLN C 135 -31.58 15.94 4.59
C GLN C 135 -31.45 16.22 3.10
N GLN C 136 -30.99 17.42 2.77
CA GLN C 136 -30.63 17.73 1.39
C GLN C 136 -29.12 17.78 1.24
N GLY C 137 -28.67 17.55 0.03
CA GLY C 137 -27.25 17.55 -0.23
C GLY C 137 -26.69 18.93 -0.43
N ILE C 138 -25.37 19.03 -0.32
CA ILE C 138 -24.66 20.28 -0.57
C ILE C 138 -23.86 20.10 -1.84
N LYS C 139 -24.33 20.72 -2.92
CA LYS C 139 -23.67 20.66 -4.21
C LYS C 139 -22.57 21.71 -4.27
N SER C 140 -21.80 21.67 -5.36
CA SER C 140 -20.73 22.64 -5.55
C SER C 140 -20.99 23.51 -6.78
N VAL C 155 -11.62 23.71 -30.49
CA VAL C 155 -11.21 23.35 -31.84
C VAL C 155 -9.70 23.43 -31.95
N TPO C 156 -9.07 22.34 -32.38
CA TPO C 156 -7.63 22.34 -32.62
CB TPO C 156 -6.97 21.09 -32.04
CG2 TPO C 156 -6.74 21.32 -30.53
OG1 TPO C 156 -7.66 19.88 -32.44
P TPO C 156 -8.68 19.13 -31.42
O1P TPO C 156 -9.50 18.05 -32.29
O2P TPO C 156 -9.78 20.12 -30.77
O3P TPO C 156 -8.00 18.35 -30.35
C TPO C 156 -7.36 22.46 -34.11
O TPO C 156 -7.42 21.47 -34.84
N GLY C 157 -7.07 23.68 -34.56
CA GLY C 157 -7.02 24.00 -35.98
C GLY C 157 -5.88 23.39 -36.75
N GLN C 158 -4.70 23.38 -36.15
CA GLN C 158 -3.55 22.74 -36.77
C GLN C 158 -2.67 22.21 -35.66
N ILE C 159 -2.30 20.93 -35.74
CA ILE C 159 -1.45 20.34 -34.74
C ILE C 159 -0.04 20.89 -34.90
N GLY C 160 0.37 21.73 -33.96
CA GLY C 160 1.63 22.44 -34.07
C GLY C 160 2.85 21.71 -33.57
N TRP C 161 2.80 20.39 -33.43
CA TRP C 161 3.95 19.64 -32.95
C TRP C 161 4.22 18.39 -33.78
N ARG C 162 3.53 18.20 -34.90
CA ARG C 162 4.00 17.25 -35.90
C ARG C 162 3.55 17.75 -37.26
N ARG C 163 4.25 17.31 -38.30
CA ARG C 163 4.05 17.85 -39.63
C ARG C 163 3.22 16.89 -40.48
N GLU C 164 2.88 17.35 -41.68
CA GLU C 164 2.06 16.56 -42.59
C GLU C 164 2.91 15.58 -43.37
N GLY C 165 2.32 14.43 -43.69
CA GLY C 165 2.93 13.52 -44.63
C GLY C 165 4.08 12.69 -44.09
N ILE C 166 4.12 12.43 -42.79
CA ILE C 166 5.08 11.50 -42.24
C ILE C 166 4.72 10.10 -42.70
N LYS C 167 5.51 9.55 -43.61
CA LYS C 167 5.19 8.23 -44.12
C LYS C 167 6.38 7.33 -43.86
N TYR C 168 6.26 6.47 -42.85
CA TYR C 168 7.31 5.54 -42.49
C TYR C 168 6.96 4.17 -43.05
N ARG C 169 7.99 3.35 -43.23
CA ARG C 169 7.78 2.05 -43.86
C ARG C 169 7.20 1.04 -42.89
N ARG C 170 7.31 1.29 -41.59
CA ARG C 170 6.82 0.35 -40.59
C ARG C 170 6.45 1.15 -39.35
N ASN C 171 5.27 0.89 -38.83
CA ASN C 171 4.70 1.68 -37.76
C ASN C 171 5.14 1.10 -36.42
N GLU C 172 5.67 1.93 -35.54
CA GLU C 172 6.28 1.45 -34.30
C GLU C 172 6.01 2.41 -33.17
N LEU C 173 6.00 1.89 -31.95
CA LEU C 173 6.01 2.69 -30.73
C LEU C 173 6.96 2.05 -29.74
N PHE C 174 7.97 2.79 -29.32
CA PHE C 174 8.96 2.26 -28.38
C PHE C 174 8.71 2.96 -27.06
N LEU C 175 7.75 2.46 -26.30
CA LEU C 175 7.25 3.13 -25.10
C LEU C 175 8.04 2.65 -23.89
N ASP C 176 9.13 3.33 -23.54
CA ASP C 176 9.91 2.90 -22.38
C ASP C 176 9.65 3.83 -21.20
N VAL C 177 9.22 3.24 -20.08
CA VAL C 177 8.92 3.96 -18.85
C VAL C 177 10.20 4.00 -18.02
N LEU C 178 10.76 5.18 -17.84
CA LEU C 178 12.02 5.36 -17.14
C LEU C 178 11.74 5.88 -15.73
N GLU C 179 12.23 5.18 -14.72
CA GLU C 179 11.99 5.60 -13.34
C GLU C 179 13.26 5.60 -12.52
N SER C 180 13.35 6.54 -11.60
CA SER C 180 14.44 6.64 -10.64
C SER C 180 13.85 6.51 -9.24
N VAL C 181 14.46 5.67 -8.40
CA VAL C 181 13.93 5.35 -7.08
C VAL C 181 14.75 6.05 -6.03
N ASN C 182 14.10 6.71 -5.09
CA ASN C 182 14.76 7.33 -3.97
C ASN C 182 14.19 6.76 -2.68
N LEU C 183 15.08 6.30 -1.82
CA LEU C 183 14.67 5.61 -0.60
C LEU C 183 15.65 5.94 0.51
N LEU C 184 15.12 6.32 1.67
CA LEU C 184 15.87 6.34 2.91
C LEU C 184 15.16 5.42 3.88
N MET C 185 15.79 4.30 4.21
CA MET C 185 15.15 3.28 5.03
C MET C 185 15.89 3.19 6.35
N SER C 186 15.13 3.18 7.44
CA SER C 186 15.70 2.98 8.77
C SER C 186 16.27 1.57 8.86
N PRO C 187 17.31 1.35 9.68
CA PRO C 187 17.90 0.00 9.76
C PRO C 187 16.98 -1.03 10.41
N GLN C 188 15.89 -0.61 11.03
CA GLN C 188 14.87 -1.50 11.55
C GLN C 188 13.91 -1.97 10.46
N GLY C 189 14.10 -1.55 9.22
CA GLY C 189 13.21 -1.92 8.15
C GLY C 189 12.01 -1.03 8.00
N GLN C 190 12.00 0.13 8.64
CA GLN C 190 10.91 1.09 8.53
C GLN C 190 11.20 2.00 7.34
N VAL C 191 10.28 2.04 6.38
CA VAL C 191 10.48 2.85 5.20
C VAL C 191 10.21 4.30 5.55
N LEU C 192 11.28 5.05 5.79
CA LEU C 192 11.15 6.43 6.25
C LEU C 192 10.76 7.38 5.13
N SER C 193 11.54 7.41 4.06
CA SER C 193 11.25 8.28 2.94
C SER C 193 11.39 7.48 1.66
N ALA C 194 10.37 7.53 0.82
CA ALA C 194 10.40 6.78 -0.43
C ALA C 194 9.59 7.52 -1.48
N HIS C 195 10.27 7.94 -2.54
CA HIS C 195 9.53 8.49 -3.67
C HIS C 195 10.25 8.09 -4.94
N VAL C 196 9.47 7.89 -6.00
CA VAL C 196 9.98 7.54 -7.31
C VAL C 196 9.69 8.69 -8.26
N SER C 197 10.73 9.25 -8.85
CA SER C 197 10.61 10.32 -9.81
C SER C 197 10.80 9.74 -11.20
N GLY C 198 9.71 9.44 -11.89
CA GLY C 198 9.83 8.69 -13.11
C GLY C 198 9.19 9.41 -14.27
N ARG C 199 9.53 8.95 -15.46
CA ARG C 199 9.00 9.58 -16.65
C ARG C 199 8.69 8.52 -17.70
N VAL C 200 7.86 8.90 -18.67
CA VAL C 200 7.41 8.02 -19.74
C VAL C 200 7.89 8.62 -21.04
N VAL C 201 8.71 7.88 -21.77
CA VAL C 201 9.30 8.32 -23.02
C VAL C 201 8.83 7.35 -24.07
N MET C 202 8.40 7.84 -25.22
CA MET C 202 7.99 6.96 -26.31
C MET C 202 8.53 7.43 -27.64
N LYS C 203 9.41 6.64 -28.23
CA LYS C 203 9.84 6.88 -29.59
C LYS C 203 8.69 6.52 -30.52
N SER C 204 8.09 7.54 -31.11
CA SER C 204 6.88 7.37 -31.92
C SER C 204 7.25 7.41 -33.39
N TYR C 205 7.18 6.26 -34.05
CA TYR C 205 7.48 6.17 -35.47
C TYR C 205 6.20 5.86 -36.23
N LEU C 206 5.10 6.48 -35.83
CA LEU C 206 3.79 6.25 -36.43
C LEU C 206 3.62 7.15 -37.64
N SER C 207 3.09 6.59 -38.72
CA SER C 207 2.89 7.42 -39.89
C SER C 207 1.53 8.09 -39.84
N GLY C 208 1.28 8.96 -40.81
CA GLY C 208 0.02 9.68 -40.86
C GLY C 208 -0.06 10.76 -39.80
N MET C 209 -1.24 10.91 -39.21
CA MET C 209 -1.45 11.81 -38.07
C MET C 209 -2.24 11.08 -36.98
N PRO C 210 -1.60 10.17 -36.27
CA PRO C 210 -2.32 9.20 -35.46
C PRO C 210 -2.84 9.82 -34.19
N GLU C 211 -3.72 9.10 -33.52
CA GLU C 211 -4.32 9.52 -32.28
C GLU C 211 -4.20 8.40 -31.28
N CYS C 212 -3.41 8.58 -30.25
CA CYS C 212 -3.20 7.50 -29.30
C CYS C 212 -4.20 7.65 -28.18
N LYS C 213 -4.45 6.57 -27.46
CA LYS C 213 -5.22 6.64 -26.22
C LYS C 213 -4.44 5.82 -25.21
N PHE C 214 -3.45 6.44 -24.60
CA PHE C 214 -2.62 5.79 -23.60
C PHE C 214 -3.43 5.60 -22.33
N GLY C 215 -3.52 4.36 -21.87
CA GLY C 215 -4.17 4.06 -20.61
C GLY C 215 -3.18 3.45 -19.65
N MET C 216 -3.49 3.54 -18.36
CA MET C 216 -2.63 2.95 -17.35
C MET C 216 -3.45 2.68 -16.11
N ASN C 217 -2.81 2.08 -15.11
CA ASN C 217 -3.51 1.78 -13.87
C ASN C 217 -3.57 3.02 -12.99
N ASP C 218 -4.11 2.87 -11.79
CA ASP C 218 -4.44 4.01 -10.94
C ASP C 218 -3.33 4.36 -9.96
N LYS C 219 -2.06 4.19 -10.34
CA LYS C 219 -0.96 4.46 -9.42
C LYS C 219 -0.48 5.90 -9.51
N ILE C 220 -1.07 6.74 -10.34
CA ILE C 220 -0.61 8.11 -10.53
C ILE C 220 -1.69 9.09 -10.11
N VAL C 221 -1.33 10.02 -9.24
CA VAL C 221 -2.19 11.15 -8.91
C VAL C 221 -2.16 12.12 -10.08
N ILE C 222 -3.32 12.45 -10.63
CA ILE C 222 -3.37 13.42 -11.71
C ILE C 222 -3.79 14.77 -11.16
N SER C 240 14.77 18.03 -0.73
CA SER C 240 13.66 18.46 0.11
C SER C 240 12.57 17.39 0.15
N ILE C 241 11.33 17.83 0.31
CA ILE C 241 10.19 16.94 0.44
C ILE C 241 9.64 16.70 -0.96
N ALA C 242 9.37 15.44 -1.29
CA ALA C 242 8.77 15.14 -2.58
C ALA C 242 7.26 15.19 -2.48
N ILE C 243 6.64 15.73 -3.52
CA ILE C 243 5.20 15.93 -3.57
C ILE C 243 4.66 15.01 -4.65
N ASP C 244 3.50 14.41 -4.40
CA ASP C 244 2.84 13.64 -5.44
C ASP C 244 2.42 14.57 -6.57
N ASP C 245 2.92 14.29 -7.77
CA ASP C 245 2.81 15.24 -8.86
C ASP C 245 2.80 14.46 -10.16
N CYS C 246 2.31 15.08 -11.22
CA CYS C 246 2.31 14.51 -12.55
C CYS C 246 2.11 15.63 -13.55
N THR C 247 3.07 15.80 -14.44
CA THR C 247 2.92 16.76 -15.53
C THR C 247 2.93 16.00 -16.83
N PHE C 248 2.46 16.66 -17.88
CA PHE C 248 2.28 16.05 -19.19
C PHE C 248 3.06 16.82 -20.23
N HIS C 249 3.06 16.29 -21.45
CA HIS C 249 3.52 17.05 -22.59
C HIS C 249 2.41 18.00 -23.02
N GLN C 250 2.70 18.90 -23.94
CA GLN C 250 1.68 19.82 -24.43
C GLN C 250 0.68 19.13 -25.34
N CYS C 251 1.01 17.93 -25.82
CA CYS C 251 0.12 17.18 -26.70
C CYS C 251 -0.90 16.38 -25.92
N VAL C 252 -0.58 16.06 -24.67
CA VAL C 252 -1.48 15.28 -23.83
C VAL C 252 -2.77 16.05 -23.55
N ARG C 253 -3.89 15.33 -23.54
CA ARG C 253 -5.18 15.94 -23.29
C ARG C 253 -5.84 15.35 -22.05
N LEU C 254 -6.33 16.21 -21.17
CA LEU C 254 -6.98 15.76 -19.94
C LEU C 254 -7.84 16.88 -19.34
N ARG C 261 -9.19 9.29 -16.88
CA ARG C 261 -8.56 8.02 -16.56
C ARG C 261 -7.79 7.48 -17.76
N SER C 262 -8.02 8.08 -18.92
CA SER C 262 -7.32 7.65 -20.12
C SER C 262 -6.71 8.86 -20.84
N ILE C 263 -5.39 8.81 -21.01
CA ILE C 263 -4.62 9.87 -21.62
C ILE C 263 -4.82 9.78 -23.12
N SER C 264 -5.27 10.85 -23.75
CA SER C 264 -5.51 10.85 -25.19
C SER C 264 -4.73 11.98 -25.86
N PHE C 265 -4.01 11.66 -26.93
CA PHE C 265 -3.10 12.64 -27.51
C PHE C 265 -2.84 12.35 -28.97
N ILE C 266 -1.89 13.10 -29.52
CA ILE C 266 -1.31 12.90 -30.85
C ILE C 266 0.20 12.97 -30.68
N PRO C 267 0.95 11.93 -31.00
CA PRO C 267 2.37 11.92 -30.65
C PRO C 267 3.20 12.77 -31.58
N PRO C 268 4.10 13.58 -31.06
CA PRO C 268 5.08 14.27 -31.90
C PRO C 268 6.04 13.28 -32.52
N ASP C 269 6.75 13.72 -33.55
CA ASP C 269 7.57 12.85 -34.37
C ASP C 269 8.76 12.35 -33.56
N GLY C 270 8.87 11.03 -33.42
CA GLY C 270 10.01 10.47 -32.74
C GLY C 270 9.93 10.60 -31.24
N GLU C 271 11.08 10.77 -30.60
CA GLU C 271 11.15 10.68 -29.15
C GLU C 271 10.67 11.97 -28.50
N PHE C 272 9.89 11.82 -27.43
CA PHE C 272 9.40 12.94 -26.64
C PHE C 272 9.04 12.49 -25.24
N GLU C 273 9.36 13.30 -24.23
CA GLU C 273 9.03 12.97 -22.85
C GLU C 273 7.53 13.16 -22.66
N LEU C 274 6.80 12.05 -22.63
CA LEU C 274 5.35 12.12 -22.57
C LEU C 274 4.85 12.65 -21.24
N MET C 275 5.24 11.98 -20.16
CA MET C 275 4.64 12.21 -18.85
C MET C 275 5.71 12.13 -17.79
N ARG C 276 5.89 13.20 -17.03
CA ARG C 276 6.86 13.22 -15.94
C ARG C 276 6.10 13.31 -14.63
N TYR C 277 6.46 12.46 -13.68
CA TYR C 277 5.71 12.38 -12.45
C TYR C 277 6.63 12.08 -11.27
N ARG C 278 6.11 12.31 -10.08
CA ARG C 278 6.68 11.82 -8.85
C ARG C 278 5.56 11.24 -8.00
N THR C 279 5.86 10.20 -7.25
CA THR C 279 4.86 9.58 -6.42
C THR C 279 5.51 9.01 -5.16
N THR C 280 4.88 9.25 -4.02
CA THR C 280 5.45 8.94 -2.72
C THR C 280 4.71 7.83 -2.00
N LYS C 281 3.70 7.24 -2.62
CA LYS C 281 2.88 6.25 -1.94
C LYS C 281 3.15 4.89 -2.56
N ASP C 282 2.88 3.86 -1.74
CA ASP C 282 2.93 2.40 -2.04
C ASP C 282 4.02 1.99 -3.03
N ILE C 283 5.24 2.43 -2.75
CA ILE C 283 6.40 2.21 -3.62
C ILE C 283 6.80 0.74 -3.52
N ILE C 284 6.94 0.08 -4.66
CA ILE C 284 7.50 -1.26 -4.70
C ILE C 284 9.01 -1.12 -4.49
N LEU C 285 9.48 -1.37 -3.30
CA LEU C 285 10.91 -1.25 -3.05
C LEU C 285 11.64 -2.48 -3.58
N PRO C 286 12.63 -2.32 -4.45
CA PRO C 286 13.21 -3.49 -5.09
C PRO C 286 14.19 -4.26 -4.22
N PHE C 287 14.90 -3.58 -3.32
CA PHE C 287 15.88 -4.26 -2.49
C PHE C 287 15.74 -3.82 -1.06
N ARG C 288 15.91 -4.76 -0.15
CA ARG C 288 15.99 -4.45 1.28
C ARG C 288 17.40 -4.71 1.75
N VAL C 289 18.02 -3.69 2.34
CA VAL C 289 19.40 -3.77 2.81
C VAL C 289 19.34 -3.88 4.33
N ILE C 290 20.07 -4.82 4.90
CA ILE C 290 20.08 -5.05 6.34
C ILE C 290 21.45 -4.69 6.87
N PRO C 291 21.62 -3.56 7.49
CA PRO C 291 22.94 -3.21 8.04
C PRO C 291 23.21 -3.77 9.42
N LEU C 292 23.72 -4.98 9.50
CA LEU C 292 24.11 -5.58 10.78
C LEU C 292 25.54 -5.16 11.07
N VAL C 293 25.70 -4.13 11.90
CA VAL C 293 27.01 -3.62 12.27
C VAL C 293 27.23 -3.86 13.75
N ARG C 294 28.32 -4.54 14.08
CA ARG C 294 28.70 -4.82 15.45
C ARG C 294 30.04 -4.15 15.71
N GLU C 295 30.04 -3.08 16.47
CA GLU C 295 31.29 -2.43 16.82
C GLU C 295 31.89 -3.11 18.04
N VAL C 296 33.20 -3.36 18.02
CA VAL C 296 33.89 -4.04 19.11
C VAL C 296 34.91 -3.05 19.65
N GLY C 297 34.55 -2.31 20.69
CA GLY C 297 35.47 -1.36 21.27
C GLY C 297 35.67 -0.18 20.35
N ARG C 298 36.94 0.11 20.06
CA ARG C 298 37.28 1.13 19.08
C ARG C 298 38.43 0.68 18.19
N THR C 299 38.79 -0.60 18.24
CA THR C 299 39.88 -1.13 17.44
C THR C 299 39.42 -2.04 16.32
N LYS C 300 38.18 -2.50 16.34
CA LYS C 300 37.64 -3.32 15.27
C LYS C 300 36.28 -2.81 14.86
N LEU C 301 35.76 -3.38 13.79
CA LEU C 301 34.42 -3.09 13.30
C LEU C 301 33.98 -4.26 12.45
N LYS C 302 32.89 -4.92 12.83
CA LYS C 302 32.37 -6.06 12.11
C LYS C 302 31.10 -5.63 11.40
N VAL C 303 31.13 -5.61 10.07
CA VAL C 303 30.02 -5.12 9.27
C VAL C 303 29.48 -6.24 8.42
N LYS C 304 28.20 -6.57 8.61
CA LYS C 304 27.53 -7.57 7.79
C LYS C 304 26.33 -6.93 7.15
N VAL C 305 26.26 -6.98 5.83
CA VAL C 305 25.19 -6.35 5.07
C VAL C 305 24.54 -7.42 4.22
N VAL C 306 23.23 -7.57 4.38
CA VAL C 306 22.45 -8.58 3.68
C VAL C 306 21.47 -7.86 2.77
N ILE C 307 21.56 -8.13 1.47
CA ILE C 307 20.59 -7.63 0.50
C ILE C 307 19.51 -8.67 0.35
N LYS C 308 18.25 -8.28 0.45
CA LYS C 308 17.16 -9.15 0.03
C LYS C 308 16.41 -8.50 -1.12
N SER C 309 16.15 -9.27 -2.16
CA SER C 309 15.55 -8.78 -3.40
C SER C 309 14.05 -8.99 -3.30
N ASN C 310 13.29 -7.90 -3.30
CA ASN C 310 11.85 -7.95 -3.14
C ASN C 310 11.14 -7.81 -4.49
N PHE C 311 11.41 -8.74 -5.39
CA PHE C 311 10.66 -8.84 -6.64
C PHE C 311 10.70 -10.27 -7.14
N LYS C 312 9.87 -10.55 -8.14
CA LYS C 312 9.63 -11.93 -8.54
C LYS C 312 10.83 -12.46 -9.33
N PRO C 313 11.13 -13.77 -9.27
CA PRO C 313 12.40 -14.25 -9.82
C PRO C 313 12.43 -14.38 -11.34
N SER C 314 11.33 -14.11 -12.03
CA SER C 314 11.39 -14.04 -13.48
C SER C 314 12.04 -12.74 -13.95
N LEU C 315 12.11 -11.74 -13.09
CA LEU C 315 12.84 -10.52 -13.37
C LEU C 315 14.24 -10.65 -12.82
N LEU C 316 15.11 -9.70 -13.18
CA LEU C 316 16.53 -9.87 -12.92
C LEU C 316 17.20 -8.51 -12.91
N ALA C 317 17.78 -8.14 -11.79
CA ALA C 317 18.39 -6.84 -11.62
C ALA C 317 19.88 -6.87 -11.96
N GLN C 318 20.32 -5.83 -12.65
CA GLN C 318 21.65 -5.77 -13.23
C GLN C 318 22.39 -4.56 -12.71
N LYS C 319 23.72 -4.66 -12.71
CA LYS C 319 24.66 -3.63 -12.28
C LYS C 319 24.38 -3.19 -10.84
N ILE C 320 24.37 -4.15 -9.93
CA ILE C 320 24.15 -3.88 -8.52
C ILE C 320 25.46 -3.37 -7.95
N GLU C 321 25.41 -2.23 -7.27
CA GLU C 321 26.57 -1.71 -6.56
C GLU C 321 26.11 -1.28 -5.18
N VAL C 322 26.78 -1.76 -4.15
CA VAL C 322 26.47 -1.40 -2.78
C VAL C 322 27.69 -0.73 -2.18
N ARG C 323 27.51 0.49 -1.67
CA ARG C 323 28.58 1.22 -1.02
C ARG C 323 28.35 1.18 0.47
N ILE C 324 29.25 0.50 1.18
CA ILE C 324 29.16 0.35 2.64
C ILE C 324 30.22 1.26 3.25
N PRO C 325 29.85 2.37 3.87
CA PRO C 325 30.87 3.33 4.31
C PRO C 325 31.60 2.86 5.55
N THR C 326 32.86 3.27 5.65
CA THR C 326 33.78 2.87 6.70
C THR C 326 34.10 4.10 7.54
N PRO C 327 34.66 3.94 8.75
CA PRO C 327 35.12 5.11 9.48
C PRO C 327 36.32 5.77 8.82
N LEU C 328 36.56 7.02 9.20
CA LEU C 328 37.61 7.81 8.59
C LEU C 328 39.00 7.34 8.97
N ASN C 329 39.15 6.66 10.11
CA ASN C 329 40.45 6.18 10.56
C ASN C 329 40.68 4.72 10.25
N THR C 330 40.19 4.25 9.10
CA THR C 330 40.32 2.86 8.73
C THR C 330 41.75 2.53 8.30
N SER C 331 42.30 1.45 8.83
CA SER C 331 43.67 1.06 8.55
C SER C 331 43.80 -0.24 7.75
N GLY C 332 42.70 -0.91 7.44
CA GLY C 332 42.77 -2.13 6.65
C GLY C 332 41.56 -3.02 6.83
N VAL C 333 41.03 -3.56 5.73
CA VAL C 333 39.71 -4.18 5.70
C VAL C 333 39.84 -5.56 5.08
N GLN C 334 39.23 -6.57 5.72
CA GLN C 334 39.13 -7.91 5.16
C GLN C 334 37.66 -8.17 4.75
N VAL C 335 37.39 -7.94 3.47
CA VAL C 335 36.07 -8.24 2.91
C VAL C 335 36.03 -9.70 2.50
N ILE C 336 35.06 -10.45 3.03
CA ILE C 336 34.81 -11.81 2.58
C ILE C 336 33.35 -11.90 2.16
N CYS C 337 33.11 -11.82 0.85
CA CYS C 337 31.77 -12.00 0.30
C CYS C 337 31.85 -13.06 -0.79
N MET C 338 30.90 -13.99 -0.74
CA MET C 338 30.98 -15.16 -1.60
C MET C 338 30.33 -14.93 -2.95
N LYS C 339 29.53 -13.87 -3.08
CA LYS C 339 28.79 -13.65 -4.31
C LYS C 339 29.00 -12.22 -4.76
N GLY C 340 29.59 -12.06 -5.94
CA GLY C 340 29.96 -10.75 -6.44
C GLY C 340 31.37 -10.35 -6.04
N LYS C 341 31.81 -9.22 -6.57
CA LYS C 341 33.13 -8.69 -6.25
C LYS C 341 32.97 -7.49 -5.32
N ALA C 342 33.93 -7.36 -4.41
CA ALA C 342 33.93 -6.23 -3.48
C ALA C 342 35.37 -5.88 -3.14
N LYS C 343 35.62 -4.59 -2.97
CA LYS C 343 36.96 -4.16 -2.64
C LYS C 343 36.89 -2.87 -1.86
N TYR C 344 37.87 -2.67 -0.99
CA TYR C 344 37.96 -1.46 -0.19
C TYR C 344 38.57 -0.33 -1.02
N LYS C 345 37.77 0.70 -1.28
CA LYS C 345 38.27 1.88 -1.99
C LYS C 345 38.75 2.88 -0.94
N ALA C 346 40.07 3.01 -0.85
CA ALA C 346 40.68 3.76 0.25
C ALA C 346 40.49 5.26 0.09
N SER C 347 40.47 5.76 -1.14
CA SER C 347 40.28 7.18 -1.36
C SER C 347 38.85 7.62 -1.10
N GLU C 348 37.89 6.69 -1.13
CA GLU C 348 36.50 7.01 -0.88
C GLU C 348 36.04 6.67 0.53
N ASN C 349 36.80 5.84 1.26
CA ASN C 349 36.41 5.29 2.56
C ASN C 349 35.05 4.61 2.51
N ALA C 350 34.90 3.67 1.60
CA ALA C 350 33.66 2.95 1.42
C ALA C 350 33.97 1.62 0.75
N ILE C 351 33.36 0.56 1.26
CA ILE C 351 33.50 -0.76 0.67
C ILE C 351 32.49 -0.88 -0.47
N VAL C 352 32.98 -0.85 -1.69
CA VAL C 352 32.14 -0.91 -2.88
C VAL C 352 32.02 -2.38 -3.26
N TRP C 353 30.80 -2.89 -3.27
CA TRP C 353 30.52 -4.30 -3.51
C TRP C 353 29.73 -4.44 -4.81
N LYS C 354 30.45 -4.63 -5.91
CA LYS C 354 29.88 -4.70 -7.24
C LYS C 354 29.52 -6.14 -7.58
N ILE C 355 28.24 -6.47 -7.49
CA ILE C 355 27.75 -7.76 -7.94
C ILE C 355 26.99 -7.53 -9.23
N LYS C 356 27.29 -8.32 -10.26
CA LYS C 356 26.83 -7.99 -11.60
C LYS C 356 25.35 -8.22 -11.78
N ARG C 357 24.86 -9.42 -11.49
CA ARG C 357 23.45 -9.69 -11.65
C ARG C 357 22.90 -10.40 -10.42
N MET C 358 21.66 -10.05 -10.10
CA MET C 358 20.95 -10.53 -8.92
C MET C 358 19.53 -10.80 -9.36
N ALA C 359 19.08 -12.04 -9.26
CA ALA C 359 17.71 -12.34 -9.65
C ALA C 359 16.76 -11.97 -8.53
N GLY C 360 15.47 -12.19 -8.78
CA GLY C 360 14.48 -11.91 -7.75
C GLY C 360 14.51 -12.96 -6.65
N MET C 361 14.00 -12.58 -5.49
CA MET C 361 13.71 -13.39 -4.31
C MET C 361 14.95 -14.03 -3.67
N LYS C 362 16.16 -13.80 -4.16
CA LYS C 362 17.36 -14.36 -3.55
C LYS C 362 17.93 -13.37 -2.55
N GLU C 363 19.05 -13.75 -1.94
CA GLU C 363 19.74 -12.85 -1.02
C GLU C 363 21.23 -13.14 -1.00
N SER C 364 22.01 -12.14 -0.60
CA SER C 364 23.46 -12.26 -0.51
C SER C 364 23.95 -11.66 0.79
N GLN C 365 25.16 -12.04 1.19
CA GLN C 365 25.79 -11.49 2.38
C GLN C 365 27.18 -10.98 2.05
N ILE C 366 27.65 -10.03 2.84
CA ILE C 366 29.02 -9.56 2.78
C ILE C 366 29.51 -9.31 4.21
N SER C 367 30.69 -9.82 4.52
CA SER C 367 31.27 -9.61 5.84
C SER C 367 32.53 -8.79 5.69
N ALA C 368 32.82 -7.94 6.67
CA ALA C 368 33.97 -7.05 6.59
C ALA C 368 34.46 -6.73 7.98
N GLU C 369 35.46 -7.45 8.45
CA GLU C 369 36.02 -7.19 9.77
C GLU C 369 37.00 -6.04 9.64
N ILE C 370 36.48 -4.83 9.70
CA ILE C 370 37.26 -3.61 9.53
C ILE C 370 38.14 -3.42 10.76
N GLU C 371 39.43 -3.20 10.53
CA GLU C 371 40.33 -2.76 11.60
C GLU C 371 40.27 -1.24 11.71
N LEU C 372 40.38 -0.74 12.93
CA LEU C 372 40.36 0.69 13.19
C LEU C 372 41.69 1.12 13.80
N LEU C 373 41.94 2.42 13.72
CA LEU C 373 43.10 3.03 14.35
C LEU C 373 42.61 4.16 15.26
N PRO C 374 42.62 3.99 16.59
CA PRO C 374 42.09 4.98 17.52
C PRO C 374 42.97 6.22 17.64
N LYS C 379 36.17 10.70 19.67
CA LYS C 379 34.82 10.84 19.13
C LYS C 379 34.34 9.54 18.51
N LYS C 380 33.04 9.26 18.68
CA LYS C 380 32.43 8.07 18.12
C LYS C 380 32.04 8.32 16.67
N TRP C 381 32.14 7.27 15.87
CA TRP C 381 31.91 7.36 14.44
C TRP C 381 30.43 7.48 14.09
N ALA C 382 30.03 8.63 13.55
CA ALA C 382 28.70 8.77 12.99
C ALA C 382 28.60 7.90 11.74
N ARG C 383 27.41 7.35 11.50
CA ARG C 383 27.22 6.34 10.45
C ARG C 383 26.49 6.95 9.26
N PRO C 384 27.17 7.23 8.16
CA PRO C 384 26.47 7.65 6.95
C PRO C 384 25.77 6.45 6.33
N PRO C 385 24.73 6.68 5.51
CA PRO C 385 23.91 5.56 5.05
C PRO C 385 24.62 4.65 4.06
N ILE C 386 24.18 3.40 4.02
CA ILE C 386 24.66 2.43 3.05
C ILE C 386 23.88 2.62 1.77
N SER C 387 24.50 3.28 0.79
CA SER C 387 23.85 3.60 -0.46
C SER C 387 23.95 2.40 -1.39
N MET C 388 23.01 2.32 -2.32
CA MET C 388 22.94 1.18 -3.23
C MET C 388 22.56 1.68 -4.62
N ASN C 389 23.16 1.09 -5.64
CA ASN C 389 22.89 1.46 -7.03
C ASN C 389 22.50 0.23 -7.81
N PHE C 390 21.43 0.34 -8.60
CA PHE C 390 20.94 -0.83 -9.32
C PHE C 390 20.13 -0.41 -10.53
N GLU C 391 19.75 -1.39 -11.33
CA GLU C 391 18.75 -1.24 -12.38
C GLU C 391 17.82 -2.44 -12.35
N VAL C 392 16.52 -2.19 -12.44
CA VAL C 392 15.53 -3.27 -12.43
C VAL C 392 14.65 -3.19 -13.67
N PRO C 393 14.25 -4.33 -14.24
CA PRO C 393 13.36 -4.34 -15.42
C PRO C 393 11.88 -4.34 -15.07
N PHE C 394 11.51 -3.46 -14.15
CA PHE C 394 10.11 -3.14 -13.90
C PHE C 394 10.10 -1.69 -13.42
N ALA C 395 8.91 -1.16 -13.19
CA ALA C 395 8.79 0.21 -12.75
C ALA C 395 8.47 0.21 -11.27
N PRO C 396 9.39 0.60 -10.40
CA PRO C 396 9.14 0.44 -8.95
C PRO C 396 8.13 1.40 -8.36
N SER C 397 7.61 2.34 -9.14
CA SER C 397 6.50 3.14 -8.65
C SER C 397 5.19 2.40 -8.72
N GLY C 398 5.17 1.22 -9.33
CA GLY C 398 3.96 0.46 -9.54
C GLY C 398 3.25 0.79 -10.82
N LEU C 399 3.80 1.69 -11.62
CA LEU C 399 3.17 2.07 -12.89
C LEU C 399 3.27 0.92 -13.88
N LYS C 400 2.13 0.52 -14.42
CA LYS C 400 2.09 -0.45 -15.51
C LYS C 400 1.21 0.12 -16.62
N VAL C 401 1.66 -0.04 -17.85
CA VAL C 401 0.89 0.42 -19.00
C VAL C 401 -0.12 -0.65 -19.36
N ARG C 402 -1.40 -0.27 -19.44
CA ARG C 402 -2.44 -1.24 -19.70
C ARG C 402 -2.82 -1.37 -21.16
N TYR C 403 -2.96 -0.26 -21.88
CA TYR C 403 -3.36 -0.35 -23.28
C TYR C 403 -2.89 0.90 -23.99
N LEU C 404 -2.69 0.76 -25.30
CA LEU C 404 -2.33 1.91 -26.12
C LEU C 404 -2.84 1.65 -27.54
N LYS C 405 -4.02 2.16 -27.84
CA LYS C 405 -4.58 2.09 -29.18
C LYS C 405 -4.04 3.25 -30.00
N VAL C 406 -4.05 3.07 -31.32
CA VAL C 406 -3.60 4.08 -32.27
C VAL C 406 -4.55 4.06 -33.46
N PHE C 407 -5.21 5.17 -33.72
CA PHE C 407 -6.12 5.29 -34.84
C PHE C 407 -5.65 6.40 -35.75
N GLU C 408 -5.64 6.15 -37.05
CA GLU C 408 -5.43 7.21 -38.03
C GLU C 408 -6.69 7.25 -38.87
N PRO C 409 -7.26 8.43 -39.07
CA PRO C 409 -8.52 8.50 -39.85
C PRO C 409 -8.35 8.33 -41.35
N LYS C 410 -7.41 9.00 -41.99
CA LYS C 410 -7.41 9.09 -43.45
C LYS C 410 -6.74 7.93 -44.14
N LEU C 411 -5.43 7.75 -43.97
CA LEU C 411 -4.69 6.68 -44.65
C LEU C 411 -4.59 5.52 -43.67
N ASN C 412 -5.59 4.64 -43.72
CA ASN C 412 -5.93 3.78 -42.59
C ASN C 412 -4.87 2.74 -42.31
N TYR C 413 -4.55 2.62 -41.03
CA TYR C 413 -3.90 1.45 -40.48
C TYR C 413 -4.49 1.30 -39.08
N SER C 414 -4.09 0.24 -38.41
CA SER C 414 -4.78 -0.18 -37.20
C SER C 414 -3.82 -0.17 -36.05
N ASP C 415 -4.28 -0.65 -34.90
CA ASP C 415 -3.35 -0.94 -33.82
C ASP C 415 -2.55 -2.20 -34.12
N HIS C 416 -3.20 -3.21 -34.71
CA HIS C 416 -2.49 -4.47 -34.91
C HIS C 416 -1.52 -4.41 -36.08
N ASP C 417 -1.45 -3.30 -36.79
CA ASP C 417 -0.37 -3.03 -37.74
C ASP C 417 0.85 -2.43 -37.07
N VAL C 418 0.73 -1.98 -35.83
CA VAL C 418 1.79 -1.22 -35.17
C VAL C 418 2.52 -2.12 -34.19
N ILE C 419 3.81 -2.28 -34.38
CA ILE C 419 4.63 -3.10 -33.49
C ILE C 419 4.93 -2.26 -32.25
N LYS C 420 4.32 -2.60 -31.12
CA LYS C 420 4.39 -1.77 -29.94
C LYS C 420 5.25 -2.42 -28.88
N TRP C 421 6.34 -1.75 -28.53
CA TRP C 421 7.25 -2.16 -27.46
C TRP C 421 6.87 -1.48 -26.15
N VAL C 422 7.15 -2.15 -25.04
CA VAL C 422 7.32 -1.46 -23.77
C VAL C 422 8.62 -1.94 -23.15
N ARG C 423 9.21 -1.07 -22.33
CA ARG C 423 10.48 -1.40 -21.71
C ARG C 423 10.55 -0.66 -20.39
N TYR C 424 10.13 -1.33 -19.33
CA TYR C 424 10.08 -0.73 -18.00
C TYR C 424 11.50 -0.73 -17.46
N ILE C 425 12.06 0.45 -17.24
CA ILE C 425 13.40 0.57 -16.68
C ILE C 425 13.30 1.30 -15.36
N GLY C 426 13.59 0.59 -14.27
CA GLY C 426 13.67 1.19 -12.96
C GLY C 426 15.13 1.37 -12.57
N ARG C 427 15.40 2.36 -11.74
CA ARG C 427 16.77 2.70 -11.43
C ARG C 427 16.82 3.31 -10.04
N SER C 428 17.94 3.16 -9.36
CA SER C 428 18.12 3.80 -8.08
C SER C 428 18.52 5.25 -8.27
N GLY C 429 18.17 6.08 -7.31
CA GLY C 429 18.67 7.43 -7.26
C GLY C 429 19.48 7.60 -6.00
N ILE C 430 18.90 8.29 -5.02
CA ILE C 430 19.48 8.29 -3.68
C ILE C 430 18.85 7.12 -2.94
N TYR C 431 19.37 5.93 -3.13
CA TYR C 431 18.76 4.72 -2.58
C TYR C 431 19.55 4.36 -1.32
N GLU C 432 19.21 5.01 -0.22
CA GLU C 432 20.00 4.90 0.99
C GLU C 432 19.30 4.01 1.99
N THR C 433 20.09 3.37 2.84
CA THR C 433 19.61 2.68 4.00
C THR C 433 20.48 3.10 5.18
N ARG C 434 19.85 3.64 6.22
CA ARG C 434 20.60 4.19 7.33
C ARG C 434 21.29 3.07 8.09
N CYS C 435 22.58 3.25 8.35
CA CYS C 435 23.44 2.16 8.80
C CYS C 435 23.15 1.77 10.24
N MET D 1 18.13 20.07 16.98
CA MET D 1 17.26 21.24 16.96
C MET D 1 15.82 20.82 16.80
N ILE D 2 14.91 21.75 17.06
CA ILE D 2 13.49 21.57 16.74
C ILE D 2 13.29 22.04 15.31
N ARG D 3 12.64 21.21 14.50
CA ARG D 3 12.46 21.62 13.12
C ARG D 3 11.05 22.11 12.82
N PHE D 4 10.02 21.52 13.40
CA PHE D 4 8.75 22.25 13.43
C PHE D 4 7.95 21.85 14.65
N ILE D 5 7.10 22.78 15.10
CA ILE D 5 6.19 22.56 16.20
C ILE D 5 4.81 22.53 15.58
N LEU D 6 4.02 21.54 15.96
CA LEU D 6 2.78 21.28 15.24
C LEU D 6 1.70 20.91 16.25
N ILE D 7 0.80 21.84 16.51
CA ILE D 7 -0.42 21.55 17.26
C ILE D 7 -1.51 21.29 16.23
N GLN D 8 -2.08 20.09 16.25
CA GLN D 8 -3.09 19.78 15.26
C GLN D 8 -4.22 19.02 15.92
N ASN D 9 -5.39 19.14 15.31
CA ASN D 9 -6.58 18.48 15.81
C ASN D 9 -6.53 17.01 15.46
N ARG D 10 -7.46 16.22 16.00
CA ARG D 10 -7.57 14.84 15.55
C ARG D 10 -8.13 14.77 14.13
N ALA D 11 -8.94 15.76 13.75
CA ALA D 11 -9.43 15.81 12.38
C ALA D 11 -8.31 16.10 11.39
N GLY D 12 -7.30 16.88 11.80
CA GLY D 12 -6.20 17.24 10.95
C GLY D 12 -6.05 18.72 10.73
N LYS D 13 -7.01 19.51 11.19
CA LYS D 13 -6.91 20.96 11.08
C LYS D 13 -5.88 21.48 12.08
N THR D 14 -4.84 22.13 11.58
CA THR D 14 -3.75 22.58 12.43
C THR D 14 -4.12 23.86 13.17
N ARG D 15 -3.54 24.00 14.32
CA ARG D 15 -3.75 25.15 15.19
C ARG D 15 -2.50 26.00 15.34
N LEU D 16 -1.38 25.38 15.69
CA LEU D 16 -0.07 25.99 15.66
C LEU D 16 0.77 25.20 14.69
N ALA D 17 1.38 25.88 13.75
CA ALA D 17 2.32 25.23 12.83
C ALA D 17 3.48 26.20 12.68
N LYS D 18 4.49 26.03 13.53
CA LYS D 18 5.63 26.93 13.55
C LYS D 18 6.78 26.21 12.88
N TRP D 19 7.37 26.83 11.87
CA TRP D 19 8.37 26.17 11.05
C TRP D 19 9.74 26.74 11.33
N TYR D 20 10.73 25.85 11.47
CA TYR D 20 12.11 26.24 11.74
C TYR D 20 13.05 25.81 10.61
N MET D 21 12.50 25.36 9.49
CA MET D 21 13.29 25.12 8.30
C MET D 21 12.67 25.87 7.14
N GLN D 22 13.43 25.95 6.04
CA GLN D 22 12.94 26.56 4.82
C GLN D 22 12.29 25.46 3.98
N PHE D 23 10.98 25.33 4.13
CA PHE D 23 10.16 24.43 3.34
C PHE D 23 9.25 25.24 2.45
N ASP D 24 8.91 24.68 1.30
CA ASP D 24 8.04 25.36 0.36
C ASP D 24 6.60 25.31 0.86
N ASP D 25 5.73 26.02 0.15
CA ASP D 25 4.34 26.13 0.59
C ASP D 25 3.61 24.80 0.47
N ASP D 26 4.02 23.94 -0.46
CA ASP D 26 3.40 22.63 -0.58
C ASP D 26 4.14 21.61 0.26
N GLU D 27 5.43 21.82 0.49
CA GLU D 27 6.20 20.92 1.34
C GLU D 27 5.80 21.08 2.80
N LYS D 28 5.37 22.27 3.19
CA LYS D 28 4.79 22.46 4.51
C LYS D 28 3.44 21.76 4.62
N GLN D 29 2.71 21.70 3.51
CA GLN D 29 1.38 21.09 3.55
C GLN D 29 1.47 19.58 3.61
N LYS D 30 2.47 18.98 2.96
CA LYS D 30 2.54 17.53 2.93
C LYS D 30 3.08 16.97 4.24
N LEU D 31 4.06 17.65 4.84
CA LEU D 31 4.62 17.19 6.10
C LEU D 31 3.59 17.21 7.21
N ILE D 32 2.71 18.22 7.21
CA ILE D 32 1.57 18.24 8.11
C ILE D 32 0.67 17.03 7.90
N GLU D 33 0.44 16.66 6.64
CA GLU D 33 -0.41 15.51 6.35
C GLU D 33 0.26 14.20 6.77
N GLU D 34 1.59 14.16 6.73
CA GLU D 34 2.26 12.92 7.11
C GLU D 34 2.36 12.78 8.62
N VAL D 35 2.27 13.87 9.38
CA VAL D 35 2.34 13.76 10.83
C VAL D 35 1.07 13.12 11.37
N HIS D 36 -0.10 13.64 11.01
CA HIS D 36 -1.31 13.06 11.56
C HIS D 36 -1.74 11.83 10.79
N ALA D 37 -0.98 11.39 9.79
CA ALA D 37 -1.12 10.03 9.31
C ALA D 37 -0.40 9.06 10.22
N VAL D 38 0.43 9.57 11.12
CA VAL D 38 1.20 8.77 12.04
C VAL D 38 0.69 8.92 13.47
N VAL D 39 0.44 10.16 13.88
CA VAL D 39 0.15 10.43 15.29
C VAL D 39 -1.30 10.08 15.63
N THR D 40 -2.20 10.21 14.67
CA THR D 40 -3.59 9.81 14.89
C THR D 40 -3.77 8.32 15.01
N VAL D 41 -2.83 7.51 14.52
CA VAL D 41 -2.95 6.07 14.51
C VAL D 41 -2.61 5.48 15.87
N ARG D 42 -1.42 5.76 16.37
CA ARG D 42 -0.90 5.05 17.55
C ARG D 42 -1.48 5.61 18.84
N ASP D 43 -1.76 4.70 19.78
CA ASP D 43 -2.40 5.06 21.04
C ASP D 43 -1.39 5.17 22.17
N ALA D 44 -1.91 5.26 23.40
CA ALA D 44 -1.09 5.63 24.54
C ALA D 44 -0.19 4.52 25.05
N LYS D 45 -0.32 3.31 24.54
CA LYS D 45 0.63 2.26 24.90
C LYS D 45 1.88 2.29 24.03
N HIS D 46 1.87 3.03 22.94
CA HIS D 46 3.07 3.19 22.13
C HIS D 46 3.96 4.26 22.73
N THR D 47 5.20 4.30 22.24
CA THR D 47 6.10 5.37 22.62
C THR D 47 5.66 6.68 21.97
N ASN D 48 6.14 7.78 22.54
CA ASN D 48 5.92 9.09 21.97
C ASN D 48 7.04 9.48 21.01
N PHE D 49 7.79 8.51 20.49
CA PHE D 49 9.02 8.77 19.73
C PHE D 49 8.86 8.16 18.36
N VAL D 50 8.26 8.90 17.44
CA VAL D 50 8.13 8.40 16.08
C VAL D 50 9.42 8.69 15.33
N GLU D 51 9.97 7.68 14.68
CA GLU D 51 11.02 7.90 13.70
C GLU D 51 10.38 8.39 12.42
N PHE D 52 10.15 9.68 12.33
CA PHE D 52 9.58 10.33 11.16
C PHE D 52 10.71 10.54 10.16
N ARG D 53 10.33 11.01 8.97
CA ARG D 53 11.04 10.96 7.69
C ARG D 53 12.56 10.95 7.70
N ASN D 54 13.18 11.88 8.38
CA ASN D 54 14.64 11.87 8.47
C ASN D 54 15.04 12.26 9.89
N PHE D 55 14.02 12.49 10.73
CA PHE D 55 14.18 13.12 12.03
C PHE D 55 12.91 12.89 12.83
N LYS D 56 13.05 12.86 14.15
CA LYS D 56 12.03 12.34 15.06
C LYS D 56 10.81 13.24 15.16
N ILE D 57 9.68 12.65 15.47
CA ILE D 57 8.51 13.36 15.99
C ILE D 57 8.36 12.98 17.45
N ILE D 58 8.23 13.98 18.30
CA ILE D 58 7.87 13.79 19.69
C ILE D 58 6.50 14.40 19.90
N TYR D 59 5.53 13.56 20.24
CA TYR D 59 4.16 14.04 20.35
C TYR D 59 3.65 13.76 21.74
N ARG D 60 2.55 14.43 22.09
CA ARG D 60 1.73 14.02 23.23
C ARG D 60 0.28 14.19 22.87
N ARG D 61 -0.54 13.24 23.27
CA ARG D 61 -1.98 13.30 23.09
C ARG D 61 -2.55 14.13 24.22
N TYR D 62 -3.21 15.24 23.88
CA TYR D 62 -3.90 16.06 24.86
C TYR D 62 -5.34 16.24 24.46
N ALA D 63 -6.17 15.23 24.78
CA ALA D 63 -7.62 15.32 24.85
C ALA D 63 -8.26 15.82 23.56
N GLY D 64 -7.73 15.38 22.43
CA GLY D 64 -8.19 15.82 21.14
C GLY D 64 -7.19 16.66 20.38
N LEU D 65 -6.16 17.16 21.05
CA LEU D 65 -5.08 17.87 20.39
C LEU D 65 -3.77 17.09 20.54
N TYR D 66 -2.97 17.12 19.48
CA TYR D 66 -1.68 16.49 19.42
C TYR D 66 -0.62 17.56 19.32
N PHE D 67 0.36 17.56 20.22
CA PHE D 67 1.41 18.57 20.15
C PHE D 67 2.66 17.89 19.64
N CYS D 68 2.92 18.01 18.36
CA CYS D 68 4.05 17.33 17.74
C CYS D 68 5.21 18.29 17.57
N ILE D 69 6.30 18.04 18.30
CA ILE D 69 7.55 18.77 18.12
C ILE D 69 8.49 17.87 17.34
N CYS D 70 9.00 18.35 16.22
CA CYS D 70 9.72 17.50 15.29
C CYS D 70 11.21 17.81 15.34
N VAL D 71 12.01 16.79 15.64
CA VAL D 71 13.31 16.93 16.27
C VAL D 71 14.32 16.09 15.50
N ASP D 72 15.57 16.57 15.41
CA ASP D 72 16.66 15.75 14.90
C ASP D 72 16.86 14.47 15.69
N VAL D 73 17.56 13.51 15.08
CA VAL D 73 17.65 12.18 15.66
C VAL D 73 18.56 12.17 16.89
N ASN D 74 19.59 12.99 16.86
CA ASN D 74 20.59 12.97 17.92
C ASN D 74 20.25 13.86 19.11
N ASP D 75 19.01 14.34 19.24
CA ASP D 75 18.66 15.14 20.39
C ASP D 75 17.89 14.31 21.41
N ASN D 76 17.90 14.78 22.66
CA ASN D 76 17.31 14.03 23.77
C ASN D 76 15.80 14.12 23.64
N ASN D 77 15.21 12.99 23.25
CA ASN D 77 13.79 12.95 22.97
C ASN D 77 12.94 12.94 24.22
N LEU D 78 13.52 12.61 25.36
CA LEU D 78 12.76 12.63 26.59
C LEU D 78 12.79 14.00 27.23
N ALA D 79 13.79 14.81 26.88
CA ALA D 79 13.82 16.20 27.33
C ALA D 79 12.82 17.03 26.58
N TYR D 80 12.72 16.84 25.26
CA TYR D 80 11.75 17.59 24.47
C TYR D 80 10.35 17.04 24.63
N LEU D 81 10.21 15.85 25.22
CA LEU D 81 8.88 15.34 25.54
C LEU D 81 8.29 16.11 26.70
N GLU D 82 9.13 16.59 27.60
CA GLU D 82 8.63 17.45 28.66
C GLU D 82 8.65 18.91 28.24
N ALA D 83 9.35 19.25 27.16
CA ALA D 83 9.26 20.59 26.63
C ALA D 83 7.92 20.81 25.96
N ILE D 84 7.29 19.73 25.50
CA ILE D 84 5.87 19.78 25.15
C ILE D 84 5.06 20.15 26.38
N HIS D 85 5.20 19.38 27.46
CA HIS D 85 4.31 19.54 28.61
C HIS D 85 4.66 20.80 29.39
N ASN D 86 5.88 21.30 29.24
CA ASN D 86 6.17 22.61 29.80
C ASN D 86 5.50 23.69 28.98
N PHE D 87 5.27 23.43 27.70
CA PHE D 87 4.65 24.42 26.84
C PHE D 87 3.14 24.42 27.00
N VAL D 88 2.57 23.27 27.37
CA VAL D 88 1.12 23.19 27.54
C VAL D 88 0.70 23.95 28.78
N GLU D 89 1.47 23.82 29.86
CA GLU D 89 1.11 24.47 31.11
C GLU D 89 1.25 25.98 31.01
N VAL D 90 2.17 26.44 30.16
CA VAL D 90 2.24 27.87 29.90
C VAL D 90 1.01 28.34 29.14
N LEU D 91 0.50 27.53 28.20
CA LEU D 91 -0.76 27.88 27.56
C LEU D 91 -1.93 27.70 28.51
N ASN D 92 -1.76 26.88 29.55
CA ASN D 92 -2.85 26.71 30.51
C ASN D 92 -3.02 27.94 31.39
N GLU D 93 -1.96 28.35 32.10
CA GLU D 93 -2.11 29.46 33.04
C GLU D 93 -2.13 30.81 32.33
N TYR D 94 -1.96 30.84 31.02
CA TYR D 94 -2.10 32.11 30.29
C TYR D 94 -3.50 32.26 29.71
N PHE D 95 -4.11 31.16 29.32
CA PHE D 95 -5.47 31.20 28.79
C PHE D 95 -6.51 30.76 29.81
N HIS D 96 -6.11 30.46 31.05
CA HIS D 96 -6.99 30.17 32.17
C HIS D 96 -7.94 29.01 31.91
N ASN D 97 -7.40 27.77 31.94
CA ASN D 97 -8.04 26.54 31.49
C ASN D 97 -8.32 26.62 30.00
N VAL D 98 -7.24 26.61 29.23
CA VAL D 98 -7.26 26.72 27.77
C VAL D 98 -8.12 25.62 27.16
N CYS D 99 -8.95 26.01 26.19
CA CYS D 99 -9.78 25.11 25.42
C CYS D 99 -9.24 25.04 24.01
N GLU D 100 -9.90 24.29 23.16
CA GLU D 100 -9.41 24.12 21.80
C GLU D 100 -9.57 25.40 20.98
N LEU D 101 -10.69 26.10 21.18
CA LEU D 101 -10.95 27.29 20.37
C LEU D 101 -10.12 28.49 20.80
N ASP D 102 -9.39 28.41 21.91
CA ASP D 102 -8.51 29.52 22.25
C ASP D 102 -7.24 29.51 21.42
N LEU D 103 -6.98 28.43 20.68
CA LEU D 103 -5.89 28.48 19.73
C LEU D 103 -6.36 29.05 18.39
N VAL D 104 -7.66 29.22 18.22
CA VAL D 104 -8.19 29.69 16.94
C VAL D 104 -8.51 31.18 17.03
N PHE D 105 -9.25 31.58 18.04
CA PHE D 105 -9.59 32.99 18.22
C PHE D 105 -8.39 33.83 18.63
N ASN D 106 -7.35 33.21 19.20
CA ASN D 106 -6.15 33.89 19.66
C ASN D 106 -4.93 33.27 19.04
N PHE D 107 -4.93 33.12 17.71
CA PHE D 107 -3.82 32.44 17.05
C PHE D 107 -2.56 33.28 17.06
N TYR D 108 -2.69 34.60 17.08
CA TYR D 108 -1.51 35.45 17.11
C TYR D 108 -0.88 35.51 18.50
N LYS D 109 -1.61 35.17 19.56
CA LYS D 109 -1.00 35.15 20.87
C LYS D 109 -0.32 33.82 21.15
N VAL D 110 -0.66 32.78 20.41
CA VAL D 110 0.09 31.52 20.52
C VAL D 110 1.47 31.68 19.91
N TYR D 111 1.57 32.46 18.85
CA TYR D 111 2.85 32.71 18.20
C TYR D 111 3.80 33.51 19.08
N THR D 112 3.26 34.23 20.05
CA THR D 112 4.13 34.88 21.05
C THR D 112 4.64 33.87 22.05
N VAL D 113 3.77 32.97 22.51
CA VAL D 113 4.17 31.98 23.50
C VAL D 113 5.20 31.01 22.93
N VAL D 114 5.06 30.66 21.64
CA VAL D 114 6.03 29.74 21.07
C VAL D 114 7.32 30.48 20.70
N ASP D 115 7.25 31.79 20.45
CA ASP D 115 8.48 32.55 20.28
C ASP D 115 9.04 32.97 21.62
N GLU D 116 8.31 32.74 22.69
CA GLU D 116 8.85 33.05 24.01
C GLU D 116 9.60 31.84 24.56
N MET D 117 9.18 30.63 24.20
CA MET D 117 9.80 29.43 24.74
C MET D 117 10.69 28.71 23.74
N PHE D 118 10.31 28.67 22.47
CA PHE D 118 11.00 27.88 21.47
C PHE D 118 11.48 28.79 20.35
N LEU D 119 12.64 29.40 20.53
CA LEU D 119 13.16 30.33 19.52
C LEU D 119 14.24 29.66 18.71
N ALA D 120 14.17 29.82 17.39
CA ALA D 120 15.23 29.47 16.44
C ALA D 120 15.58 27.99 16.46
N GLY D 121 14.60 27.15 16.73
CA GLY D 121 14.83 25.73 16.74
C GLY D 121 15.27 25.16 18.05
N GLU D 122 15.04 25.85 19.15
CA GLU D 122 15.70 25.51 20.40
C GLU D 122 14.93 26.12 21.56
N ILE D 123 15.03 25.46 22.73
CA ILE D 123 14.33 25.91 23.92
C ILE D 123 14.96 27.18 24.46
N ARG D 124 14.25 28.29 24.31
CA ARG D 124 14.70 29.55 24.85
C ARG D 124 14.53 29.61 26.35
N GLU D 125 13.32 29.36 26.83
CA GLU D 125 12.98 29.55 28.23
C GLU D 125 12.40 28.25 28.77
N THR D 126 12.75 27.94 30.00
CA THR D 126 12.23 26.76 30.66
C THR D 126 11.25 27.08 31.78
N SER D 127 11.34 28.27 32.37
CA SER D 127 10.56 28.61 33.55
C SER D 127 9.13 28.91 33.17
N GLN D 128 8.18 28.37 33.93
CA GLN D 128 6.80 28.78 33.75
C GLN D 128 6.55 30.12 34.42
N THR D 129 7.35 30.48 35.41
CA THR D 129 7.16 31.75 36.08
C THR D 129 7.73 32.88 35.26
N LYS D 130 8.96 32.73 34.76
CA LYS D 130 9.60 33.82 34.05
C LYS D 130 9.04 34.02 32.65
N VAL D 131 8.31 33.05 32.11
CA VAL D 131 7.48 33.36 30.95
C VAL D 131 6.32 34.23 31.38
N LEU D 132 5.52 33.76 32.34
CA LEU D 132 4.28 34.44 32.66
C LEU D 132 4.52 35.72 33.46
N LYS D 133 5.74 35.96 33.94
CA LYS D 133 6.07 37.28 34.43
C LYS D 133 6.41 38.19 33.27
N GLN D 134 6.99 37.63 32.22
CA GLN D 134 7.29 38.38 31.01
C GLN D 134 6.06 38.49 30.12
N LEU D 135 5.30 37.42 30.00
CA LEU D 135 4.21 37.37 29.03
C LEU D 135 3.01 38.18 29.51
N LEU D 136 2.82 38.27 30.83
CA LEU D 136 1.75 39.13 31.33
C LEU D 136 2.19 40.58 31.40
N MET D 137 3.49 40.84 31.23
CA MET D 137 3.95 42.22 31.09
C MET D 137 3.73 42.71 29.66
N LEU D 138 3.72 41.79 28.69
CA LEU D 138 3.46 42.17 27.31
C LEU D 138 1.99 42.52 27.12
N GLN D 139 1.11 41.93 27.93
CA GLN D 139 -0.32 42.06 27.68
C GLN D 139 -0.83 43.44 28.10
N SER D 140 -0.16 44.06 29.06
CA SER D 140 -0.54 45.42 29.42
C SER D 140 0.30 46.47 28.72
N LEU D 141 0.86 46.17 27.56
CA LEU D 141 1.80 47.06 26.91
C LEU D 141 1.22 47.63 25.63
N GLU E 7 -28.69 -8.48 -33.23
CA GLU E 7 -28.20 -7.11 -33.40
C GLU E 7 -27.42 -6.65 -32.18
N SER E 8 -26.13 -6.38 -32.39
CA SER E 8 -25.21 -6.01 -31.32
C SER E 8 -25.15 -4.50 -31.14
N VAL E 9 -24.52 -4.09 -30.06
CA VAL E 9 -24.29 -2.69 -29.75
C VAL E 9 -22.77 -2.49 -29.64
N LEU E 10 -22.21 -1.75 -30.59
CA LEU E 10 -20.76 -1.55 -30.61
C LEU E 10 -20.31 -0.62 -29.50
N CYS E 11 -20.75 0.63 -29.53
CA CYS E 11 -20.54 1.53 -28.40
C CYS E 11 -21.76 2.42 -28.29
N VAL E 12 -22.04 2.85 -27.06
CA VAL E 12 -23.17 3.72 -26.79
C VAL E 12 -22.73 4.79 -25.81
N LYS E 13 -22.97 6.05 -26.17
CA LYS E 13 -22.47 7.17 -25.39
C LYS E 13 -23.50 8.29 -25.39
N PRO E 14 -23.62 9.01 -24.29
CA PRO E 14 -24.40 10.25 -24.28
C PRO E 14 -23.55 11.40 -24.78
N GLU E 15 -24.19 12.59 -24.78
CA GLU E 15 -23.53 13.87 -25.05
C GLU E 15 -22.87 13.91 -26.43
N VAL E 16 -23.69 13.84 -27.46
CA VAL E 16 -23.27 14.18 -28.81
C VAL E 16 -24.14 15.34 -29.27
N HIS E 17 -23.71 16.02 -30.31
CA HIS E 17 -24.34 17.26 -30.71
C HIS E 17 -24.41 17.33 -32.22
N VAL E 18 -25.58 17.68 -32.74
CA VAL E 18 -25.79 17.71 -34.18
C VAL E 18 -25.82 19.16 -34.65
N TYR E 19 -24.89 19.50 -35.54
CA TYR E 19 -24.75 20.86 -36.05
C TYR E 19 -25.12 20.82 -37.53
N ARG E 20 -25.88 21.81 -38.00
CA ARG E 20 -26.23 21.85 -39.40
C ARG E 20 -25.03 22.30 -40.24
N ILE E 21 -25.06 21.98 -41.53
CA ILE E 21 -23.89 22.09 -42.39
C ILE E 21 -24.19 23.14 -43.46
N PRO E 22 -23.59 24.32 -43.40
CA PRO E 22 -23.74 25.30 -44.49
C PRO E 22 -23.06 24.88 -45.78
N PRO E 23 -21.93 24.12 -45.75
CA PRO E 23 -21.60 23.62 -47.10
C PRO E 23 -22.45 22.44 -47.57
N GLY E 29 -13.15 19.38 -48.16
CA GLY E 29 -13.73 20.52 -47.45
C GLY E 29 -14.27 20.15 -46.08
N TYR E 30 -15.45 20.70 -45.76
CA TYR E 30 -16.14 20.53 -44.48
C TYR E 30 -15.24 20.92 -43.31
N ARG E 31 -14.87 22.18 -43.27
CA ARG E 31 -14.10 22.70 -42.15
C ARG E 31 -15.02 22.99 -40.97
N ALA E 32 -14.44 22.91 -39.76
CA ALA E 32 -15.25 22.91 -38.54
C ALA E 32 -15.84 24.29 -38.25
N SER E 33 -15.06 25.35 -38.47
CA SER E 33 -15.47 26.68 -38.08
C SER E 33 -16.54 27.27 -38.99
N GLU E 34 -16.81 26.65 -40.14
CA GLU E 34 -17.82 27.14 -41.06
C GLU E 34 -19.25 26.77 -40.64
N TRP E 35 -19.39 26.01 -39.57
CA TRP E 35 -20.67 25.64 -38.98
C TRP E 35 -21.15 26.75 -38.06
N GLN E 36 -22.15 26.42 -37.24
CA GLN E 36 -22.62 27.39 -36.26
C GLN E 36 -21.78 27.31 -34.99
N LEU E 37 -21.55 26.09 -34.48
CA LEU E 37 -20.71 25.76 -33.33
C LEU E 37 -21.15 26.35 -31.99
N ASP E 38 -22.24 27.12 -31.93
CA ASP E 38 -22.64 27.75 -30.70
C ASP E 38 -23.79 27.04 -30.02
N GLN E 39 -24.84 26.72 -30.76
CA GLN E 39 -25.97 25.97 -30.24
C GLN E 39 -26.25 24.79 -31.16
N PRO E 40 -26.30 23.58 -30.64
CA PRO E 40 -26.58 22.42 -31.49
C PRO E 40 -28.04 22.41 -31.90
N SER E 41 -28.27 21.95 -33.13
CA SER E 41 -29.64 21.79 -33.60
C SER E 41 -30.31 20.55 -33.03
N TRP E 42 -29.56 19.72 -32.32
CA TRP E 42 -30.07 18.53 -31.67
C TRP E 42 -29.04 18.12 -30.62
N SER E 43 -29.47 17.42 -29.59
CA SER E 43 -28.52 16.84 -28.64
C SER E 43 -29.08 15.50 -28.19
N GLY E 44 -28.21 14.64 -27.66
CA GLY E 44 -28.72 13.39 -27.11
C GLY E 44 -27.68 12.31 -27.00
N ARG E 45 -28.15 11.07 -27.09
CA ARG E 45 -27.34 9.88 -26.88
C ARG E 45 -26.99 9.26 -28.22
N LEU E 46 -25.77 8.74 -28.32
CA LEU E 46 -25.30 8.06 -29.52
C LEU E 46 -25.36 6.57 -29.29
N ARG E 47 -25.89 5.84 -30.27
CA ARG E 47 -25.88 4.38 -30.25
C ARG E 47 -25.29 3.91 -31.56
N ILE E 48 -24.40 2.94 -31.50
CA ILE E 48 -23.81 2.34 -32.69
C ILE E 48 -24.26 0.90 -32.76
N THR E 49 -25.16 0.58 -33.68
CA THR E 49 -25.65 -0.79 -33.79
C THR E 49 -25.07 -1.45 -35.03
N ALA E 50 -25.21 -2.76 -35.08
CA ALA E 50 -24.58 -3.57 -36.11
C ALA E 50 -25.52 -4.67 -36.54
N LYS E 51 -26.13 -4.51 -37.71
CA LYS E 51 -26.99 -5.54 -38.29
C LYS E 51 -26.16 -6.29 -39.32
N GLY E 52 -25.29 -7.17 -38.82
CA GLY E 52 -24.48 -7.99 -39.71
C GLY E 52 -23.34 -7.21 -40.32
N LYS E 53 -23.48 -6.85 -41.59
CA LYS E 53 -22.45 -6.11 -42.30
C LYS E 53 -22.72 -4.62 -42.36
N VAL E 54 -23.93 -4.18 -42.03
CA VAL E 54 -24.33 -2.79 -42.21
C VAL E 54 -24.34 -2.12 -40.84
N ALA E 55 -23.39 -1.21 -40.62
CA ALA E 55 -23.32 -0.52 -39.35
C ALA E 55 -24.20 0.73 -39.36
N TYR E 56 -24.98 0.88 -38.31
CA TYR E 56 -25.89 2.01 -38.12
C TYR E 56 -25.38 2.87 -36.98
N ILE E 57 -25.36 4.17 -37.20
CA ILE E 57 -25.20 5.12 -36.11
C ILE E 57 -26.61 5.54 -35.72
N LYS E 58 -26.90 5.59 -34.43
CA LYS E 58 -28.23 5.93 -33.96
C LYS E 58 -28.17 7.13 -33.03
N LEU E 59 -28.69 8.25 -33.50
CA LEU E 59 -28.84 9.45 -32.70
C LEU E 59 -30.18 9.39 -31.98
N GLU E 60 -30.15 9.24 -30.67
CA GLU E 60 -31.38 9.05 -29.93
C GLU E 60 -31.38 9.99 -28.72
N ASP E 61 -32.59 10.30 -28.23
CA ASP E 61 -32.72 11.22 -27.12
C ASP E 61 -32.25 10.58 -25.83
N ARG E 62 -31.68 11.38 -24.95
CA ARG E 62 -31.03 10.85 -23.76
C ARG E 62 -32.01 10.43 -22.67
N THR E 63 -33.28 10.81 -22.79
CA THR E 63 -34.26 10.45 -21.77
C THR E 63 -35.14 9.29 -22.21
N SER E 64 -35.85 9.46 -23.32
CA SER E 64 -36.91 8.53 -23.68
C SER E 64 -36.42 7.38 -24.56
N GLY E 65 -35.39 7.62 -25.37
CA GLY E 65 -35.05 6.66 -26.40
C GLY E 65 -35.67 6.94 -27.75
N GLU E 66 -36.09 8.18 -27.99
CA GLU E 66 -36.66 8.55 -29.28
C GLU E 66 -35.56 8.66 -30.32
N LEU E 67 -35.64 7.82 -31.35
CA LEU E 67 -34.63 7.76 -32.40
C LEU E 67 -34.76 9.00 -33.28
N PHE E 68 -33.72 9.82 -33.34
CA PHE E 68 -33.77 11.05 -34.12
C PHE E 68 -33.31 10.81 -35.55
N ALA E 69 -32.08 10.36 -35.74
CA ALA E 69 -31.57 10.16 -37.08
C ALA E 69 -30.65 8.94 -37.10
N GLN E 70 -30.51 8.36 -38.28
CA GLN E 70 -29.88 7.06 -38.43
C GLN E 70 -29.19 6.98 -39.79
N ALA E 71 -28.00 6.38 -39.82
CA ALA E 71 -27.21 6.38 -41.05
C ALA E 71 -26.49 5.05 -41.24
N PRO E 72 -26.73 4.36 -42.36
CA PRO E 72 -25.93 3.18 -42.69
C PRO E 72 -24.55 3.62 -43.12
N VAL E 73 -23.52 2.90 -42.68
CA VAL E 73 -22.18 3.35 -43.02
C VAL E 73 -21.63 2.59 -44.23
N ASP E 74 -21.34 1.29 -44.05
CA ASP E 74 -20.85 0.31 -45.02
C ASP E 74 -19.43 0.54 -45.52
N GLN E 75 -18.87 1.72 -45.27
CA GLN E 75 -17.50 2.10 -45.66
C GLN E 75 -17.04 3.20 -44.72
N PHE E 76 -16.15 2.87 -43.81
CA PHE E 76 -15.73 3.88 -42.85
C PHE E 76 -14.75 4.91 -43.40
N PRO E 77 -13.80 4.57 -44.30
CA PRO E 77 -13.16 5.66 -45.05
C PRO E 77 -14.02 6.21 -46.17
N GLY E 78 -15.21 5.63 -46.38
CA GLY E 78 -16.16 6.14 -47.35
C GLY E 78 -16.86 7.39 -46.87
N THR E 79 -17.75 7.91 -47.71
CA THR E 79 -18.35 9.21 -47.47
C THR E 79 -19.49 9.19 -46.46
N ALA E 80 -19.83 8.02 -45.90
CA ALA E 80 -20.93 7.97 -44.96
C ALA E 80 -20.53 8.52 -43.60
N VAL E 81 -19.26 8.36 -43.23
CA VAL E 81 -18.70 8.99 -42.03
C VAL E 81 -17.43 9.70 -42.48
N GLU E 82 -17.42 11.02 -42.40
CA GLU E 82 -16.30 11.82 -42.86
C GLU E 82 -15.82 12.70 -41.72
N SER E 83 -14.61 12.46 -41.25
CA SER E 83 -14.05 13.29 -40.19
C SER E 83 -13.68 14.66 -40.74
N VAL E 84 -13.91 15.69 -39.93
CA VAL E 84 -13.59 17.07 -40.31
C VAL E 84 -12.09 17.25 -40.34
N THR E 85 -11.59 17.90 -41.40
CA THR E 85 -10.15 18.10 -41.58
C THR E 85 -9.56 19.02 -40.51
N ASP E 86 -10.39 19.83 -39.85
CA ASP E 86 -9.86 20.72 -38.81
C ASP E 86 -9.53 19.96 -37.54
N SER E 87 -10.52 19.32 -36.93
CA SER E 87 -10.36 18.84 -35.57
C SER E 87 -10.59 17.35 -35.51
N SER E 88 -10.22 16.75 -34.39
CA SER E 88 -10.30 15.31 -34.24
C SER E 88 -11.60 14.86 -33.59
N ARG E 89 -12.56 15.75 -33.39
CA ARG E 89 -13.78 15.40 -32.69
C ARG E 89 -15.05 15.64 -33.49
N TYR E 90 -15.01 16.45 -34.54
CA TYR E 90 -16.25 16.82 -35.19
C TYR E 90 -16.35 16.09 -36.51
N PHE E 91 -17.56 15.70 -36.90
CA PHE E 91 -17.78 14.71 -37.95
C PHE E 91 -18.87 15.21 -38.89
N VAL E 92 -19.04 14.51 -40.01
CA VAL E 92 -20.09 14.79 -40.98
C VAL E 92 -20.68 13.46 -41.42
N ILE E 93 -21.98 13.26 -41.19
CA ILE E 93 -22.62 11.97 -41.37
C ILE E 93 -23.73 12.07 -42.41
N ARG E 94 -23.88 11.04 -43.25
CA ARG E 94 -24.87 10.96 -44.32
C ARG E 94 -26.11 10.19 -43.83
N ILE E 95 -27.14 10.93 -43.39
CA ILE E 95 -28.35 10.29 -42.87
C ILE E 95 -29.21 9.79 -44.03
N GLU E 96 -29.69 8.56 -43.90
CA GLU E 96 -30.67 7.97 -44.81
C GLU E 96 -32.05 8.06 -44.16
N ASP E 97 -33.04 8.49 -44.93
CA ASP E 97 -34.42 8.56 -44.46
C ASP E 97 -35.31 7.68 -45.31
N ARG E 101 -33.68 8.82 -48.01
CA ARG E 101 -33.18 10.04 -48.62
C ARG E 101 -31.86 10.47 -48.00
N ARG E 102 -30.87 10.75 -48.85
CA ARG E 102 -29.56 11.15 -48.39
C ARG E 102 -29.57 12.59 -47.87
N ALA E 103 -29.01 12.78 -46.67
CA ALA E 103 -28.96 14.10 -46.08
C ALA E 103 -27.73 14.19 -45.17
N PHE E 104 -27.16 15.38 -45.11
CA PHE E 104 -25.91 15.62 -44.40
C PHE E 104 -26.15 16.45 -43.15
N ILE E 105 -26.04 15.81 -41.98
CA ILE E 105 -25.98 16.53 -40.72
C ILE E 105 -24.63 16.24 -40.09
N GLY E 106 -24.22 17.11 -39.17
CA GLY E 106 -22.87 17.09 -38.64
C GLY E 106 -22.87 16.81 -37.14
N LEU E 107 -22.32 15.66 -36.77
CA LEU E 107 -22.11 15.29 -35.39
C LEU E 107 -20.91 16.04 -34.84
N GLY E 108 -20.82 16.11 -33.53
CA GLY E 108 -19.66 16.72 -32.91
C GLY E 108 -19.58 16.35 -31.46
N PHE E 109 -18.47 15.80 -31.01
CA PHE E 109 -18.50 15.12 -29.73
C PHE E 109 -17.76 15.94 -28.69
N GLY E 110 -18.05 15.66 -27.43
CA GLY E 110 -17.54 16.49 -26.36
C GLY E 110 -16.07 16.27 -26.08
N ASP E 111 -15.73 15.11 -25.55
CA ASP E 111 -14.34 14.82 -25.24
C ASP E 111 -13.70 14.12 -26.43
N ARG E 112 -12.37 14.12 -26.48
CA ARG E 112 -11.68 13.41 -27.54
C ARG E 112 -11.83 11.91 -27.40
N GLY E 113 -11.87 11.41 -26.17
CA GLY E 113 -12.08 10.00 -25.95
C GLY E 113 -13.45 9.51 -26.37
N ASP E 114 -14.44 10.41 -26.45
CA ASP E 114 -15.74 10.04 -26.98
C ASP E 114 -15.76 10.09 -28.49
N ALA E 115 -14.75 10.71 -29.11
CA ALA E 115 -14.65 10.67 -30.56
C ALA E 115 -13.53 9.76 -31.01
N PHE E 116 -12.70 9.33 -30.07
CA PHE E 116 -11.79 8.23 -30.38
C PHE E 116 -12.52 6.90 -30.31
N ASP E 117 -13.37 6.72 -29.29
CA ASP E 117 -14.06 5.44 -29.15
C ASP E 117 -15.22 5.32 -30.13
N PHE E 118 -15.59 6.42 -30.78
CA PHE E 118 -16.47 6.33 -31.93
C PHE E 118 -15.72 5.82 -33.14
N ASN E 119 -14.52 6.34 -33.37
CA ASN E 119 -13.75 5.93 -34.54
C ASN E 119 -13.27 4.49 -34.43
N VAL E 120 -12.95 4.04 -33.22
CA VAL E 120 -12.49 2.67 -33.06
C VAL E 120 -13.65 1.71 -33.22
N ALA E 121 -14.84 2.10 -32.74
CA ALA E 121 -15.99 1.22 -32.82
C ALA E 121 -16.48 1.07 -34.26
N LEU E 122 -16.28 2.08 -35.10
CA LEU E 122 -16.59 1.90 -36.51
C LEU E 122 -15.40 1.36 -37.28
N GLN E 123 -14.24 1.28 -36.64
CA GLN E 123 -13.13 0.58 -37.28
C GLN E 123 -13.21 -0.90 -37.01
N ASP E 124 -13.44 -1.28 -35.75
CA ASP E 124 -13.39 -2.68 -35.36
C ASP E 124 -14.56 -3.47 -35.92
N HIS E 125 -15.65 -2.80 -36.26
CA HIS E 125 -16.73 -3.49 -36.93
C HIS E 125 -16.37 -3.77 -38.37
N PHE E 126 -15.74 -2.81 -39.04
CA PHE E 126 -15.34 -3.08 -40.43
C PHE E 126 -14.00 -3.77 -40.49
N LYS E 127 -13.29 -3.87 -39.37
CA LYS E 127 -12.22 -4.84 -39.24
C LYS E 127 -12.77 -6.25 -39.24
N TRP E 128 -13.97 -6.42 -38.69
CA TRP E 128 -14.56 -7.75 -38.59
C TRP E 128 -15.24 -8.15 -39.90
N VAL E 129 -15.81 -7.17 -40.60
CA VAL E 129 -16.52 -7.46 -41.84
C VAL E 129 -15.54 -7.88 -42.93
N LYS E 130 -14.38 -7.22 -43.00
CA LYS E 130 -13.36 -7.65 -43.94
C LYS E 130 -12.75 -8.98 -43.51
N GLN E 131 -12.69 -9.23 -42.21
CA GLN E 131 -12.07 -10.46 -41.72
C GLN E 131 -12.96 -11.66 -42.01
N GLN E 132 -14.27 -11.52 -41.90
CA GLN E 132 -15.15 -12.62 -42.26
C GLN E 132 -15.20 -12.83 -43.76
N CYS E 133 -14.87 -11.80 -44.54
CA CYS E 133 -14.73 -11.96 -45.99
C CYS E 133 -13.48 -12.78 -46.30
N GLU E 134 -12.51 -12.78 -45.40
CA GLU E 134 -11.33 -13.60 -45.60
C GLU E 134 -11.59 -15.06 -45.26
N PHE E 135 -12.36 -15.34 -44.20
CA PHE E 135 -12.65 -16.73 -43.86
C PHE E 135 -13.70 -17.31 -44.81
N ALA E 136 -14.44 -16.45 -45.51
CA ALA E 136 -15.37 -16.94 -46.53
C ALA E 136 -14.61 -17.49 -47.73
N LYS E 137 -13.45 -16.92 -48.04
CA LYS E 137 -12.63 -17.42 -49.13
C LYS E 137 -11.90 -18.70 -48.72
N GLN E 138 -11.63 -18.85 -47.42
CA GLN E 138 -10.95 -20.05 -46.93
C GLN E 138 -11.94 -21.20 -46.78
N UNK F 1 18.24 -33.86 -42.64
CA UNK F 1 18.65 -32.47 -42.77
C UNK F 1 19.44 -32.04 -41.55
N UNK F 2 19.85 -30.79 -41.52
CA UNK F 2 20.65 -30.27 -40.41
C UNK F 2 20.54 -28.75 -40.30
N UNK F 3 19.67 -28.28 -39.42
CA UNK F 3 19.49 -26.86 -39.22
C UNK F 3 20.64 -26.28 -38.43
N UNK F 4 21.75 -25.97 -39.10
CA UNK F 4 22.92 -25.42 -38.44
C UNK F 4 22.66 -24.00 -37.95
N UNK F 5 22.04 -23.89 -36.77
CA UNK F 5 21.71 -22.60 -36.18
C UNK F 5 22.96 -21.84 -35.78
N UNK F 6 22.86 -20.52 -35.71
CA UNK F 6 24.02 -19.69 -35.41
C UNK F 6 23.84 -18.96 -34.10
N UNK F 7 24.95 -18.53 -33.51
CA UNK F 7 24.94 -17.84 -32.24
C UNK F 7 25.69 -16.51 -32.34
#